data_4FF1
#
_entry.id   4FF1
#
_cell.length_a   82.163
_cell.length_b   111.500
_cell.length_c   277.103
_cell.angle_alpha   90.00
_cell.angle_beta   90.00
_cell.angle_gamma   90.00
#
_symmetry.space_group_name_H-M   'P 21 21 21'
#
loop_
_entity.id
_entity.type
_entity.pdbx_description
1 polymer 'Virion RNA polymerase'
2 polymer 'Bacteriophag N4 P2 promoter'
3 non-polymer 'PHOSPHATE ION'
4 water water
#
loop_
_entity_poly.entity_id
_entity_poly.type
_entity_poly.pdbx_seq_one_letter_code
_entity_poly.pdbx_strand_id
1 'polypeptide(L)'
;MGGSHHHHHHRSESTVTEELKEGIDAVYPSLVGTADSKAEGIKNYFKLSFTLPEEQKSRTVGSEAPLKDVAQALSSRARY
ELFTEKETANPAFNGEVIKRYKELMEHGEGIADILRSRLAKFLNTKDVGKRFAQGTEANRWVGGKLLNIVEQDGDTFKYN
EQLLQTAVLAGLQWRLTATSNTAIKDAKDVAAITGIDQALLPEGLVEQFDTGMTLTEAVSSLAQKIESYWGLSRNPNAPL
GYTKGIPTAMAAEILAAFVESTDVVENIVDMSEIDPDNKKTIGLYTITELDSFDPINSFPTAIEEAVLVNPTEKMFFGDD
IPPVANTQLRNPAVRNTPEQKAALKAEQATEFYVHTPMVQFYETLGKDRILELMGAGTLNKELLNDNHAKSLEGKNRSVE
DSYNQLFSVIEQVRAQSEDISTVPIHYAYNMTRVGRMQMLGKYNPQSAKLVREAILPTKATLDLSNQNNEDFSAFQLGLA
QALDIKVHTMTREVMSDELTKLLEGNLKPAIDMMVEFNTTGSLPENAVDVLNTALGDRKSFVALMALMEYSRYLVAEDKS
AFVTPLYVEADGVTNGPINAMMLMTGGLFTPDWIRNIAKGGLFIGSPNKTMNEHRSTADNNDLYQASTNALMESLGKLRS
NYASNMPIQSQIDSLLSLMDLFLPDINLGENGALELKRGIAKNPLTITIYGSGARGIAGKLVSSVTDAIYERMSDVLKAR
AKDPNISAAMAMFGKQAASEAHAEELLARFLKDMETLTSTVPVKRKGVLELQSTGTGAKGKINPKTYTIKGEQLKALQEN
MLHFFVEPLRNGITQTVGESLVYSTEQLQKATQIQSVVLEDMFKQRVQEKLAEKAKDPTWKKGDFLTQKELNDIQASLNN
LAPMIETGSQTFYIAGSENAEVANQVLATNLDDRMRVPMSIYAPAQAGVAGIPFMTIGTGDGMMMQTLSTMKGAPKNTLK
IFDGMNIGLNDITDASRKANEAVYTSWQGNPIKNVYESYAKFMKNVDFSKLSPEALEAIGKSALEYDQRENATVDDIANA
ASLIERNLRNIALGVDIRHKVLDKVNLSIDQMAAVGAPYQNNGKIDLSNMTPEQQADELNKLFREELEARKQKVAKAR
;
A,B
2 'polydeoxyribonucleotide'
;(DT)(DG)(DC)(DC)(DT)(DC)(DC)(DC)(DA)(DG)(DG)(DC)(DA)(DT)(DT)(DC)(DA)(DA)(DA)(DA)
(DG)(DA)(DA)(DG)(DC)(DG)(DG)(DA)(DG)(DC)(DT)(DT)(DC)(DT)(DT)(DC)
;
C,D
#
loop_
_chem_comp.id
_chem_comp.type
_chem_comp.name
_chem_comp.formula
DA DNA linking 2'-DEOXYADENOSINE-5'-MONOPHOSPHATE 'C10 H14 N5 O6 P'
DC DNA linking 2'-DEOXYCYTIDINE-5'-MONOPHOSPHATE 'C9 H14 N3 O7 P'
DG DNA linking 2'-DEOXYGUANOSINE-5'-MONOPHOSPHATE 'C10 H14 N5 O7 P'
DT DNA linking THYMIDINE-5'-MONOPHOSPHATE 'C10 H15 N2 O8 P'
PO4 non-polymer 'PHOSPHATE ION' 'O4 P -3'
#
# COMPACT_ATOMS: atom_id res chain seq x y z
N GLU A 18 7.55 41.24 -32.80
CA GLU A 18 8.85 41.91 -32.87
C GLU A 18 9.30 42.38 -31.50
N GLU A 19 8.37 43.00 -30.78
CA GLU A 19 8.59 43.46 -29.41
C GLU A 19 8.23 42.33 -28.46
N LEU A 20 8.12 41.13 -29.00
CA LEU A 20 7.92 39.93 -28.19
C LEU A 20 9.23 39.60 -27.51
N LYS A 21 10.32 40.13 -28.06
CA LYS A 21 11.66 39.91 -27.54
C LYS A 21 11.82 40.49 -26.13
N GLU A 22 11.57 41.80 -25.99
CA GLU A 22 11.66 42.47 -24.70
C GLU A 22 10.53 42.01 -23.77
N GLY A 23 9.54 41.35 -24.36
CA GLY A 23 8.40 40.83 -23.63
C GLY A 23 8.75 39.63 -22.78
N ILE A 24 9.37 38.62 -23.40
CA ILE A 24 9.79 37.45 -22.66
C ILE A 24 11.08 37.73 -21.88
N ASP A 25 11.83 38.74 -22.31
CA ASP A 25 12.99 39.19 -21.54
C ASP A 25 12.59 39.83 -20.20
N ALA A 26 11.53 40.63 -20.19
CA ALA A 26 11.03 41.21 -18.93
C ALA A 26 10.69 40.12 -17.94
N VAL A 27 10.04 39.06 -18.41
CA VAL A 27 9.68 37.94 -17.56
C VAL A 27 10.90 37.15 -17.06
N TYR A 28 11.87 36.90 -17.94
CA TYR A 28 13.11 36.21 -17.57
C TYR A 28 14.35 37.03 -17.89
N PRO A 29 14.55 38.13 -17.16
CA PRO A 29 15.66 39.04 -17.45
C PRO A 29 17.04 38.52 -17.05
N SER A 30 17.14 37.38 -16.37
CA SER A 30 18.46 36.98 -15.87
C SER A 30 19.00 35.64 -16.35
N LEU A 31 18.28 35.00 -17.28
CA LEU A 31 18.81 33.79 -17.90
C LEU A 31 20.15 34.17 -18.52
N VAL A 32 21.10 33.24 -18.53
CA VAL A 32 22.41 33.53 -19.05
C VAL A 32 22.28 33.75 -20.55
N GLY A 33 23.13 34.59 -21.11
CA GLY A 33 23.19 34.72 -22.55
C GLY A 33 22.26 35.75 -23.14
N THR A 34 22.56 36.12 -24.38
CA THR A 34 21.81 37.14 -25.09
C THR A 34 20.84 36.52 -26.10
N ALA A 35 19.59 36.99 -26.08
CA ALA A 35 18.56 36.50 -26.99
C ALA A 35 18.68 37.11 -28.38
N ASP A 36 19.76 36.77 -29.07
CA ASP A 36 19.99 37.14 -30.47
C ASP A 36 20.81 36.01 -31.08
N SER A 37 20.29 35.37 -32.13
CA SER A 37 20.95 34.19 -32.68
C SER A 37 22.25 34.56 -33.40
N LYS A 38 22.36 35.84 -33.74
CA LYS A 38 23.53 36.34 -34.45
C LYS A 38 24.57 36.93 -33.52
N ALA A 39 24.27 36.96 -32.22
CA ALA A 39 25.23 37.43 -31.24
C ALA A 39 26.37 36.43 -31.15
N GLU A 40 27.53 36.88 -30.66
CA GLU A 40 28.73 36.04 -30.67
C GLU A 40 28.96 35.22 -29.39
N GLY A 41 28.63 35.78 -28.23
CA GLY A 41 28.83 35.07 -26.98
C GLY A 41 27.84 33.94 -26.80
N ILE A 42 27.56 33.60 -25.54
CA ILE A 42 26.51 32.64 -25.22
C ILE A 42 25.17 33.22 -25.63
N LYS A 43 24.40 32.44 -26.38
CA LYS A 43 23.10 32.89 -26.82
C LYS A 43 22.07 32.13 -26.00
N ASN A 44 21.03 32.83 -25.54
CA ASN A 44 20.01 32.15 -24.78
C ASN A 44 18.89 31.61 -25.65
N TYR A 45 18.87 30.30 -25.84
CA TYR A 45 17.91 29.68 -26.77
C TYR A 45 16.51 29.45 -26.21
N PHE A 46 16.31 29.78 -24.94
CA PHE A 46 14.98 29.70 -24.37
C PHE A 46 14.19 30.92 -24.79
N LYS A 47 14.80 32.10 -24.66
CA LYS A 47 14.14 33.33 -25.04
C LYS A 47 14.06 33.45 -26.56
N LEU A 48 14.93 32.72 -27.24
CA LEU A 48 14.87 32.65 -28.70
C LEU A 48 13.77 31.71 -29.18
N SER A 49 13.44 30.70 -28.37
CA SER A 49 12.50 29.66 -28.77
C SER A 49 11.07 29.91 -28.34
N PHE A 50 10.86 30.77 -27.34
CA PHE A 50 9.52 30.93 -26.77
C PHE A 50 9.09 32.37 -26.65
N THR A 51 7.77 32.55 -26.62
CA THR A 51 7.17 33.87 -26.51
C THR A 51 6.05 33.80 -25.49
N LEU A 52 5.77 34.94 -24.87
CA LEU A 52 4.56 35.08 -24.07
C LEU A 52 3.34 34.92 -24.97
N PRO A 53 2.33 34.19 -24.49
CA PRO A 53 1.14 33.96 -25.31
C PRO A 53 0.19 35.15 -25.22
N GLU A 54 -0.68 35.30 -26.21
CA GLU A 54 -1.64 36.40 -26.22
C GLU A 54 -2.55 36.36 -25.00
N GLU A 55 -3.13 35.19 -24.75
CA GLU A 55 -3.96 34.95 -23.56
C GLU A 55 -3.29 33.93 -22.65
N GLN A 56 -3.29 34.21 -21.35
CA GLN A 56 -2.69 33.34 -20.34
C GLN A 56 -3.07 31.86 -20.52
N LYS A 57 -2.04 30.99 -20.53
CA LYS A 57 -2.25 29.56 -20.62
C LYS A 57 -1.97 28.94 -19.26
N SER A 58 -1.00 29.50 -18.54
CA SER A 58 -0.59 28.97 -17.23
C SER A 58 -0.47 30.04 -16.15
N ARG A 59 -0.95 29.72 -14.96
CA ARG A 59 -1.06 30.68 -13.88
C ARG A 59 0.22 30.81 -13.05
N THR A 60 1.27 30.12 -13.47
CA THR A 60 2.55 30.20 -12.80
C THR A 60 3.49 31.14 -13.56
N VAL A 61 3.10 31.53 -14.77
CA VAL A 61 3.89 32.49 -15.53
C VAL A 61 3.92 33.83 -14.80
N GLY A 62 5.11 34.29 -14.42
CA GLY A 62 5.23 35.51 -13.66
C GLY A 62 5.47 35.27 -12.17
N SER A 63 5.07 34.10 -11.70
CA SER A 63 5.32 33.70 -10.31
C SER A 63 6.80 33.53 -10.03
N GLU A 64 7.26 34.04 -8.89
CA GLU A 64 8.68 33.89 -8.53
C GLU A 64 8.96 32.59 -7.77
N ALA A 65 7.91 31.97 -7.25
CA ALA A 65 8.04 30.71 -6.54
C ALA A 65 6.79 29.86 -6.72
N PRO A 66 6.66 29.24 -7.89
CA PRO A 66 5.48 28.45 -8.26
C PRO A 66 5.14 27.31 -7.27
N LEU A 67 6.14 26.61 -6.73
CA LEU A 67 5.89 25.58 -5.72
C LEU A 67 5.26 26.16 -4.47
N LYS A 68 5.78 27.30 -4.02
CA LYS A 68 5.19 27.98 -2.87
C LYS A 68 3.79 28.50 -3.21
N ASP A 69 3.68 29.25 -4.32
CA ASP A 69 2.39 29.81 -4.73
C ASP A 69 1.29 28.75 -4.90
N VAL A 70 1.58 27.66 -5.59
CA VAL A 70 0.59 26.60 -5.77
C VAL A 70 0.32 25.81 -4.47
N ALA A 71 1.35 25.59 -3.66
CA ALA A 71 1.14 24.92 -2.35
C ALA A 71 0.12 25.69 -1.53
N GLN A 72 0.24 27.02 -1.56
CA GLN A 72 -0.65 27.90 -0.81
C GLN A 72 -2.04 27.86 -1.45
N ALA A 73 -2.08 27.79 -2.78
CA ALA A 73 -3.36 27.72 -3.46
C ALA A 73 -4.08 26.41 -3.10
N LEU A 74 -3.33 25.33 -2.94
CA LEU A 74 -3.90 24.03 -2.64
C LEU A 74 -4.15 23.84 -1.15
N SER A 75 -3.83 24.84 -0.35
CA SER A 75 -3.88 24.67 1.09
C SER A 75 -5.29 24.80 1.71
N SER A 76 -6.21 25.46 1.02
CA SER A 76 -7.61 25.52 1.46
C SER A 76 -8.53 25.66 0.27
N ARG A 77 -9.81 25.37 0.47
CA ARG A 77 -10.79 25.52 -0.60
C ARG A 77 -10.91 26.99 -1.00
N ALA A 78 -10.89 27.88 -0.02
CA ALA A 78 -11.02 29.30 -0.27
C ALA A 78 -9.85 29.80 -1.11
N ARG A 79 -8.64 29.38 -0.74
CA ARG A 79 -7.45 29.87 -1.43
C ARG A 79 -7.35 29.29 -2.82
N TYR A 80 -7.93 28.10 -3.02
CA TYR A 80 -7.93 27.47 -4.32
C TYR A 80 -8.84 28.23 -5.27
N GLU A 81 -10.05 28.51 -4.77
CA GLU A 81 -11.06 29.24 -5.53
C GLU A 81 -10.55 30.62 -5.94
N LEU A 82 -9.77 31.24 -5.05
CA LEU A 82 -9.20 32.56 -5.30
C LEU A 82 -8.14 32.47 -6.38
N PHE A 83 -7.31 31.43 -6.30
CA PHE A 83 -6.20 31.26 -7.22
C PHE A 83 -6.72 30.98 -8.63
N THR A 84 -7.65 30.04 -8.73
CA THR A 84 -8.22 29.68 -10.02
C THR A 84 -9.30 30.66 -10.49
N GLU A 85 -9.61 31.65 -9.65
CA GLU A 85 -10.65 32.64 -9.94
C GLU A 85 -11.99 31.98 -10.29
N LYS A 86 -12.34 30.93 -9.57
CA LYS A 86 -13.63 30.29 -9.73
C LYS A 86 -14.37 30.47 -8.41
N GLU A 87 -15.69 30.60 -8.45
CA GLU A 87 -16.46 30.80 -7.22
C GLU A 87 -16.57 29.52 -6.39
N THR A 88 -16.67 28.38 -7.05
CA THR A 88 -16.68 27.11 -6.32
C THR A 88 -15.64 26.12 -6.84
N ALA A 89 -15.04 25.36 -5.93
CA ALA A 89 -14.08 24.33 -6.28
C ALA A 89 -14.76 22.98 -6.26
N ASN A 90 -14.17 22.02 -6.96
CA ASN A 90 -14.60 20.63 -6.94
C ASN A 90 -14.76 20.13 -5.50
N PRO A 91 -15.94 19.58 -5.18
CA PRO A 91 -16.19 19.14 -3.78
C PRO A 91 -15.30 17.99 -3.33
N ALA A 92 -14.70 17.27 -4.28
CA ALA A 92 -13.76 16.22 -3.94
C ALA A 92 -12.53 16.79 -3.24
N PHE A 93 -12.29 18.09 -3.46
CA PHE A 93 -11.21 18.81 -2.78
C PHE A 93 -11.63 19.18 -1.35
N ASN A 94 -11.69 18.16 -0.49
CA ASN A 94 -12.02 18.31 0.91
C ASN A 94 -10.79 18.20 1.81
N GLY A 95 -11.03 17.95 3.09
CA GLY A 95 -9.97 18.03 4.09
C GLY A 95 -8.89 16.99 3.93
N GLU A 96 -9.30 15.73 3.87
CA GLU A 96 -8.37 14.63 3.69
C GLU A 96 -7.50 14.81 2.44
N VAL A 97 -8.10 15.29 1.36
CA VAL A 97 -7.38 15.42 0.10
C VAL A 97 -6.43 16.60 0.17
N ILE A 98 -6.85 17.66 0.84
CA ILE A 98 -6.00 18.84 1.05
C ILE A 98 -4.73 18.44 1.80
N LYS A 99 -4.89 17.59 2.81
CA LYS A 99 -3.73 17.09 3.56
C LYS A 99 -2.78 16.27 2.69
N ARG A 100 -3.32 15.43 1.82
CA ARG A 100 -2.44 14.67 0.93
C ARG A 100 -1.67 15.57 -0.05
N TYR A 101 -2.31 16.62 -0.57
CA TYR A 101 -1.64 17.55 -1.47
C TYR A 101 -0.61 18.40 -0.74
N LYS A 102 -0.83 18.63 0.54
CA LYS A 102 0.15 19.36 1.34
C LYS A 102 1.44 18.54 1.38
N GLU A 103 1.29 17.24 1.61
CA GLU A 103 2.40 16.31 1.70
C GLU A 103 3.09 16.15 0.34
N LEU A 104 2.31 16.20 -0.73
CA LEU A 104 2.86 16.05 -2.07
C LEU A 104 3.59 17.33 -2.49
N MET A 105 3.20 18.47 -1.92
CA MET A 105 3.92 19.72 -2.19
C MET A 105 5.28 19.72 -1.48
N GLU A 106 5.33 19.12 -0.30
CA GLU A 106 6.57 18.94 0.42
C GLU A 106 7.51 18.02 -0.35
N HIS A 107 6.93 17.09 -1.10
CA HIS A 107 7.70 16.16 -1.92
C HIS A 107 8.24 16.81 -3.21
N GLY A 108 7.45 17.69 -3.81
CA GLY A 108 7.93 18.44 -4.95
C GLY A 108 9.14 19.31 -4.62
N GLU A 109 9.21 19.76 -3.37
CA GLU A 109 10.39 20.46 -2.88
C GLU A 109 11.64 19.56 -2.88
N GLY A 110 11.45 18.28 -2.54
CA GLY A 110 12.54 17.31 -2.58
C GLY A 110 12.97 17.03 -4.01
N ILE A 111 12.00 17.01 -4.92
CA ILE A 111 12.34 16.80 -6.32
C ILE A 111 13.11 18.01 -6.83
N ALA A 112 12.65 19.20 -6.46
CA ALA A 112 13.35 20.41 -6.84
C ALA A 112 14.75 20.40 -6.26
N ASP A 113 14.89 19.92 -5.03
CA ASP A 113 16.20 19.83 -4.40
C ASP A 113 17.19 18.86 -5.11
N ILE A 114 16.71 17.66 -5.44
CA ILE A 114 17.47 16.73 -6.24
C ILE A 114 17.92 17.37 -7.57
N LEU A 115 16.99 18.05 -8.26
CA LEU A 115 17.30 18.69 -9.56
C LEU A 115 18.42 19.72 -9.42
N ARG A 116 18.37 20.51 -8.35
CA ARG A 116 19.42 21.49 -8.10
C ARG A 116 20.78 20.85 -7.80
N SER A 117 20.80 19.75 -7.06
CA SER A 117 22.08 19.06 -6.82
C SER A 117 22.65 18.45 -8.10
N ARG A 118 21.79 17.95 -8.97
CA ARG A 118 22.27 17.36 -10.22
C ARG A 118 22.88 18.41 -11.14
N LEU A 119 22.29 19.59 -11.19
CA LEU A 119 22.87 20.66 -12.00
C LEU A 119 24.27 20.99 -11.47
N ALA A 120 24.38 21.15 -10.15
CA ALA A 120 25.67 21.40 -9.52
C ALA A 120 26.72 20.33 -9.83
N LYS A 121 26.33 19.05 -9.85
CA LYS A 121 27.28 17.98 -10.17
C LYS A 121 27.75 18.18 -11.60
N PHE A 122 26.80 18.49 -12.49
CA PHE A 122 27.09 18.65 -13.91
C PHE A 122 28.00 19.83 -14.23
N LEU A 123 27.80 20.95 -13.55
CA LEU A 123 28.64 22.12 -13.76
C LEU A 123 30.09 21.88 -13.31
N ASN A 124 30.24 21.04 -12.30
CA ASN A 124 31.54 20.78 -11.70
C ASN A 124 32.37 19.78 -12.51
N THR A 125 31.73 18.71 -12.94
CA THR A 125 32.39 17.67 -13.72
C THR A 125 32.91 18.19 -15.07
N LYS A 126 34.20 17.94 -15.32
CA LYS A 126 34.91 18.38 -16.52
C LYS A 126 34.88 19.89 -16.67
N ASP A 127 34.64 20.55 -15.55
CA ASP A 127 34.65 22.01 -15.46
C ASP A 127 33.76 22.65 -16.52
N VAL A 128 32.59 22.07 -16.71
CA VAL A 128 31.64 22.54 -17.69
C VAL A 128 31.13 23.93 -17.35
N GLY A 129 30.78 24.16 -16.08
CA GLY A 129 30.39 25.48 -15.63
C GLY A 129 31.46 26.55 -15.84
N LYS A 130 32.71 26.18 -15.58
CA LYS A 130 33.80 27.13 -15.72
C LYS A 130 34.08 27.42 -17.19
N ARG A 131 33.92 26.40 -18.04
CA ARG A 131 34.11 26.58 -19.47
C ARG A 131 32.91 27.31 -20.07
N PHE A 132 31.72 27.03 -19.56
CA PHE A 132 30.52 27.71 -20.02
C PHE A 132 30.69 29.20 -19.72
N ALA A 133 31.29 29.48 -18.57
CA ALA A 133 31.56 30.86 -18.16
C ALA A 133 32.61 31.52 -19.04
N GLN A 134 33.49 30.71 -19.64
CA GLN A 134 34.56 31.23 -20.52
C GLN A 134 34.07 31.49 -21.93
N GLY A 135 32.91 30.92 -22.28
CA GLY A 135 32.34 31.14 -23.61
C GLY A 135 32.04 29.88 -24.40
N THR A 136 32.46 28.73 -23.88
CA THR A 136 32.15 27.45 -24.50
C THR A 136 30.63 27.30 -24.61
N GLU A 137 30.13 26.99 -25.81
CA GLU A 137 28.68 26.96 -26.02
C GLU A 137 28.02 25.66 -25.57
N ALA A 138 28.22 25.32 -24.30
CA ALA A 138 27.71 24.07 -23.74
C ALA A 138 26.19 24.01 -23.65
N ASN A 139 25.54 25.17 -23.74
CA ASN A 139 24.08 25.22 -23.77
C ASN A 139 23.50 24.75 -25.09
N ARG A 140 24.38 24.28 -25.98
CA ARG A 140 23.93 23.76 -27.26
C ARG A 140 24.28 22.29 -27.43
N TRP A 141 24.99 21.73 -26.46
CA TRP A 141 25.24 20.29 -26.43
C TRP A 141 23.94 19.52 -26.19
N VAL A 142 23.94 18.21 -26.50
CA VAL A 142 22.74 17.42 -26.25
C VAL A 142 22.48 17.27 -24.76
N GLY A 143 23.51 17.47 -23.95
CA GLY A 143 23.33 17.41 -22.51
C GLY A 143 23.21 18.76 -21.82
N GLY A 144 23.33 19.84 -22.56
CA GLY A 144 23.50 21.13 -21.92
C GLY A 144 22.41 22.12 -22.16
N LYS A 145 21.34 21.67 -22.82
CA LYS A 145 20.28 22.58 -23.20
C LYS A 145 19.58 23.21 -21.99
N LEU A 146 19.68 22.56 -20.84
CA LEU A 146 19.19 23.15 -19.59
C LEU A 146 19.97 24.42 -19.17
N LEU A 147 21.20 24.58 -19.65
CA LEU A 147 21.96 25.80 -19.39
C LEU A 147 21.30 27.04 -20.00
N ASN A 148 20.22 26.85 -20.75
CA ASN A 148 19.44 27.96 -21.29
C ASN A 148 18.42 28.48 -20.28
N ILE A 149 18.16 27.70 -19.22
CA ILE A 149 17.29 28.19 -18.15
C ILE A 149 18.00 28.36 -16.81
N VAL A 150 19.33 28.54 -16.86
CA VAL A 150 20.11 28.87 -15.65
C VAL A 150 20.47 30.35 -15.59
N GLU A 151 20.96 30.78 -14.43
CA GLU A 151 21.28 32.18 -14.19
C GLU A 151 22.60 32.23 -13.46
N GLN A 152 23.36 33.29 -13.69
CA GLN A 152 24.67 33.40 -13.06
C GLN A 152 24.46 33.60 -11.57
N ASP A 153 25.25 32.88 -10.78
CA ASP A 153 25.23 33.00 -9.33
C ASP A 153 26.67 32.89 -8.87
N GLY A 154 27.29 34.04 -8.62
CA GLY A 154 28.68 34.11 -8.23
C GLY A 154 29.58 33.42 -9.23
N ASP A 155 30.45 32.55 -8.73
CA ASP A 155 31.36 31.80 -9.59
C ASP A 155 30.72 30.58 -10.31
N THR A 156 29.41 30.40 -10.11
CA THR A 156 28.73 29.29 -10.77
C THR A 156 27.38 29.73 -11.41
N PHE A 157 26.49 28.76 -11.63
CA PHE A 157 25.18 29.04 -12.17
C PHE A 157 24.13 28.31 -11.35
N LYS A 158 22.87 28.72 -11.49
CA LYS A 158 21.76 28.08 -10.80
C LYS A 158 20.50 28.17 -11.65
N TYR A 159 19.57 27.24 -11.44
CA TYR A 159 18.28 27.25 -12.12
C TYR A 159 17.52 28.54 -11.88
N ASN A 160 16.86 29.04 -12.92
CA ASN A 160 15.81 30.04 -12.76
C ASN A 160 14.66 29.35 -12.02
N GLU A 161 14.31 29.85 -10.84
CA GLU A 161 13.35 29.17 -9.98
C GLU A 161 11.93 29.06 -10.53
N GLN A 162 11.49 30.05 -11.29
CA GLN A 162 10.15 29.98 -11.88
C GLN A 162 10.02 28.79 -12.81
N LEU A 163 11.06 28.52 -13.60
CA LEU A 163 10.99 27.51 -14.63
C LEU A 163 11.20 26.14 -14.01
N LEU A 164 12.10 26.07 -13.03
CA LEU A 164 12.42 24.83 -12.37
C LEU A 164 11.21 24.31 -11.58
N GLN A 165 10.62 25.20 -10.81
CA GLN A 165 9.52 24.81 -9.95
C GLN A 165 8.25 24.50 -10.75
N THR A 166 8.01 25.30 -11.79
CA THR A 166 6.85 25.09 -12.65
C THR A 166 6.96 23.71 -13.30
N ALA A 167 8.18 23.32 -13.65
CA ALA A 167 8.46 22.02 -14.23
C ALA A 167 8.26 20.91 -13.22
N VAL A 168 8.62 21.16 -11.96
CA VAL A 168 8.38 20.19 -10.90
C VAL A 168 6.87 19.96 -10.69
N LEU A 169 6.09 21.04 -10.72
CA LEU A 169 4.63 20.91 -10.61
C LEU A 169 4.09 20.01 -11.73
N ALA A 170 4.65 20.16 -12.93
CA ALA A 170 4.29 19.29 -14.05
C ALA A 170 4.72 17.87 -13.77
N GLY A 171 5.93 17.70 -13.26
CA GLY A 171 6.46 16.40 -12.88
C GLY A 171 5.56 15.70 -11.90
N LEU A 172 5.00 16.45 -10.94
CA LEU A 172 4.09 15.88 -9.96
C LEU A 172 2.76 15.43 -10.57
N GLN A 173 2.15 16.27 -11.42
CA GLN A 173 0.89 15.87 -12.06
C GLN A 173 1.07 14.61 -12.90
N TRP A 174 2.18 14.55 -13.63
CA TRP A 174 2.52 13.39 -14.46
C TRP A 174 2.64 12.14 -13.59
N ARG A 175 3.35 12.28 -12.48
CA ARG A 175 3.54 11.19 -11.54
C ARG A 175 2.19 10.68 -11.03
N LEU A 176 1.23 11.59 -10.94
CA LEU A 176 -0.04 11.21 -10.36
C LEU A 176 -0.93 10.46 -11.35
N THR A 177 -0.92 10.86 -12.62
CA THR A 177 -1.90 10.31 -13.55
C THR A 177 -1.34 9.78 -14.87
N ALA A 178 -0.03 9.62 -14.99
CA ALA A 178 0.53 9.16 -16.26
C ALA A 178 0.15 7.72 -16.57
N THR A 179 0.37 6.81 -15.62
CA THR A 179 0.10 5.39 -15.85
C THR A 179 -1.31 5.16 -16.37
N SER A 180 -2.25 5.99 -15.93
CA SER A 180 -3.65 5.81 -16.31
C SER A 180 -3.96 6.36 -17.71
N ASN A 181 -2.95 6.97 -18.34
CA ASN A 181 -3.11 7.54 -19.67
C ASN A 181 -2.22 6.89 -20.75
N THR A 182 -1.43 5.90 -20.37
CA THR A 182 -0.53 5.25 -21.32
C THR A 182 -1.30 4.45 -22.36
N ALA A 183 -0.68 4.27 -23.52
CA ALA A 183 -1.22 3.38 -24.54
C ALA A 183 -1.10 1.94 -24.08
N ILE A 184 -2.03 1.11 -24.51
CA ILE A 184 -1.91 -0.32 -24.32
C ILE A 184 -0.90 -0.82 -25.35
N LYS A 185 0.01 -1.71 -24.95
CA LYS A 185 0.93 -2.34 -25.90
C LYS A 185 0.48 -3.76 -26.25
N ASP A 186 0.51 -4.08 -27.54
CA ASP A 186 0.24 -5.43 -28.00
C ASP A 186 1.52 -6.15 -28.45
N ALA A 187 1.35 -7.36 -29.00
CA ALA A 187 2.49 -8.14 -29.46
C ALA A 187 3.33 -7.42 -30.51
N LYS A 188 2.67 -6.77 -31.46
CA LYS A 188 3.36 -6.06 -32.53
C LYS A 188 4.22 -4.93 -31.95
N ASP A 189 3.62 -4.15 -31.04
CA ASP A 189 4.31 -3.06 -30.35
C ASP A 189 5.60 -3.59 -29.70
N VAL A 190 5.46 -4.61 -28.87
CA VAL A 190 6.57 -5.18 -28.14
C VAL A 190 7.66 -5.72 -29.08
N ALA A 191 7.22 -6.33 -30.18
CA ALA A 191 8.14 -6.82 -31.21
C ALA A 191 8.95 -5.68 -31.85
N ALA A 192 8.29 -4.54 -32.09
CA ALA A 192 9.00 -3.38 -32.64
C ALA A 192 9.98 -2.81 -31.64
N ILE A 193 9.55 -2.71 -30.39
CA ILE A 193 10.38 -2.14 -29.35
C ILE A 193 11.63 -2.98 -29.12
N THR A 194 11.43 -4.29 -28.97
CA THR A 194 12.53 -5.19 -28.59
C THR A 194 13.37 -5.71 -29.76
N GLY A 195 12.83 -5.65 -30.97
CA GLY A 195 13.54 -6.16 -32.13
C GLY A 195 13.42 -7.67 -32.24
N ILE A 196 12.54 -8.25 -31.43
CA ILE A 196 12.29 -9.69 -31.46
C ILE A 196 11.07 -9.99 -32.31
N ASP A 197 11.18 -11.00 -33.17
CA ASP A 197 10.07 -11.46 -34.02
C ASP A 197 8.76 -11.61 -33.23
N GLN A 198 7.65 -11.15 -33.80
CA GLN A 198 6.38 -11.13 -33.06
C GLN A 198 5.93 -12.54 -32.67
N ALA A 199 6.14 -13.50 -33.56
CA ALA A 199 5.71 -14.87 -33.35
C ALA A 199 6.56 -15.63 -32.32
N LEU A 200 7.69 -15.05 -31.93
CA LEU A 200 8.66 -15.74 -31.07
C LEU A 200 8.83 -15.11 -29.69
N LEU A 201 8.06 -14.06 -29.41
CA LEU A 201 8.11 -13.39 -28.11
C LEU A 201 7.91 -14.38 -26.97
N PRO A 202 8.83 -14.38 -26.01
CA PRO A 202 8.70 -15.26 -24.84
C PRO A 202 7.47 -14.89 -24.05
N GLU A 203 6.93 -15.83 -23.29
CA GLU A 203 5.72 -15.59 -22.53
C GLU A 203 5.89 -14.49 -21.50
N GLY A 204 4.92 -13.57 -21.45
CA GLY A 204 4.87 -12.56 -20.42
C GLY A 204 5.76 -11.38 -20.71
N LEU A 205 6.46 -11.43 -21.84
CA LEU A 205 7.36 -10.34 -22.20
C LEU A 205 6.54 -9.13 -22.59
N VAL A 206 5.45 -9.38 -23.32
CA VAL A 206 4.53 -8.31 -23.69
C VAL A 206 3.95 -7.68 -22.44
N GLU A 207 3.60 -8.52 -21.47
CA GLU A 207 3.07 -8.08 -20.21
C GLU A 207 4.04 -7.13 -19.51
N GLN A 208 5.31 -7.52 -19.46
CA GLN A 208 6.32 -6.68 -18.83
C GLN A 208 6.42 -5.30 -19.49
N PHE A 209 6.37 -5.29 -20.82
CA PHE A 209 6.50 -4.05 -21.59
C PHE A 209 5.25 -3.19 -21.60
N ASP A 210 4.09 -3.82 -21.41
CA ASP A 210 2.84 -3.06 -21.30
C ASP A 210 2.72 -2.45 -19.91
N THR A 211 3.43 -3.04 -18.95
CA THR A 211 3.42 -2.57 -17.57
C THR A 211 4.34 -1.37 -17.39
N GLY A 212 5.40 -1.33 -18.18
CA GLY A 212 6.33 -0.21 -18.14
C GLY A 212 6.10 0.84 -19.21
N MET A 213 6.92 1.88 -19.18
CA MET A 213 6.98 2.86 -20.25
C MET A 213 8.40 2.83 -20.79
N THR A 214 8.53 2.96 -22.10
CA THR A 214 9.86 3.11 -22.68
C THR A 214 10.37 4.51 -22.35
N LEU A 215 11.66 4.75 -22.56
CA LEU A 215 12.21 6.09 -22.34
C LEU A 215 11.41 7.14 -23.11
N THR A 216 11.26 6.92 -24.41
CA THR A 216 10.50 7.80 -25.29
C THR A 216 9.08 8.08 -24.78
N GLU A 217 8.42 7.03 -24.31
CA GLU A 217 7.07 7.10 -23.77
C GLU A 217 7.00 8.01 -22.56
N ALA A 218 7.91 7.81 -21.60
CA ALA A 218 7.96 8.57 -20.35
C ALA A 218 8.34 10.02 -20.60
N VAL A 219 9.41 10.20 -21.38
CA VAL A 219 9.94 11.54 -21.59
C VAL A 219 9.00 12.41 -22.42
N SER A 220 8.44 11.88 -23.50
CA SER A 220 7.56 12.69 -24.33
C SER A 220 6.33 13.16 -23.57
N SER A 221 5.71 12.29 -22.77
CA SER A 221 4.51 12.69 -22.02
C SER A 221 4.86 13.72 -20.95
N LEU A 222 6.03 13.53 -20.33
CA LEU A 222 6.53 14.46 -19.31
C LEU A 222 6.87 15.81 -19.94
N ALA A 223 7.44 15.77 -21.15
CA ALA A 223 7.86 16.97 -21.86
C ALA A 223 6.65 17.77 -22.28
N GLN A 224 5.64 17.06 -22.75
CA GLN A 224 4.36 17.67 -23.05
C GLN A 224 3.84 18.47 -21.83
N LYS A 225 3.76 17.82 -20.66
CA LYS A 225 3.22 18.47 -19.47
C LYS A 225 4.04 19.69 -19.08
N ILE A 226 5.36 19.51 -19.02
CA ILE A 226 6.26 20.60 -18.66
C ILE A 226 6.09 21.80 -19.57
N GLU A 227 6.07 21.56 -20.89
CA GLU A 227 5.95 22.66 -21.83
C GLU A 227 4.61 23.35 -21.66
N SER A 228 3.61 22.56 -21.31
CA SER A 228 2.26 23.09 -21.13
C SER A 228 2.17 23.93 -19.85
N TYR A 229 2.88 23.52 -18.82
CA TYR A 229 2.85 24.29 -17.58
C TYR A 229 3.67 25.57 -17.67
N TRP A 230 4.75 25.55 -18.45
CA TRP A 230 5.55 26.75 -18.74
C TRP A 230 4.69 27.83 -19.37
N GLY A 231 3.69 27.39 -20.14
CA GLY A 231 2.60 28.26 -20.54
C GLY A 231 2.99 29.25 -21.61
N LEU A 232 3.98 28.89 -22.41
CA LEU A 232 4.52 29.75 -23.45
C LEU A 232 4.17 29.25 -24.86
N SER A 233 4.52 30.02 -25.88
CA SER A 233 4.31 29.58 -27.25
C SER A 233 5.66 29.36 -27.92
N ARG A 234 5.70 28.36 -28.80
CA ARG A 234 6.91 28.09 -29.55
C ARG A 234 7.06 29.15 -30.63
N ASN A 235 8.28 29.64 -30.81
CA ASN A 235 8.53 30.57 -31.89
C ASN A 235 8.67 29.77 -33.20
N PRO A 236 7.89 30.16 -34.22
CA PRO A 236 7.88 29.46 -35.50
C PRO A 236 9.25 29.45 -36.19
N ASN A 237 10.12 30.40 -35.83
CA ASN A 237 11.41 30.51 -36.50
C ASN A 237 12.60 30.12 -35.65
N ALA A 238 12.31 29.43 -34.56
CA ALA A 238 13.32 28.85 -33.72
C ALA A 238 13.52 27.38 -34.08
N PRO A 239 14.76 26.88 -33.98
CA PRO A 239 15.07 25.47 -34.31
C PRO A 239 14.38 24.50 -33.36
N LEU A 240 13.84 23.41 -33.88
CA LEU A 240 13.21 22.39 -33.02
C LEU A 240 14.15 21.87 -31.93
N GLY A 241 15.44 21.81 -32.24
CA GLY A 241 16.46 21.43 -31.28
C GLY A 241 16.35 22.13 -29.94
N TYR A 242 15.73 23.30 -29.94
CA TYR A 242 15.54 24.07 -28.72
C TYR A 242 14.07 24.13 -28.28
N THR A 243 13.14 24.19 -29.25
CA THR A 243 11.72 24.23 -28.92
C THR A 243 11.20 22.91 -28.33
N LYS A 244 11.60 21.79 -28.92
CA LYS A 244 11.37 20.46 -28.33
C LYS A 244 12.48 20.11 -27.33
N GLY A 245 13.67 20.66 -27.56
CA GLY A 245 14.87 20.27 -26.84
C GLY A 245 14.94 20.64 -25.38
N ILE A 246 14.68 21.91 -25.07
CA ILE A 246 14.70 22.35 -23.68
C ILE A 246 13.64 21.64 -22.83
N PRO A 247 12.36 21.63 -23.28
CA PRO A 247 11.38 20.91 -22.45
C PRO A 247 11.72 19.41 -22.31
N THR A 248 12.26 18.80 -23.35
CA THR A 248 12.66 17.40 -23.27
C THR A 248 13.85 17.23 -22.33
N ALA A 249 14.80 18.15 -22.39
CA ALA A 249 15.95 18.07 -21.51
C ALA A 249 15.50 18.16 -20.07
N MET A 250 14.44 18.95 -19.84
CA MET A 250 13.90 19.16 -18.50
C MET A 250 13.17 17.90 -18.04
N ALA A 251 12.38 17.35 -18.95
CA ALA A 251 11.70 16.09 -18.69
C ALA A 251 12.69 14.99 -18.33
N ALA A 252 13.77 14.89 -19.11
CA ALA A 252 14.79 13.87 -18.87
C ALA A 252 15.37 14.00 -17.47
N GLU A 253 15.59 15.24 -17.02
CA GLU A 253 16.16 15.45 -15.69
C GLU A 253 15.15 15.11 -14.59
N ILE A 254 13.88 15.35 -14.86
CA ILE A 254 12.83 15.04 -13.91
C ILE A 254 12.62 13.54 -13.79
N LEU A 255 12.70 12.83 -14.91
CA LEU A 255 12.64 11.38 -14.84
C LEU A 255 13.80 10.84 -14.03
N ALA A 256 14.98 11.41 -14.26
CA ALA A 256 16.18 11.01 -13.52
C ALA A 256 16.06 11.29 -12.00
N ALA A 257 15.43 12.41 -11.65
CA ALA A 257 15.18 12.71 -10.26
C ALA A 257 14.19 11.71 -9.65
N PHE A 258 13.13 11.42 -10.39
CA PHE A 258 12.13 10.47 -9.92
C PHE A 258 12.70 9.07 -9.66
N VAL A 259 13.73 8.69 -10.43
CA VAL A 259 14.43 7.44 -10.23
C VAL A 259 15.21 7.49 -8.91
N GLU A 260 15.88 8.62 -8.65
CA GLU A 260 16.51 8.82 -7.34
C GLU A 260 15.54 8.78 -6.16
N SER A 261 14.34 9.32 -6.34
CA SER A 261 13.37 9.40 -5.25
C SER A 261 12.54 8.13 -5.11
N THR A 262 12.66 7.24 -6.08
CA THR A 262 11.87 6.01 -6.14
C THR A 262 10.40 6.26 -6.43
N ASP A 263 10.07 7.40 -7.03
CA ASP A 263 8.72 7.57 -7.59
C ASP A 263 8.62 6.78 -8.89
N VAL A 264 9.76 6.60 -9.54
CA VAL A 264 9.85 5.80 -10.75
C VAL A 264 10.94 4.76 -10.53
N VAL A 265 10.68 3.54 -11.01
CA VAL A 265 11.68 2.47 -11.01
C VAL A 265 12.19 2.26 -12.44
N GLU A 266 13.50 2.33 -12.62
CA GLU A 266 14.11 2.11 -13.94
C GLU A 266 14.64 0.70 -14.02
N ASN A 267 14.15 -0.06 -15.00
CA ASN A 267 14.68 -1.38 -15.25
C ASN A 267 15.26 -1.53 -16.67
N ILE A 268 16.55 -1.78 -16.77
CA ILE A 268 17.20 -1.92 -18.08
C ILE A 268 17.15 -3.37 -18.54
N VAL A 269 16.28 -3.63 -19.51
CA VAL A 269 15.93 -5.00 -19.90
C VAL A 269 16.87 -5.52 -20.99
N ASP A 270 17.71 -6.48 -20.62
CA ASP A 270 18.75 -7.00 -21.53
C ASP A 270 18.17 -8.03 -22.50
N MET A 271 18.17 -7.70 -23.80
CA MET A 271 17.62 -8.59 -24.81
C MET A 271 18.48 -9.80 -25.12
N SER A 272 19.70 -9.83 -24.60
CA SER A 272 20.58 -10.97 -24.87
C SER A 272 20.24 -12.16 -23.95
N GLU A 273 19.55 -11.89 -22.85
CA GLU A 273 19.10 -12.96 -21.96
C GLU A 273 17.95 -13.71 -22.60
N ILE A 274 17.27 -13.05 -23.53
CA ILE A 274 16.17 -13.67 -24.29
C ILE A 274 16.69 -14.24 -25.60
N ASP A 275 17.01 -13.36 -26.53
CA ASP A 275 17.64 -13.79 -27.79
C ASP A 275 19.11 -13.42 -27.77
N PRO A 276 19.99 -14.44 -27.75
CA PRO A 276 21.44 -14.29 -27.58
C PRO A 276 22.20 -13.41 -28.59
N ASP A 277 21.66 -13.14 -29.77
CA ASP A 277 22.36 -12.22 -30.68
C ASP A 277 21.66 -10.85 -30.85
N ASN A 278 20.69 -10.60 -29.98
CA ASN A 278 20.05 -9.29 -29.88
C ASN A 278 20.79 -8.46 -28.86
N LYS A 279 21.38 -7.36 -29.31
CA LYS A 279 22.28 -6.62 -28.45
C LYS A 279 21.64 -5.37 -27.86
N LYS A 280 20.35 -5.19 -28.12
CA LYS A 280 19.58 -4.08 -27.58
C LYS A 280 19.40 -4.21 -26.07
N THR A 281 19.68 -3.14 -25.34
CA THR A 281 19.32 -3.09 -23.93
C THR A 281 18.28 -1.98 -23.82
N ILE A 282 17.10 -2.30 -23.29
CA ILE A 282 15.98 -1.37 -23.35
C ILE A 282 15.44 -1.00 -21.99
N GLY A 283 15.41 0.30 -21.69
CA GLY A 283 14.97 0.76 -20.39
C GLY A 283 13.45 0.83 -20.27
N LEU A 284 12.94 0.36 -19.13
CA LEU A 284 11.53 0.39 -18.80
C LEU A 284 11.31 1.16 -17.52
N TYR A 285 10.38 2.10 -17.54
CA TYR A 285 10.12 2.96 -16.39
C TYR A 285 8.72 2.72 -15.88
N THR A 286 8.59 2.40 -14.59
CA THR A 286 7.27 2.23 -13.99
C THR A 286 7.10 3.12 -12.77
N ILE A 287 6.00 3.85 -12.76
CA ILE A 287 5.67 4.76 -11.69
C ILE A 287 5.17 3.95 -10.49
N THR A 288 5.78 4.18 -9.33
CA THR A 288 5.33 3.57 -8.08
C THR A 288 3.88 3.96 -7.81
N GLU A 289 3.00 2.97 -7.78
CA GLU A 289 1.59 3.22 -7.49
C GLU A 289 1.35 3.68 -6.05
N LEU A 290 0.43 4.62 -5.88
CA LEU A 290 -0.04 4.98 -4.56
C LEU A 290 -0.99 3.89 -4.09
N ASP A 291 -1.31 3.87 -2.79
CA ASP A 291 -2.28 2.93 -2.27
C ASP A 291 -3.63 3.19 -2.92
N SER A 292 -4.44 2.13 -3.09
CA SER A 292 -5.74 2.31 -3.68
C SER A 292 -6.61 3.28 -2.86
N PHE A 293 -6.45 3.24 -1.54
CA PHE A 293 -7.22 4.09 -0.62
C PHE A 293 -6.61 5.47 -0.32
N ASP A 294 -5.53 5.81 -1.01
CA ASP A 294 -4.92 7.13 -0.90
C ASP A 294 -5.95 8.15 -1.35
N PRO A 295 -6.29 9.12 -0.47
CA PRO A 295 -7.27 10.18 -0.74
C PRO A 295 -7.03 10.96 -2.04
N ILE A 296 -5.77 11.08 -2.42
CA ILE A 296 -5.42 11.81 -3.63
C ILE A 296 -6.04 11.19 -4.89
N ASN A 297 -6.37 9.90 -4.83
CA ASN A 297 -6.99 9.23 -5.97
C ASN A 297 -8.41 9.67 -6.18
N SER A 298 -9.02 10.16 -5.10
CA SER A 298 -10.36 10.71 -5.19
C SER A 298 -10.36 12.02 -5.99
N PHE A 299 -9.20 12.68 -6.09
CA PHE A 299 -9.09 13.93 -6.84
C PHE A 299 -7.63 14.23 -7.24
N PRO A 300 -7.13 13.51 -8.26
CA PRO A 300 -5.73 13.52 -8.68
C PRO A 300 -5.34 14.62 -9.68
N THR A 301 -6.25 15.55 -9.97
CA THR A 301 -5.96 16.59 -10.95
C THR A 301 -5.92 18.03 -10.37
N ALA A 302 -5.85 18.17 -9.05
CA ALA A 302 -5.90 19.49 -8.41
C ALA A 302 -4.81 20.45 -8.91
N ILE A 303 -3.59 19.94 -9.08
CA ILE A 303 -2.48 20.74 -9.57
C ILE A 303 -2.76 21.23 -10.99
N GLU A 304 -3.10 20.29 -11.86
CA GLU A 304 -3.48 20.61 -13.24
C GLU A 304 -4.54 21.70 -13.30
N GLU A 305 -5.59 21.53 -12.50
CA GLU A 305 -6.74 22.42 -12.59
C GLU A 305 -6.42 23.78 -11.98
N ALA A 306 -5.36 23.83 -11.19
CA ALA A 306 -4.92 25.10 -10.61
C ALA A 306 -3.95 25.81 -11.55
N VAL A 307 -3.03 25.05 -12.15
CA VAL A 307 -1.99 25.63 -12.99
C VAL A 307 -2.48 26.06 -14.37
N LEU A 308 -3.26 25.22 -15.03
CA LEU A 308 -3.74 25.51 -16.38
C LEU A 308 -5.11 26.19 -16.41
N VAL A 309 -5.19 27.29 -17.15
CA VAL A 309 -6.46 27.96 -17.42
C VAL A 309 -7.47 27.02 -18.08
N ASN A 310 -7.02 26.25 -19.06
CA ASN A 310 -7.85 25.24 -19.72
C ASN A 310 -7.28 23.84 -19.53
N PRO A 311 -7.49 23.25 -18.35
CA PRO A 311 -6.92 21.95 -17.99
C PRO A 311 -7.30 20.84 -18.96
N THR A 312 -6.40 19.87 -19.12
CA THR A 312 -6.67 18.72 -19.94
C THR A 312 -7.27 17.61 -19.07
N GLU A 313 -6.51 17.22 -18.06
CA GLU A 313 -6.90 16.12 -17.20
C GLU A 313 -7.89 16.60 -16.15
N LYS A 314 -9.06 15.97 -16.14
CA LYS A 314 -10.17 16.32 -15.25
C LYS A 314 -11.31 15.42 -15.60
N MET A 315 -12.23 15.25 -14.65
CA MET A 315 -13.50 14.60 -14.96
C MET A 315 -14.58 15.64 -15.32
N PHE A 316 -15.57 15.23 -16.11
CA PHE A 316 -16.62 16.14 -16.53
C PHE A 316 -17.93 15.81 -15.84
N PHE A 317 -18.32 16.64 -14.87
CA PHE A 317 -19.56 16.39 -14.15
C PHE A 317 -20.64 17.38 -14.53
N GLY A 318 -21.89 16.91 -14.51
CA GLY A 318 -23.04 17.75 -14.76
C GLY A 318 -23.05 18.35 -16.15
N ASP A 319 -23.23 19.66 -16.25
CA ASP A 319 -23.23 20.28 -17.57
C ASP A 319 -21.87 20.87 -17.95
N ASP A 320 -20.82 20.29 -17.39
CA ASP A 320 -19.47 20.65 -17.82
C ASP A 320 -19.09 19.73 -18.98
N ILE A 321 -19.28 20.24 -20.19
CA ILE A 321 -19.11 19.45 -21.40
C ILE A 321 -17.68 19.54 -21.94
N PRO A 322 -17.05 18.39 -22.22
CA PRO A 322 -15.71 18.40 -22.82
C PRO A 322 -15.69 19.16 -24.16
N PRO A 323 -14.59 19.86 -24.43
CA PRO A 323 -14.42 20.59 -25.69
C PRO A 323 -14.25 19.60 -26.85
N VAL A 324 -14.55 20.04 -28.07
CA VAL A 324 -14.37 19.19 -29.25
C VAL A 324 -12.99 19.36 -29.93
N ALA A 325 -12.23 18.27 -29.97
CA ALA A 325 -10.91 18.24 -30.62
C ALA A 325 -10.95 18.72 -32.09
N ASN A 326 -10.06 19.65 -32.43
CA ASN A 326 -9.98 20.14 -33.81
C ASN A 326 -9.27 19.23 -34.83
N THR A 327 -8.36 18.39 -34.33
CA THR A 327 -7.56 17.51 -35.19
C THR A 327 -7.59 16.03 -34.79
N GLN A 328 -7.33 15.16 -35.76
CA GLN A 328 -7.27 13.72 -35.53
C GLN A 328 -6.26 13.41 -34.43
N LEU A 329 -6.56 12.36 -33.65
CA LEU A 329 -5.69 11.88 -32.59
C LEU A 329 -4.30 11.55 -33.15
N ARG A 330 -3.30 12.20 -32.58
CA ARG A 330 -1.89 12.17 -33.03
C ARG A 330 -1.68 12.41 -34.52
N ASN A 331 -2.55 13.21 -35.14
CA ASN A 331 -2.37 13.57 -36.55
C ASN A 331 -2.70 15.03 -36.78
N PRO A 332 -1.86 15.93 -36.24
CA PRO A 332 -2.14 17.38 -36.29
C PRO A 332 -2.27 17.92 -37.72
N ALA A 333 -1.68 17.22 -38.67
CA ALA A 333 -1.85 17.59 -40.07
C ALA A 333 -3.31 17.42 -40.54
N VAL A 334 -4.11 16.66 -39.79
CA VAL A 334 -5.46 16.32 -40.24
C VAL A 334 -6.58 16.92 -39.38
N ARG A 335 -7.35 17.83 -39.95
CA ARG A 335 -8.48 18.39 -39.22
C ARG A 335 -9.64 17.41 -39.19
N ASN A 336 -10.24 17.23 -38.02
CA ASN A 336 -11.54 16.58 -37.95
C ASN A 336 -12.53 17.35 -38.80
N THR A 337 -13.16 16.66 -39.74
CA THR A 337 -14.17 17.28 -40.59
C THR A 337 -15.37 17.77 -39.78
N PRO A 338 -16.16 18.69 -40.35
CA PRO A 338 -17.35 19.16 -39.64
C PRO A 338 -18.28 18.04 -39.24
N GLU A 339 -18.44 17.04 -40.11
CA GLU A 339 -19.27 15.88 -39.79
C GLU A 339 -18.69 15.14 -38.59
N GLN A 340 -17.38 14.95 -38.58
CA GLN A 340 -16.74 14.28 -37.46
C GLN A 340 -16.88 15.08 -36.16
N LYS A 341 -16.56 16.35 -36.20
CA LYS A 341 -16.74 17.20 -35.04
C LYS A 341 -18.16 17.09 -34.47
N ALA A 342 -19.16 17.14 -35.36
CA ALA A 342 -20.55 16.92 -34.97
C ALA A 342 -20.75 15.60 -34.23
N ALA A 343 -20.06 14.55 -34.67
CA ALA A 343 -20.20 13.23 -34.05
C ALA A 343 -19.57 13.21 -32.65
N LEU A 344 -18.37 13.76 -32.54
CA LEU A 344 -17.72 13.95 -31.26
C LEU A 344 -18.58 14.75 -30.29
N LYS A 345 -19.17 15.84 -30.78
CA LYS A 345 -20.07 16.64 -29.95
C LYS A 345 -21.25 15.81 -29.41
N ALA A 346 -21.87 15.01 -30.28
CA ALA A 346 -23.01 14.18 -29.87
C ALA A 346 -22.63 13.16 -28.78
N GLU A 347 -21.50 12.48 -28.98
CA GLU A 347 -21.04 11.48 -28.02
C GLU A 347 -20.58 12.11 -26.69
N GLN A 348 -19.94 13.26 -26.77
CA GLN A 348 -19.50 13.92 -25.55
C GLN A 348 -20.69 14.46 -24.77
N ALA A 349 -21.83 14.65 -25.45
CA ALA A 349 -23.02 15.24 -24.82
C ALA A 349 -23.79 14.22 -23.98
N THR A 350 -23.57 12.95 -24.29
CA THR A 350 -24.26 11.86 -23.62
C THR A 350 -23.92 11.81 -22.13
N GLU A 351 -24.93 11.60 -21.31
CA GLU A 351 -24.69 11.55 -19.87
C GLU A 351 -24.57 10.11 -19.39
N PHE A 352 -23.55 9.85 -18.59
CA PHE A 352 -23.38 8.53 -18.00
C PHE A 352 -23.65 8.61 -16.50
N TYR A 353 -24.15 7.50 -15.96
CA TYR A 353 -24.55 7.43 -14.57
C TYR A 353 -24.10 6.15 -13.91
N VAL A 354 -23.68 6.29 -12.66
CA VAL A 354 -23.31 5.18 -11.82
C VAL A 354 -24.53 4.32 -11.52
N HIS A 355 -24.41 3.02 -11.77
CA HIS A 355 -25.41 2.08 -11.34
C HIS A 355 -25.00 1.59 -9.94
N THR A 356 -25.53 2.26 -8.91
CA THR A 356 -25.21 1.96 -7.52
C THR A 356 -25.19 0.47 -7.14
N PRO A 357 -26.20 -0.31 -7.57
CA PRO A 357 -26.16 -1.71 -7.12
C PRO A 357 -24.92 -2.51 -7.57
N MET A 358 -24.47 -2.29 -8.80
CA MET A 358 -23.26 -2.96 -9.29
C MET A 358 -22.04 -2.52 -8.50
N VAL A 359 -21.92 -1.23 -8.27
CA VAL A 359 -20.83 -0.70 -7.46
C VAL A 359 -20.82 -1.36 -6.08
N GLN A 360 -22.00 -1.43 -5.46
CA GLN A 360 -22.14 -2.01 -4.13
C GLN A 360 -21.86 -3.50 -4.15
N PHE A 361 -22.18 -4.13 -5.28
CA PHE A 361 -21.85 -5.53 -5.50
C PHE A 361 -20.33 -5.69 -5.59
N TYR A 362 -19.68 -4.92 -6.45
CA TYR A 362 -18.23 -4.97 -6.58
C TYR A 362 -17.53 -4.78 -5.23
N GLU A 363 -17.99 -3.80 -4.46
CA GLU A 363 -17.44 -3.50 -3.13
C GLU A 363 -17.67 -4.63 -2.15
N THR A 364 -18.86 -5.23 -2.21
CA THR A 364 -19.20 -6.26 -1.27
C THR A 364 -18.40 -7.52 -1.59
N LEU A 365 -18.32 -7.87 -2.88
CA LEU A 365 -17.47 -8.97 -3.29
C LEU A 365 -16.04 -8.68 -2.86
N GLY A 366 -15.56 -7.47 -3.18
CA GLY A 366 -14.24 -7.03 -2.78
C GLY A 366 -13.19 -7.35 -3.80
N LYS A 367 -12.14 -6.52 -3.87
CA LYS A 367 -11.11 -6.64 -4.89
C LYS A 367 -10.58 -8.07 -5.03
N ASP A 368 -10.32 -8.71 -3.89
CA ASP A 368 -9.76 -10.06 -3.86
C ASP A 368 -10.67 -11.11 -4.50
N ARG A 369 -11.98 -11.01 -4.22
CA ARG A 369 -12.93 -11.95 -4.78
C ARG A 369 -13.26 -11.65 -6.24
N ILE A 370 -13.28 -10.36 -6.60
CA ILE A 370 -13.38 -9.96 -8.00
C ILE A 370 -12.25 -10.63 -8.82
N LEU A 371 -11.04 -10.68 -8.25
CA LEU A 371 -9.89 -11.32 -8.88
C LEU A 371 -10.04 -12.84 -8.93
N GLU A 372 -10.46 -13.44 -7.82
CA GLU A 372 -10.70 -14.86 -7.79
C GLU A 372 -11.74 -15.23 -8.86
N LEU A 373 -12.71 -14.35 -9.05
CA LEU A 373 -13.85 -14.60 -9.90
C LEU A 373 -13.57 -14.31 -11.37
N MET A 374 -12.94 -13.18 -11.64
CA MET A 374 -12.81 -12.69 -13.02
C MET A 374 -11.36 -12.61 -13.52
N GLY A 375 -10.42 -12.92 -12.63
CA GLY A 375 -9.02 -12.98 -13.00
C GLY A 375 -8.45 -14.32 -12.60
N ALA A 376 -7.22 -14.33 -12.11
CA ALA A 376 -6.59 -15.59 -11.74
C ALA A 376 -6.65 -15.94 -10.25
N GLY A 377 -7.18 -15.04 -9.44
CA GLY A 377 -7.16 -15.22 -7.99
C GLY A 377 -5.74 -15.21 -7.44
N THR A 378 -5.53 -15.85 -6.30
CA THR A 378 -4.20 -15.88 -5.70
C THR A 378 -3.34 -16.99 -6.30
N LEU A 379 -2.20 -16.60 -6.87
CA LEU A 379 -1.35 -17.52 -7.59
C LEU A 379 -0.44 -18.31 -6.64
N ASN A 380 -0.58 -19.62 -6.65
CA ASN A 380 0.38 -20.48 -5.98
C ASN A 380 1.52 -20.78 -6.95
N LYS A 381 2.57 -19.97 -6.90
CA LYS A 381 3.61 -19.99 -7.92
C LYS A 381 4.37 -21.32 -8.06
N GLU A 382 3.89 -22.36 -7.38
CA GLU A 382 4.46 -23.70 -7.56
C GLU A 382 3.41 -24.78 -7.82
N LEU A 383 2.16 -24.36 -7.92
CA LEU A 383 1.11 -25.20 -8.50
C LEU A 383 0.95 -24.76 -9.94
N LEU A 384 1.84 -23.87 -10.36
CA LEU A 384 1.71 -23.20 -11.66
C LEU A 384 2.93 -23.42 -12.54
N ASN A 385 2.66 -23.68 -13.81
CA ASN A 385 3.72 -23.65 -14.79
C ASN A 385 4.22 -22.23 -14.91
N ASP A 386 5.54 -22.05 -15.05
CA ASP A 386 6.16 -20.72 -15.07
C ASP A 386 5.59 -19.76 -16.11
N ASN A 387 5.36 -20.27 -17.31
CA ASN A 387 4.78 -19.45 -18.38
C ASN A 387 3.29 -19.17 -18.15
N HIS A 388 2.56 -20.15 -17.64
CA HIS A 388 1.13 -20.00 -17.37
C HIS A 388 0.96 -18.95 -16.28
N ALA A 389 1.81 -19.04 -15.26
CA ALA A 389 1.80 -18.10 -14.15
C ALA A 389 1.96 -16.65 -14.62
N LYS A 390 2.60 -16.46 -15.77
CA LYS A 390 2.83 -15.10 -16.26
C LYS A 390 1.64 -14.49 -16.99
N SER A 391 0.86 -15.33 -17.67
CA SER A 391 -0.38 -14.82 -18.29
C SER A 391 -1.39 -14.59 -17.18
N LEU A 392 -1.34 -15.44 -16.15
CA LEU A 392 -2.21 -15.27 -15.00
C LEU A 392 -1.97 -13.91 -14.32
N GLU A 393 -0.72 -13.50 -14.18
CA GLU A 393 -0.40 -12.19 -13.60
C GLU A 393 -1.00 -11.07 -14.43
N GLY A 394 -0.87 -11.17 -15.74
CA GLY A 394 -1.34 -10.14 -16.64
C GLY A 394 -2.84 -10.05 -16.66
N LYS A 395 -3.48 -11.17 -16.34
CA LYS A 395 -4.94 -11.21 -16.26
C LYS A 395 -5.37 -10.44 -15.01
N ASN A 396 -4.76 -10.77 -13.87
CA ASN A 396 -5.01 -10.06 -12.62
C ASN A 396 -4.75 -8.57 -12.75
N ARG A 397 -3.59 -8.21 -13.29
CA ARG A 397 -3.21 -6.82 -13.53
C ARG A 397 -4.35 -6.04 -14.19
N SER A 398 -4.93 -6.60 -15.25
CA SER A 398 -5.92 -5.89 -16.05
C SER A 398 -7.21 -5.66 -15.26
N VAL A 399 -7.59 -6.66 -14.46
CA VAL A 399 -8.80 -6.58 -13.65
C VAL A 399 -8.58 -5.65 -12.45
N GLU A 400 -7.43 -5.75 -11.81
CA GLU A 400 -7.17 -4.99 -10.59
C GLU A 400 -7.05 -3.49 -10.86
N ASP A 401 -6.31 -3.11 -11.90
CA ASP A 401 -6.22 -1.71 -12.27
C ASP A 401 -7.61 -1.21 -12.63
N SER A 402 -8.36 -2.08 -13.28
CA SER A 402 -9.70 -1.75 -13.69
C SER A 402 -10.57 -1.49 -12.48
N TYR A 403 -10.47 -2.36 -11.49
CA TYR A 403 -11.21 -2.18 -10.25
C TYR A 403 -10.81 -0.86 -9.54
N ASN A 404 -9.51 -0.65 -9.38
CA ASN A 404 -9.00 0.50 -8.66
C ASN A 404 -9.38 1.80 -9.34
N GLN A 405 -9.33 1.79 -10.67
CA GLN A 405 -9.68 2.98 -11.42
C GLN A 405 -11.16 3.31 -11.26
N LEU A 406 -12.03 2.30 -11.40
CA LEU A 406 -13.46 2.51 -11.16
C LEU A 406 -13.68 3.15 -9.80
N PHE A 407 -13.03 2.60 -8.78
CA PHE A 407 -13.30 3.07 -7.44
C PHE A 407 -12.75 4.46 -7.13
N SER A 408 -11.68 4.85 -7.81
CA SER A 408 -11.20 6.22 -7.75
C SER A 408 -12.23 7.20 -8.32
N VAL A 409 -12.82 6.83 -9.46
CA VAL A 409 -13.87 7.62 -10.11
C VAL A 409 -15.11 7.72 -9.22
N ILE A 410 -15.46 6.63 -8.57
CA ILE A 410 -16.62 6.63 -7.68
C ILE A 410 -16.34 7.53 -6.46
N GLU A 411 -15.09 7.54 -6.00
CA GLU A 411 -14.72 8.40 -4.89
C GLU A 411 -14.90 9.87 -5.23
N GLN A 412 -14.65 10.24 -6.47
CA GLN A 412 -14.85 11.63 -6.87
C GLN A 412 -16.32 11.94 -7.16
N VAL A 413 -17.04 10.99 -7.73
CA VAL A 413 -18.47 11.16 -7.98
C VAL A 413 -19.22 11.28 -6.66
N ARG A 414 -18.86 10.44 -5.70
CA ARG A 414 -19.48 10.48 -4.37
C ARG A 414 -19.46 11.87 -3.72
N ALA A 415 -18.43 12.66 -4.00
CA ALA A 415 -18.31 14.00 -3.43
C ALA A 415 -19.23 15.02 -4.11
N GLN A 416 -19.57 14.79 -5.37
CA GLN A 416 -20.41 15.70 -6.15
C GLN A 416 -21.85 15.80 -5.66
N SER A 417 -22.32 14.80 -4.92
CA SER A 417 -23.73 14.72 -4.55
C SER A 417 -24.03 13.61 -3.57
N GLU A 418 -25.19 13.72 -2.92
CA GLU A 418 -25.65 12.71 -1.97
C GLU A 418 -25.92 11.39 -2.70
N ASP A 419 -26.65 11.49 -3.79
CA ASP A 419 -26.99 10.33 -4.60
C ASP A 419 -26.02 10.21 -5.79
N ILE A 420 -25.11 9.23 -5.76
CA ILE A 420 -24.13 9.12 -6.84
C ILE A 420 -24.78 8.76 -8.17
N SER A 421 -25.93 8.08 -8.12
CA SER A 421 -26.60 7.68 -9.36
C SER A 421 -27.27 8.86 -10.10
N THR A 422 -27.36 10.00 -9.44
CA THR A 422 -27.89 11.20 -10.09
C THR A 422 -26.82 12.15 -10.67
N VAL A 423 -25.54 11.84 -10.48
CA VAL A 423 -24.47 12.69 -11.01
C VAL A 423 -24.18 12.33 -12.47
N PRO A 424 -24.49 13.24 -13.41
CA PRO A 424 -24.17 13.01 -14.82
C PRO A 424 -22.68 13.13 -15.09
N ILE A 425 -22.15 12.20 -15.89
CA ILE A 425 -20.74 12.15 -16.23
C ILE A 425 -20.55 12.22 -17.75
N HIS A 426 -19.68 13.10 -18.22
CA HIS A 426 -19.36 13.16 -19.63
C HIS A 426 -17.98 12.61 -19.90
N TYR A 427 -17.80 12.04 -21.08
CA TYR A 427 -16.48 11.58 -21.53
C TYR A 427 -16.00 12.31 -22.77
N ALA A 428 -14.72 12.68 -22.79
CA ALA A 428 -14.09 13.25 -23.97
C ALA A 428 -13.87 12.15 -24.99
N TYR A 429 -13.98 12.49 -26.26
CA TYR A 429 -13.67 11.54 -27.34
C TYR A 429 -12.75 12.18 -28.35
N ASN A 430 -12.12 11.36 -29.18
CA ASN A 430 -11.40 11.88 -30.33
C ASN A 430 -11.45 10.91 -31.52
N MET A 431 -11.42 11.44 -32.73
CA MET A 431 -11.29 10.60 -33.93
C MET A 431 -9.87 10.10 -34.07
N THR A 432 -9.71 8.80 -34.27
CA THR A 432 -8.40 8.22 -34.53
C THR A 432 -8.08 8.23 -36.03
N ARG A 433 -6.83 7.89 -36.37
CA ARG A 433 -6.37 7.70 -37.74
C ARG A 433 -7.30 6.88 -38.62
N VAL A 434 -7.94 5.87 -38.04
CA VAL A 434 -8.84 5.04 -38.81
C VAL A 434 -10.33 5.44 -38.70
N GLY A 435 -10.59 6.66 -38.22
CA GLY A 435 -11.95 7.20 -38.23
C GLY A 435 -12.89 6.76 -37.10
N ARG A 436 -12.32 6.18 -36.03
CA ARG A 436 -13.12 5.69 -34.92
C ARG A 436 -13.21 6.70 -33.82
N MET A 437 -14.34 6.69 -33.13
CA MET A 437 -14.58 7.61 -32.04
C MET A 437 -14.17 6.92 -30.76
N GLN A 438 -13.03 7.31 -30.25
CA GLN A 438 -12.44 6.63 -29.12
C GLN A 438 -12.54 7.47 -27.88
N MET A 439 -13.04 6.86 -26.80
CA MET A 439 -13.14 7.50 -25.50
C MET A 439 -11.72 7.64 -24.97
N LEU A 440 -11.35 8.82 -24.49
CA LEU A 440 -10.00 9.00 -23.95
C LEU A 440 -9.87 8.31 -22.60
N GLY A 441 -8.69 7.75 -22.34
CA GLY A 441 -8.42 7.11 -21.07
C GLY A 441 -8.42 5.60 -21.20
N LYS A 442 -7.50 4.95 -20.52
CA LYS A 442 -7.40 3.49 -20.53
C LYS A 442 -8.68 2.83 -19.97
N TYR A 443 -9.18 3.34 -18.85
CA TYR A 443 -10.23 2.66 -18.11
C TYR A 443 -11.54 3.44 -18.08
N ASN A 444 -12.35 3.26 -19.13
CA ASN A 444 -13.63 3.95 -19.23
C ASN A 444 -14.72 2.93 -19.64
N PRO A 445 -15.97 3.39 -19.78
CA PRO A 445 -16.97 2.43 -20.27
C PRO A 445 -16.70 1.84 -21.66
N GLN A 446 -16.15 2.60 -22.59
CA GLN A 446 -15.91 2.03 -23.92
C GLN A 446 -14.82 0.94 -23.89
N SER A 447 -13.87 1.04 -22.96
CA SER A 447 -12.69 0.20 -23.03
C SER A 447 -12.55 -0.85 -21.94
N ALA A 448 -13.23 -0.69 -20.82
CA ALA A 448 -13.09 -1.61 -19.70
C ALA A 448 -14.43 -2.27 -19.27
N LYS A 449 -14.52 -3.58 -19.49
CA LYS A 449 -15.75 -4.32 -19.21
C LYS A 449 -16.27 -4.14 -17.78
N LEU A 450 -15.36 -4.17 -16.80
CA LEU A 450 -15.72 -3.94 -15.40
C LEU A 450 -16.41 -2.59 -15.23
N VAL A 451 -15.78 -1.54 -15.76
CA VAL A 451 -16.34 -0.20 -15.71
C VAL A 451 -17.61 -0.09 -16.53
N ARG A 452 -17.65 -0.78 -17.66
CA ARG A 452 -18.83 -0.74 -18.52
C ARG A 452 -20.13 -1.11 -17.80
N GLU A 453 -20.05 -1.95 -16.77
CA GLU A 453 -21.26 -2.38 -16.07
C GLU A 453 -21.57 -1.55 -14.82
N ALA A 454 -20.72 -0.56 -14.53
CA ALA A 454 -20.92 0.29 -13.37
C ALA A 454 -21.27 1.75 -13.75
N ILE A 455 -20.86 2.19 -14.94
CA ILE A 455 -21.13 3.54 -15.43
C ILE A 455 -21.77 3.53 -16.84
N LEU A 456 -23.05 3.85 -16.92
CA LEU A 456 -23.89 3.56 -18.10
C LEU A 456 -24.70 4.78 -18.60
N PRO A 457 -24.84 4.93 -19.93
CA PRO A 457 -25.66 6.02 -20.49
C PRO A 457 -27.08 5.51 -20.68
N THR A 458 -27.25 4.20 -20.51
CA THR A 458 -28.51 3.54 -20.79
C THR A 458 -29.38 3.49 -19.57
N LYS A 459 -30.67 3.64 -19.78
CA LYS A 459 -31.59 3.72 -18.65
C LYS A 459 -32.99 3.72 -19.21
N ALA A 460 -33.87 3.05 -18.51
CA ALA A 460 -35.24 3.00 -18.97
C ALA A 460 -36.11 2.68 -17.80
N THR A 461 -37.38 3.04 -17.92
CA THR A 461 -38.39 2.69 -16.94
C THR A 461 -39.34 1.73 -17.63
N LEU A 462 -39.36 0.48 -17.17
CA LEU A 462 -40.09 -0.57 -17.86
C LEU A 462 -41.26 -1.06 -17.04
N ASP A 463 -42.31 -1.48 -17.73
CA ASP A 463 -43.46 -2.07 -17.09
C ASP A 463 -43.27 -3.56 -17.17
N LEU A 464 -42.77 -4.13 -16.09
CA LEU A 464 -42.46 -5.53 -16.09
C LEU A 464 -43.51 -6.31 -15.32
N SER A 465 -44.66 -5.67 -15.10
CA SER A 465 -45.72 -6.30 -14.29
C SER A 465 -46.39 -7.46 -15.03
N ASN A 466 -46.44 -7.37 -16.35
CA ASN A 466 -46.94 -8.45 -17.19
C ASN A 466 -45.80 -9.05 -18.02
N GLN A 467 -45.57 -10.36 -17.91
CA GLN A 467 -44.50 -10.98 -18.68
C GLN A 467 -44.79 -11.08 -20.18
N ASN A 468 -45.98 -10.68 -20.61
CA ASN A 468 -46.33 -10.76 -22.02
C ASN A 468 -46.23 -9.46 -22.80
N ASN A 469 -45.82 -8.38 -22.15
CA ASN A 469 -45.70 -7.11 -22.88
C ASN A 469 -44.31 -6.90 -23.47
N GLU A 470 -44.18 -5.89 -24.32
CA GLU A 470 -42.93 -5.64 -25.05
C GLU A 470 -41.80 -5.29 -24.08
N ASP A 471 -42.12 -4.52 -23.05
CA ASP A 471 -41.14 -4.14 -22.05
C ASP A 471 -40.45 -5.37 -21.43
N PHE A 472 -41.23 -6.41 -21.14
CA PHE A 472 -40.63 -7.63 -20.60
C PHE A 472 -39.76 -8.38 -21.63
N SER A 473 -40.23 -8.40 -22.88
CA SER A 473 -39.48 -9.03 -23.96
C SER A 473 -38.10 -8.37 -24.16
N ALA A 474 -38.10 -7.04 -24.19
CA ALA A 474 -36.85 -6.29 -24.26
C ALA A 474 -35.94 -6.68 -23.10
N PHE A 475 -36.50 -6.62 -21.90
CA PHE A 475 -35.81 -7.05 -20.70
C PHE A 475 -35.20 -8.44 -20.87
N GLN A 476 -36.01 -9.41 -21.31
CA GLN A 476 -35.51 -10.76 -21.56
C GLN A 476 -34.37 -10.75 -22.55
N LEU A 477 -34.51 -9.95 -23.61
CA LEU A 477 -33.50 -9.89 -24.66
C LEU A 477 -32.15 -9.46 -24.11
N GLY A 478 -32.15 -8.42 -23.28
CA GLY A 478 -30.94 -7.95 -22.62
C GLY A 478 -30.37 -8.93 -21.61
N LEU A 479 -31.22 -9.55 -20.79
CA LEU A 479 -30.73 -10.60 -19.90
C LEU A 479 -30.06 -11.74 -20.67
N ALA A 480 -30.70 -12.18 -21.76
CA ALA A 480 -30.21 -13.34 -22.48
C ALA A 480 -28.89 -13.05 -23.19
N GLN A 481 -28.76 -11.87 -23.79
CA GLN A 481 -27.52 -11.50 -24.47
C GLN A 481 -26.38 -11.35 -23.47
N ALA A 482 -26.67 -10.83 -22.29
CA ALA A 482 -25.67 -10.72 -21.22
C ALA A 482 -25.31 -12.09 -20.71
N LEU A 483 -26.27 -13.01 -20.76
CA LEU A 483 -26.05 -14.35 -20.25
C LEU A 483 -25.39 -15.28 -21.28
N ASP A 484 -24.93 -14.68 -22.38
CA ASP A 484 -24.20 -15.38 -23.44
C ASP A 484 -25.05 -16.26 -24.36
N ILE A 485 -26.37 -16.06 -24.35
CA ILE A 485 -27.23 -16.67 -25.34
C ILE A 485 -27.10 -15.89 -26.65
N LYS A 486 -26.89 -16.58 -27.77
CA LYS A 486 -26.67 -15.89 -29.04
C LYS A 486 -27.97 -15.37 -29.64
N VAL A 487 -28.39 -14.20 -29.19
CA VAL A 487 -29.73 -13.70 -29.48
C VAL A 487 -29.99 -13.30 -30.94
N HIS A 488 -28.93 -13.09 -31.72
CA HIS A 488 -29.15 -12.75 -33.14
C HIS A 488 -29.38 -13.99 -34.00
N THR A 489 -29.25 -15.16 -33.40
CA THR A 489 -29.40 -16.40 -34.16
C THR A 489 -30.75 -17.06 -33.94
N MET A 490 -31.62 -16.44 -33.16
CA MET A 490 -32.93 -17.01 -32.89
C MET A 490 -33.95 -15.90 -32.76
N THR A 491 -35.21 -16.20 -33.01
CA THR A 491 -36.25 -15.18 -32.87
C THR A 491 -36.42 -14.83 -31.39
N ARG A 492 -37.06 -13.70 -31.15
CA ARG A 492 -37.35 -13.24 -29.78
C ARG A 492 -38.04 -14.33 -28.96
N GLU A 493 -39.00 -15.03 -29.58
CA GLU A 493 -39.80 -16.01 -28.86
C GLU A 493 -38.96 -17.19 -28.44
N VAL A 494 -38.17 -17.72 -29.38
CA VAL A 494 -37.29 -18.84 -29.06
C VAL A 494 -36.27 -18.44 -28.00
N MET A 495 -35.73 -17.22 -28.13
CA MET A 495 -34.86 -16.62 -27.13
C MET A 495 -35.51 -16.64 -25.74
N SER A 496 -36.76 -16.18 -25.68
CA SER A 496 -37.46 -16.09 -24.42
C SER A 496 -37.48 -17.43 -23.69
N ASP A 497 -37.76 -18.50 -24.44
CA ASP A 497 -37.84 -19.81 -23.84
C ASP A 497 -36.49 -20.27 -23.35
N GLU A 498 -35.45 -20.06 -24.16
CA GLU A 498 -34.09 -20.39 -23.76
C GLU A 498 -33.63 -19.64 -22.52
N LEU A 499 -33.98 -18.36 -22.41
CA LEU A 499 -33.65 -17.59 -21.21
C LEU A 499 -34.34 -18.19 -19.98
N THR A 500 -35.61 -18.53 -20.13
CA THR A 500 -36.40 -19.04 -19.02
C THR A 500 -35.82 -20.35 -18.49
N LYS A 501 -35.40 -21.22 -19.40
CA LYS A 501 -34.80 -22.50 -19.03
C LYS A 501 -33.52 -22.30 -18.21
N LEU A 502 -32.75 -21.28 -18.58
CA LEU A 502 -31.50 -20.93 -17.91
C LEU A 502 -31.77 -20.35 -16.52
N LEU A 503 -32.64 -19.36 -16.43
CA LEU A 503 -32.99 -18.75 -15.16
C LEU A 503 -33.61 -19.74 -14.16
N GLU A 504 -34.48 -20.61 -14.66
CA GLU A 504 -35.15 -21.59 -13.80
C GLU A 504 -34.26 -22.78 -13.45
N GLY A 505 -33.25 -23.04 -14.29
CA GLY A 505 -32.32 -24.12 -14.05
C GLY A 505 -31.02 -23.67 -13.41
N ASN A 506 -29.93 -23.75 -14.17
CA ASN A 506 -28.59 -23.51 -13.65
C ASN A 506 -28.32 -22.20 -12.94
N LEU A 507 -28.89 -21.12 -13.45
CA LEU A 507 -28.63 -19.81 -12.85
C LEU A 507 -29.38 -19.57 -11.55
N LYS A 508 -30.33 -20.45 -11.22
CA LYS A 508 -31.23 -20.22 -10.09
C LYS A 508 -30.57 -19.98 -8.71
N PRO A 509 -29.56 -20.79 -8.34
CA PRO A 509 -28.92 -20.54 -7.04
C PRO A 509 -28.16 -19.22 -6.99
N ALA A 510 -27.54 -18.81 -8.09
CA ALA A 510 -26.98 -17.46 -8.20
C ALA A 510 -28.07 -16.39 -8.11
N ILE A 511 -29.16 -16.57 -8.84
CA ILE A 511 -30.29 -15.64 -8.76
C ILE A 511 -30.77 -15.51 -7.30
N ASP A 512 -30.92 -16.65 -6.62
CA ASP A 512 -31.37 -16.64 -5.22
C ASP A 512 -30.40 -15.88 -4.34
N MET A 513 -29.10 -16.06 -4.61
CA MET A 513 -28.07 -15.36 -3.87
C MET A 513 -28.17 -13.85 -4.07
N MET A 514 -28.42 -13.43 -5.31
CA MET A 514 -28.49 -12.00 -5.63
C MET A 514 -29.77 -11.39 -5.08
N VAL A 515 -30.84 -12.19 -5.07
CA VAL A 515 -32.10 -11.79 -4.43
C VAL A 515 -31.83 -11.40 -2.99
N GLU A 516 -31.19 -12.31 -2.26
CA GLU A 516 -30.81 -12.07 -0.89
C GLU A 516 -29.90 -10.83 -0.78
N PHE A 517 -28.92 -10.71 -1.67
CA PHE A 517 -28.03 -9.56 -1.66
C PHE A 517 -28.79 -8.25 -1.82
N ASN A 518 -29.83 -8.26 -2.65
CA ASN A 518 -30.63 -7.07 -2.91
C ASN A 518 -31.66 -6.85 -1.83
N THR A 519 -31.58 -7.64 -0.77
CA THR A 519 -32.48 -7.51 0.37
C THR A 519 -31.74 -7.07 1.62
N THR A 520 -30.64 -7.74 1.91
CA THR A 520 -29.88 -7.50 3.14
C THR A 520 -28.57 -6.77 2.92
N GLY A 521 -28.12 -6.69 1.67
CA GLY A 521 -26.82 -6.11 1.38
C GLY A 521 -25.68 -7.10 1.62
N SER A 522 -26.02 -8.36 1.87
CA SER A 522 -25.03 -9.35 2.27
C SER A 522 -24.76 -10.44 1.21
N LEU A 523 -23.52 -10.90 1.19
CA LEU A 523 -23.10 -12.01 0.33
C LEU A 523 -22.59 -13.17 1.19
N PRO A 524 -22.85 -14.41 0.76
CA PRO A 524 -22.32 -15.56 1.52
C PRO A 524 -20.82 -15.66 1.28
N GLU A 525 -20.12 -16.41 2.12
CA GLU A 525 -18.68 -16.56 1.94
C GLU A 525 -18.32 -17.44 0.72
N ASN A 526 -19.27 -18.26 0.27
CA ASN A 526 -19.06 -19.05 -0.93
C ASN A 526 -19.58 -18.37 -2.22
N ALA A 527 -19.78 -17.05 -2.15
CA ALA A 527 -20.28 -16.25 -3.29
C ALA A 527 -19.56 -16.50 -4.62
N VAL A 528 -18.23 -16.60 -4.57
CA VAL A 528 -17.45 -16.89 -5.77
C VAL A 528 -17.81 -18.27 -6.37
N ASP A 529 -17.83 -19.31 -5.53
CA ASP A 529 -18.23 -20.64 -5.98
C ASP A 529 -19.65 -20.69 -6.53
N VAL A 530 -20.59 -19.98 -5.90
CA VAL A 530 -21.97 -19.99 -6.37
C VAL A 530 -22.07 -19.32 -7.74
N LEU A 531 -21.41 -18.17 -7.87
CA LEU A 531 -21.38 -17.46 -9.14
C LEU A 531 -20.68 -18.30 -10.20
N ASN A 532 -19.47 -18.73 -9.88
CA ASN A 532 -18.67 -19.47 -10.85
C ASN A 532 -19.38 -20.72 -11.35
N THR A 533 -19.93 -21.50 -10.43
CA THR A 533 -20.63 -22.73 -10.79
C THR A 533 -21.86 -22.47 -11.65
N ALA A 534 -22.67 -21.49 -11.26
CA ALA A 534 -23.92 -21.21 -11.96
C ALA A 534 -23.63 -20.72 -13.36
N LEU A 535 -22.63 -19.85 -13.48
CA LEU A 535 -22.32 -19.22 -14.75
C LEU A 535 -21.52 -20.09 -15.73
N GLY A 536 -20.60 -20.90 -15.22
CA GLY A 536 -19.73 -21.66 -16.10
C GLY A 536 -19.03 -20.77 -17.11
N ASP A 537 -19.17 -21.10 -18.39
CA ASP A 537 -18.53 -20.37 -19.50
C ASP A 537 -19.23 -19.06 -19.85
N ARG A 538 -20.39 -18.84 -19.24
CA ARG A 538 -21.15 -17.64 -19.50
C ARG A 538 -20.60 -16.49 -18.66
N LYS A 539 -19.68 -16.82 -17.76
CA LYS A 539 -19.14 -15.84 -16.81
C LYS A 539 -18.53 -14.60 -17.50
N SER A 540 -18.91 -13.43 -17.02
CA SER A 540 -18.44 -12.17 -17.58
C SER A 540 -19.03 -11.05 -16.74
N PHE A 541 -18.56 -9.82 -16.94
CA PHE A 541 -19.05 -8.70 -16.16
C PHE A 541 -20.50 -8.35 -16.46
N VAL A 542 -20.86 -8.42 -17.72
CA VAL A 542 -22.21 -8.11 -18.11
C VAL A 542 -23.20 -9.23 -17.67
N ALA A 543 -22.68 -10.44 -17.51
CA ALA A 543 -23.47 -11.51 -16.93
C ALA A 543 -23.83 -11.21 -15.47
N LEU A 544 -22.87 -10.63 -14.75
CA LEU A 544 -23.05 -10.29 -13.34
C LEU A 544 -24.12 -9.21 -13.27
N MET A 545 -24.10 -8.29 -14.23
CA MET A 545 -25.15 -7.28 -14.35
C MET A 545 -26.53 -7.91 -14.55
N ALA A 546 -26.59 -8.93 -15.40
CA ALA A 546 -27.84 -9.60 -15.72
C ALA A 546 -28.42 -10.31 -14.48
N LEU A 547 -27.56 -10.96 -13.73
CA LEU A 547 -28.01 -11.64 -12.52
C LEU A 547 -28.47 -10.58 -11.52
N MET A 548 -27.80 -9.43 -11.53
CA MET A 548 -28.14 -8.35 -10.63
C MET A 548 -29.49 -7.76 -11.01
N GLU A 549 -29.63 -7.36 -12.27
CA GLU A 549 -30.88 -6.80 -12.74
C GLU A 549 -32.05 -7.79 -12.67
N TYR A 550 -31.80 -9.08 -12.88
CA TYR A 550 -32.92 -10.00 -12.77
C TYR A 550 -33.38 -10.17 -11.32
N SER A 551 -32.42 -10.23 -10.40
CA SER A 551 -32.77 -10.32 -9.00
C SER A 551 -33.34 -9.01 -8.46
N ARG A 552 -32.88 -7.86 -8.97
CA ARG A 552 -33.46 -6.59 -8.54
C ARG A 552 -34.95 -6.51 -8.95
N TYR A 553 -35.23 -7.09 -10.11
CA TYR A 553 -36.59 -7.15 -10.65
C TYR A 553 -37.47 -8.00 -9.75
N LEU A 554 -36.95 -9.17 -9.36
CA LEU A 554 -37.70 -10.09 -8.52
C LEU A 554 -38.15 -9.42 -7.21
N VAL A 555 -37.25 -8.71 -6.53
CA VAL A 555 -37.64 -8.09 -5.27
C VAL A 555 -38.23 -6.70 -5.44
N ALA A 556 -38.31 -6.21 -6.67
CA ALA A 556 -38.87 -4.86 -6.90
C ALA A 556 -40.31 -4.71 -6.35
N GLU A 557 -40.60 -3.54 -5.81
CA GLU A 557 -41.89 -3.28 -5.20
C GLU A 557 -42.89 -2.87 -6.24
N ASP A 558 -42.44 -2.10 -7.21
CA ASP A 558 -43.29 -1.66 -8.31
C ASP A 558 -42.71 -2.18 -9.62
N LYS A 559 -43.18 -3.35 -10.03
CA LYS A 559 -42.66 -3.96 -11.24
C LYS A 559 -43.12 -3.20 -12.47
N SER A 560 -44.15 -2.38 -12.29
CA SER A 560 -44.74 -1.63 -13.40
C SER A 560 -43.90 -0.40 -13.77
N ALA A 561 -42.92 -0.07 -12.93
CA ALA A 561 -42.04 1.03 -13.23
C ALA A 561 -40.61 0.72 -12.77
N PHE A 562 -40.10 -0.42 -13.23
CA PHE A 562 -38.76 -0.87 -12.88
C PHE A 562 -37.71 -0.10 -13.64
N VAL A 563 -36.79 0.53 -12.91
CA VAL A 563 -35.74 1.32 -13.52
C VAL A 563 -34.41 0.55 -13.63
N THR A 564 -33.85 0.49 -14.84
CA THR A 564 -32.69 -0.34 -15.09
C THR A 564 -31.83 0.23 -16.21
N PRO A 565 -30.49 0.13 -16.07
CA PRO A 565 -29.54 0.50 -17.10
C PRO A 565 -29.16 -0.70 -18.00
N LEU A 566 -29.72 -1.88 -17.72
CA LEU A 566 -29.49 -3.06 -18.56
C LEU A 566 -29.66 -2.71 -20.03
N TYR A 567 -28.74 -3.14 -20.89
CA TYR A 567 -28.82 -2.76 -22.30
C TYR A 567 -28.88 -3.96 -23.23
N VAL A 568 -29.22 -3.71 -24.49
CA VAL A 568 -29.03 -4.66 -25.57
C VAL A 568 -28.03 -4.04 -26.52
N GLU A 569 -27.01 -4.81 -26.90
CA GLU A 569 -26.07 -4.31 -27.88
C GLU A 569 -26.54 -4.67 -29.28
N ALA A 570 -26.79 -3.67 -30.11
CA ALA A 570 -26.90 -3.94 -31.54
C ALA A 570 -25.49 -4.22 -32.06
N ASP A 571 -25.23 -5.49 -32.36
CA ASP A 571 -23.87 -5.94 -32.64
C ASP A 571 -23.71 -6.38 -34.09
N GLY A 572 -22.71 -5.81 -34.73
CA GLY A 572 -22.36 -6.17 -36.11
C GLY A 572 -21.98 -7.63 -36.29
N VAL A 573 -22.54 -8.27 -37.32
CA VAL A 573 -22.28 -9.66 -37.58
C VAL A 573 -21.13 -9.79 -38.58
N THR A 574 -19.98 -10.24 -38.10
CA THR A 574 -18.75 -10.33 -38.90
C THR A 574 -18.49 -9.00 -39.64
N ASN A 575 -18.59 -7.91 -38.88
CA ASN A 575 -18.64 -6.54 -39.39
C ASN A 575 -17.52 -6.16 -40.39
N GLY A 576 -16.27 -6.28 -39.97
CA GLY A 576 -15.16 -5.97 -40.85
C GLY A 576 -15.19 -6.65 -42.23
N PRO A 577 -15.16 -8.00 -42.25
CA PRO A 577 -15.25 -8.74 -43.52
C PRO A 577 -16.48 -8.33 -44.35
N ILE A 578 -17.66 -8.29 -43.75
CA ILE A 578 -18.86 -7.92 -44.48
C ILE A 578 -18.77 -6.50 -45.06
N ASN A 579 -18.26 -5.55 -44.27
CA ASN A 579 -18.01 -4.21 -44.79
C ASN A 579 -17.07 -4.22 -46.00
N ALA A 580 -15.95 -4.92 -45.88
CA ALA A 580 -15.00 -5.01 -46.98
C ALA A 580 -15.67 -5.59 -48.24
N MET A 581 -16.46 -6.64 -48.07
CA MET A 581 -17.10 -7.28 -49.22
C MET A 581 -18.09 -6.35 -49.90
N MET A 582 -18.79 -5.54 -49.11
CA MET A 582 -19.75 -4.61 -49.67
C MET A 582 -19.07 -3.36 -50.26
N LEU A 583 -17.99 -2.93 -49.62
CA LEU A 583 -17.33 -1.68 -49.96
C LEU A 583 -16.38 -1.77 -51.16
N MET A 584 -15.70 -2.91 -51.31
CA MET A 584 -14.62 -3.02 -52.29
C MET A 584 -14.68 -4.19 -53.27
N THR A 585 -15.75 -4.97 -53.25
CA THR A 585 -15.94 -5.94 -54.33
C THR A 585 -16.36 -5.13 -55.56
N GLY A 586 -15.64 -5.27 -56.68
CA GLY A 586 -15.96 -4.46 -57.84
C GLY A 586 -16.34 -5.14 -59.14
N GLY A 587 -16.66 -6.43 -59.09
CA GLY A 587 -16.98 -7.14 -60.32
C GLY A 587 -18.46 -7.22 -60.62
N LEU A 588 -18.83 -8.22 -61.42
CA LEU A 588 -20.23 -8.54 -61.63
C LEU A 588 -20.74 -9.23 -60.38
N PHE A 589 -22.07 -9.26 -60.20
CA PHE A 589 -22.68 -9.98 -59.08
C PHE A 589 -22.62 -11.50 -59.27
N THR A 590 -22.24 -12.20 -58.21
CA THR A 590 -22.20 -13.67 -58.23
C THR A 590 -23.13 -14.28 -57.19
N PRO A 591 -23.73 -15.43 -57.51
CA PRO A 591 -24.60 -16.06 -56.50
C PRO A 591 -23.89 -16.43 -55.17
N ASP A 592 -22.61 -16.77 -55.22
CA ASP A 592 -21.87 -17.11 -54.00
C ASP A 592 -21.82 -15.88 -53.12
N TRP A 593 -21.58 -14.74 -53.74
CA TRP A 593 -21.55 -13.46 -53.03
C TRP A 593 -22.87 -13.14 -52.36
N ILE A 594 -23.96 -13.33 -53.09
CA ILE A 594 -25.30 -13.05 -52.57
C ILE A 594 -25.60 -13.90 -51.32
N ARG A 595 -25.26 -15.18 -51.39
CA ARG A 595 -25.42 -16.09 -50.26
C ARG A 595 -24.53 -15.70 -49.10
N ASN A 596 -23.28 -15.35 -49.41
CA ASN A 596 -22.33 -15.01 -48.37
C ASN A 596 -22.66 -13.68 -47.70
N ILE A 597 -23.03 -12.68 -48.50
CA ILE A 597 -23.30 -11.36 -47.95
C ILE A 597 -24.57 -11.41 -47.10
N ALA A 598 -25.43 -12.38 -47.41
CA ALA A 598 -26.61 -12.65 -46.59
C ALA A 598 -26.22 -12.99 -45.18
N LYS A 599 -25.07 -13.65 -45.00
CA LYS A 599 -24.63 -14.06 -43.66
C LYS A 599 -24.30 -12.86 -42.76
N GLY A 600 -24.20 -11.69 -43.37
CA GLY A 600 -23.88 -10.46 -42.66
C GLY A 600 -25.02 -9.45 -42.72
N GLY A 601 -26.21 -9.92 -43.02
CA GLY A 601 -27.39 -9.08 -42.86
C GLY A 601 -27.91 -8.31 -44.05
N LEU A 602 -27.26 -8.47 -45.21
CA LEU A 602 -27.78 -7.91 -46.45
C LEU A 602 -28.66 -8.92 -47.17
N PHE A 603 -29.97 -8.71 -47.08
CA PHE A 603 -30.94 -9.62 -47.71
C PHE A 603 -31.62 -9.01 -48.94
N ILE A 604 -31.56 -9.73 -50.04
CA ILE A 604 -32.16 -9.27 -51.29
C ILE A 604 -33.47 -10.02 -51.56
N GLY A 605 -34.56 -9.28 -51.75
CA GLY A 605 -35.82 -9.89 -52.11
C GLY A 605 -36.53 -10.57 -50.96
N SER A 606 -36.29 -10.08 -49.76
CA SER A 606 -36.94 -10.64 -48.57
C SER A 606 -37.37 -9.51 -47.65
N PRO A 607 -38.47 -8.83 -47.99
CA PRO A 607 -38.88 -7.68 -47.18
C PRO A 607 -39.03 -8.05 -45.71
N ASN A 608 -38.41 -7.21 -44.87
CA ASN A 608 -38.56 -7.29 -43.42
C ASN A 608 -37.79 -8.45 -42.79
N LYS A 609 -37.06 -9.21 -43.60
CA LYS A 609 -36.28 -10.34 -43.10
C LYS A 609 -35.27 -9.86 -42.05
N THR A 610 -35.14 -10.61 -40.96
CA THR A 610 -34.22 -10.24 -39.90
C THR A 610 -33.10 -11.25 -39.86
N MET A 611 -32.01 -10.88 -39.16
CA MET A 611 -30.91 -11.79 -38.98
C MET A 611 -31.36 -13.03 -38.19
N ASN A 612 -32.22 -12.82 -37.19
CA ASN A 612 -32.74 -13.94 -36.40
C ASN A 612 -33.48 -14.94 -37.30
N GLU A 613 -34.24 -14.45 -38.27
CA GLU A 613 -34.94 -15.35 -39.17
C GLU A 613 -33.99 -16.04 -40.15
N HIS A 614 -33.03 -15.30 -40.68
CA HIS A 614 -32.04 -15.87 -41.56
C HIS A 614 -31.38 -17.09 -40.93
N ARG A 615 -30.86 -16.90 -39.72
CA ARG A 615 -30.10 -17.92 -39.02
C ARG A 615 -30.97 -19.10 -38.59
N SER A 616 -32.24 -18.83 -38.33
CA SER A 616 -33.11 -19.89 -37.87
C SER A 616 -33.77 -20.68 -38.99
N THR A 617 -33.98 -20.07 -40.15
CA THR A 617 -34.69 -20.78 -41.20
C THR A 617 -33.96 -20.95 -42.53
N ALA A 618 -32.99 -20.10 -42.83
CA ALA A 618 -32.33 -20.16 -44.13
C ALA A 618 -30.90 -20.72 -44.10
N ASP A 619 -30.09 -20.25 -43.17
CA ASP A 619 -28.66 -20.54 -43.18
C ASP A 619 -28.09 -20.33 -41.78
N ASN A 620 -27.74 -21.42 -41.10
CA ASN A 620 -27.17 -21.32 -39.77
C ASN A 620 -25.67 -21.07 -39.75
N ASN A 621 -25.05 -20.99 -40.92
CA ASN A 621 -23.61 -20.77 -41.01
C ASN A 621 -23.27 -19.31 -41.31
N ASP A 622 -22.61 -18.63 -40.37
CA ASP A 622 -22.10 -17.29 -40.64
C ASP A 622 -20.85 -17.33 -41.52
N LEU A 623 -20.23 -16.18 -41.70
CA LEU A 623 -19.05 -16.08 -42.54
C LEU A 623 -17.84 -16.86 -41.97
N TYR A 624 -17.79 -17.00 -40.64
CA TYR A 624 -16.72 -17.74 -39.96
C TYR A 624 -16.85 -19.23 -40.19
N GLN A 625 -18.07 -19.73 -40.00
CA GLN A 625 -18.37 -21.13 -40.24
C GLN A 625 -18.08 -21.44 -41.70
N ALA A 626 -18.54 -20.57 -42.58
CA ALA A 626 -18.42 -20.77 -44.02
C ALA A 626 -16.97 -20.94 -44.49
N SER A 627 -16.06 -20.16 -43.91
CA SER A 627 -14.65 -20.22 -44.27
C SER A 627 -13.99 -21.42 -43.63
N THR A 628 -14.47 -21.79 -42.44
CA THR A 628 -14.05 -23.03 -41.78
C THR A 628 -14.41 -24.24 -42.63
N ASN A 629 -15.59 -24.20 -43.25
CA ASN A 629 -16.02 -25.28 -44.13
C ASN A 629 -15.19 -25.31 -45.40
N ALA A 630 -14.80 -24.12 -45.85
CA ALA A 630 -13.95 -23.99 -47.03
C ALA A 630 -12.55 -24.46 -46.71
N LEU A 631 -12.11 -24.23 -45.48
CA LEU A 631 -10.82 -24.71 -45.01
C LEU A 631 -10.81 -26.25 -44.99
N MET A 632 -11.94 -26.85 -44.59
CA MET A 632 -12.04 -28.31 -44.58
C MET A 632 -11.91 -28.88 -45.99
N GLU A 633 -12.52 -28.22 -46.97
CA GLU A 633 -12.36 -28.64 -48.34
C GLU A 633 -10.92 -28.51 -48.79
N SER A 634 -10.31 -27.40 -48.41
CA SER A 634 -8.97 -27.06 -48.89
C SER A 634 -7.93 -27.96 -48.22
N LEU A 635 -8.22 -28.36 -46.98
CA LEU A 635 -7.41 -29.33 -46.26
C LEU A 635 -7.52 -30.69 -46.95
N GLY A 636 -8.72 -31.03 -47.37
CA GLY A 636 -8.95 -32.25 -48.12
C GLY A 636 -8.14 -32.29 -49.39
N LYS A 637 -8.17 -31.20 -50.16
CA LYS A 637 -7.41 -31.10 -51.40
C LYS A 637 -5.92 -31.26 -51.15
N LEU A 638 -5.43 -30.70 -50.05
CA LEU A 638 -4.01 -30.80 -49.69
C LEU A 638 -3.61 -32.23 -49.34
N ARG A 639 -4.46 -32.91 -48.58
CA ARG A 639 -4.22 -34.31 -48.21
C ARG A 639 -4.19 -35.24 -49.41
N SER A 640 -4.89 -34.85 -50.48
CA SER A 640 -4.98 -35.68 -51.69
C SER A 640 -3.73 -35.61 -52.55
N ASN A 641 -3.23 -34.40 -52.78
CA ASN A 641 -2.03 -34.19 -53.59
C ASN A 641 -0.81 -34.86 -52.95
N TYR A 642 -0.95 -35.28 -51.70
CA TYR A 642 0.14 -35.93 -50.98
C TYR A 642 -0.32 -37.25 -50.42
N ALA A 643 -1.35 -37.82 -51.05
CA ALA A 643 -1.99 -39.04 -50.56
C ALA A 643 -1.04 -40.22 -50.30
N SER A 644 -0.05 -40.41 -51.16
CA SER A 644 0.90 -41.52 -50.99
C SER A 644 2.05 -41.20 -50.03
N ASN A 645 2.35 -39.91 -49.86
CA ASN A 645 3.43 -39.50 -48.98
C ASN A 645 3.03 -39.71 -47.50
N MET A 646 3.30 -40.91 -46.99
CA MET A 646 2.99 -41.24 -45.59
C MET A 646 3.64 -40.34 -44.52
N PRO A 647 4.91 -39.92 -44.74
CA PRO A 647 5.45 -38.97 -43.75
C PRO A 647 4.69 -37.66 -43.71
N ILE A 648 4.24 -37.16 -44.86
CA ILE A 648 3.48 -35.91 -44.91
C ILE A 648 2.08 -36.10 -44.32
N GLN A 649 1.41 -37.18 -44.69
CA GLN A 649 0.12 -37.54 -44.09
C GLN A 649 0.25 -37.61 -42.59
N SER A 650 1.25 -38.34 -42.11
CA SER A 650 1.46 -38.45 -40.67
C SER A 650 1.71 -37.11 -39.98
N GLN A 651 2.32 -36.17 -40.69
CA GLN A 651 2.72 -34.89 -40.13
C GLN A 651 1.51 -33.95 -39.95
N ILE A 652 0.61 -34.02 -40.93
CA ILE A 652 -0.66 -33.30 -40.88
C ILE A 652 -1.52 -33.91 -39.78
N ASP A 653 -1.50 -35.23 -39.67
CA ASP A 653 -2.25 -35.90 -38.62
C ASP A 653 -1.78 -35.43 -37.25
N SER A 654 -0.47 -35.25 -37.09
CA SER A 654 0.06 -34.88 -35.78
C SER A 654 -0.32 -33.46 -35.40
N LEU A 655 -0.31 -32.56 -36.37
CA LEU A 655 -0.75 -31.19 -36.13
C LEU A 655 -2.21 -31.20 -35.71
N LEU A 656 -3.06 -31.84 -36.52
CA LEU A 656 -4.48 -31.92 -36.22
C LEU A 656 -4.76 -32.58 -34.85
N SER A 657 -3.91 -33.52 -34.48
CA SER A 657 -4.03 -34.20 -33.20
C SER A 657 -3.67 -33.25 -32.06
N LEU A 658 -2.59 -32.50 -32.24
CA LEU A 658 -2.13 -31.58 -31.20
C LEU A 658 -3.16 -30.47 -30.97
N MET A 659 -3.70 -29.93 -32.06
CA MET A 659 -4.77 -28.94 -31.93
C MET A 659 -5.99 -29.56 -31.25
N ASP A 660 -6.34 -30.79 -31.65
CA ASP A 660 -7.50 -31.46 -31.06
C ASP A 660 -7.37 -31.66 -29.53
N LEU A 661 -6.16 -31.95 -29.10
CA LEU A 661 -5.87 -32.18 -27.69
C LEU A 661 -6.10 -30.95 -26.82
N PHE A 662 -5.92 -29.76 -27.38
CA PHE A 662 -5.85 -28.54 -26.57
C PHE A 662 -6.76 -27.39 -26.96
N LEU A 663 -7.32 -27.44 -28.16
CA LEU A 663 -8.25 -26.39 -28.60
C LEU A 663 -9.66 -26.95 -28.74
N PRO A 664 -10.66 -26.16 -28.34
CA PRO A 664 -12.05 -26.63 -28.34
C PRO A 664 -12.67 -26.63 -29.75
N ASP A 665 -12.06 -25.89 -30.67
CA ASP A 665 -12.60 -25.71 -32.02
C ASP A 665 -12.14 -26.76 -33.03
N ILE A 666 -11.21 -27.63 -32.65
CA ILE A 666 -10.77 -28.70 -33.52
C ILE A 666 -11.22 -30.03 -32.94
N ASN A 667 -12.21 -30.65 -33.57
CA ASN A 667 -12.66 -31.94 -33.12
C ASN A 667 -12.21 -33.07 -34.04
N LEU A 668 -11.55 -34.05 -33.44
CA LEU A 668 -11.22 -35.28 -34.13
C LEU A 668 -12.04 -36.41 -33.50
N GLY A 669 -12.86 -37.06 -34.32
CA GLY A 669 -13.66 -38.19 -33.87
C GLY A 669 -12.91 -39.50 -34.08
N GLU A 670 -13.52 -40.60 -33.65
CA GLU A 670 -12.88 -41.92 -33.75
C GLU A 670 -12.77 -42.43 -35.18
N ASN A 671 -13.73 -42.05 -36.03
CA ASN A 671 -13.67 -42.31 -37.46
C ASN A 671 -12.52 -41.61 -38.17
N GLY A 672 -11.86 -40.69 -37.47
CA GLY A 672 -10.89 -39.81 -38.07
C GLY A 672 -11.58 -38.57 -38.60
N ALA A 673 -12.88 -38.48 -38.32
CA ALA A 673 -13.72 -37.38 -38.78
C ALA A 673 -13.20 -36.03 -38.28
N LEU A 674 -13.19 -35.02 -39.15
CA LEU A 674 -12.68 -33.71 -38.79
C LEU A 674 -13.75 -32.63 -38.73
N GLU A 675 -14.14 -32.27 -37.51
CA GLU A 675 -15.13 -31.23 -37.30
C GLU A 675 -14.44 -29.96 -36.81
N LEU A 676 -14.70 -28.84 -37.48
CA LEU A 676 -14.09 -27.57 -37.09
C LEU A 676 -15.16 -26.52 -36.80
N LYS A 677 -15.04 -25.84 -35.66
CA LYS A 677 -16.02 -24.84 -35.25
C LYS A 677 -15.60 -23.46 -35.73
N ARG A 678 -16.60 -22.58 -35.91
CA ARG A 678 -16.39 -21.27 -36.53
C ARG A 678 -15.30 -20.45 -35.84
N GLY A 679 -15.09 -20.72 -34.56
CA GLY A 679 -14.09 -20.01 -33.76
C GLY A 679 -12.67 -19.92 -34.28
N ILE A 680 -12.08 -21.02 -34.78
CA ILE A 680 -10.71 -20.93 -35.28
C ILE A 680 -10.56 -19.92 -36.41
N ALA A 681 -11.64 -19.66 -37.14
CA ALA A 681 -11.56 -18.73 -38.26
C ALA A 681 -11.80 -17.27 -37.90
N LYS A 682 -12.35 -16.99 -36.72
CA LYS A 682 -12.72 -15.60 -36.34
C LYS A 682 -11.59 -14.57 -36.48
N ASN A 683 -10.50 -14.75 -35.76
CA ASN A 683 -9.37 -13.83 -35.89
C ASN A 683 -8.66 -13.92 -37.25
N PRO A 684 -8.35 -15.16 -37.73
CA PRO A 684 -7.66 -15.25 -39.01
C PRO A 684 -8.45 -14.65 -40.17
N LEU A 685 -9.77 -14.80 -40.20
CA LEU A 685 -10.56 -14.16 -41.25
C LEU A 685 -10.43 -12.66 -41.15
N THR A 686 -10.64 -12.13 -39.95
CA THR A 686 -10.55 -10.70 -39.70
C THR A 686 -9.20 -10.08 -40.12
N ILE A 687 -8.11 -10.56 -39.55
CA ILE A 687 -6.85 -9.89 -39.80
C ILE A 687 -6.35 -10.16 -41.20
N THR A 688 -6.82 -11.23 -41.84
CA THR A 688 -6.41 -11.53 -43.20
C THR A 688 -6.89 -10.46 -44.19
N ILE A 689 -8.16 -10.05 -44.04
CA ILE A 689 -8.70 -8.99 -44.88
C ILE A 689 -7.90 -7.71 -44.65
N TYR A 690 -7.36 -7.55 -43.45
CA TYR A 690 -6.66 -6.33 -43.06
C TYR A 690 -5.17 -6.33 -43.39
N GLY A 691 -4.75 -7.26 -44.24
CA GLY A 691 -3.41 -7.24 -44.80
C GLY A 691 -2.43 -8.18 -44.12
N SER A 692 -2.85 -8.82 -43.04
CA SER A 692 -1.97 -9.73 -42.32
C SER A 692 -1.48 -10.88 -43.19
N GLY A 693 -0.21 -11.23 -43.04
CA GLY A 693 0.35 -12.36 -43.75
C GLY A 693 0.03 -13.67 -43.06
N ALA A 694 0.27 -14.78 -43.75
CA ALA A 694 -0.08 -16.08 -43.20
C ALA A 694 0.81 -16.47 -42.01
N ARG A 695 2.04 -15.98 -42.00
CA ARG A 695 2.97 -16.34 -40.95
C ARG A 695 2.51 -15.83 -39.59
N GLY A 696 2.10 -14.55 -39.54
CA GLY A 696 1.57 -13.95 -38.33
C GLY A 696 0.37 -14.71 -37.79
N ILE A 697 -0.46 -15.22 -38.69
CA ILE A 697 -1.61 -16.03 -38.31
C ILE A 697 -1.18 -17.35 -37.69
N ALA A 698 -0.21 -18.03 -38.33
CA ALA A 698 0.29 -19.30 -37.84
C ALA A 698 0.82 -19.15 -36.44
N GLY A 699 1.47 -18.01 -36.21
CA GLY A 699 2.02 -17.72 -34.91
C GLY A 699 0.95 -17.60 -33.84
N LYS A 700 -0.14 -16.91 -34.15
CA LYS A 700 -1.20 -16.71 -33.18
C LYS A 700 -1.84 -18.06 -32.87
N LEU A 701 -2.04 -18.87 -33.91
CA LEU A 701 -2.58 -20.21 -33.71
C LEU A 701 -1.70 -21.03 -32.79
N VAL A 702 -0.40 -21.08 -33.09
CA VAL A 702 0.55 -21.77 -32.23
C VAL A 702 0.52 -21.23 -30.80
N SER A 703 0.39 -19.91 -30.69
CA SER A 703 0.37 -19.24 -29.40
C SER A 703 -0.81 -19.72 -28.54
N SER A 704 -1.96 -19.92 -29.17
CA SER A 704 -3.09 -20.48 -28.43
C SER A 704 -2.90 -21.97 -28.11
N VAL A 705 -2.20 -22.72 -28.96
CA VAL A 705 -1.87 -24.10 -28.64
C VAL A 705 -0.95 -24.15 -27.43
N THR A 706 0.17 -23.41 -27.51
CA THR A 706 1.13 -23.39 -26.41
C THR A 706 0.52 -22.91 -25.09
N ASP A 707 -0.38 -21.91 -25.18
CA ASP A 707 -1.03 -21.37 -23.99
C ASP A 707 -1.81 -22.44 -23.25
N ALA A 708 -2.57 -23.21 -24.01
CA ALA A 708 -3.36 -24.29 -23.44
C ALA A 708 -2.48 -25.39 -22.84
N ILE A 709 -1.35 -25.69 -23.49
CA ILE A 709 -0.39 -26.66 -22.98
C ILE A 709 0.23 -26.22 -21.66
N TYR A 710 0.73 -24.99 -21.62
CA TYR A 710 1.26 -24.39 -20.39
C TYR A 710 0.25 -24.50 -19.25
N GLU A 711 -0.99 -24.17 -19.55
CA GLU A 711 -2.08 -24.30 -18.58
C GLU A 711 -2.23 -25.72 -18.08
N ARG A 712 -2.36 -26.67 -19.02
CA ARG A 712 -2.54 -28.08 -18.67
C ARG A 712 -1.40 -28.57 -17.78
N MET A 713 -0.22 -28.00 -17.97
CA MET A 713 0.93 -28.30 -17.11
C MET A 713 0.72 -27.85 -15.65
N SER A 714 -0.09 -26.82 -15.44
CA SER A 714 -0.44 -26.41 -14.09
C SER A 714 -1.44 -27.40 -13.53
N ASP A 715 -2.34 -27.88 -14.39
CA ASP A 715 -3.31 -28.90 -14.01
C ASP A 715 -2.61 -30.17 -13.51
N VAL A 716 -1.47 -30.49 -14.12
CA VAL A 716 -0.67 -31.63 -13.71
C VAL A 716 -0.12 -31.43 -12.31
N LEU A 717 0.50 -30.28 -12.06
CA LEU A 717 1.09 -29.99 -10.75
C LEU A 717 0.02 -30.00 -9.67
N LYS A 718 -1.18 -29.57 -10.05
CA LYS A 718 -2.30 -29.45 -9.13
C LYS A 718 -2.95 -30.79 -8.83
N ALA A 719 -2.68 -31.78 -9.68
CA ALA A 719 -3.17 -33.14 -9.47
C ALA A 719 -2.08 -34.03 -8.88
N ARG A 720 -0.83 -33.63 -9.09
CA ARG A 720 0.33 -34.33 -8.55
C ARG A 720 0.48 -34.05 -7.05
N ALA A 721 -0.07 -32.92 -6.61
CA ALA A 721 0.00 -32.54 -5.21
C ALA A 721 -1.21 -33.06 -4.42
N LYS A 722 -2.30 -33.29 -5.14
CA LYS A 722 -3.55 -33.75 -4.56
C LYS A 722 -3.57 -35.27 -4.47
N ASP A 723 -2.60 -35.91 -5.13
CA ASP A 723 -2.46 -37.36 -5.18
C ASP A 723 -1.14 -37.72 -5.86
N PRO A 724 -0.04 -37.73 -5.10
CA PRO A 724 1.29 -38.02 -5.66
C PRO A 724 1.43 -39.42 -6.29
N ASN A 725 0.36 -40.21 -6.27
CA ASN A 725 0.37 -41.53 -6.88
C ASN A 725 -0.29 -41.54 -8.26
N ILE A 726 -0.82 -40.38 -8.65
CA ILE A 726 -1.46 -40.24 -9.95
C ILE A 726 -0.43 -40.54 -11.04
N SER A 727 -0.90 -41.15 -12.13
CA SER A 727 -0.01 -41.41 -13.26
C SER A 727 0.10 -40.15 -14.10
N ALA A 728 1.23 -39.99 -14.78
CA ALA A 728 1.47 -38.81 -15.61
C ALA A 728 0.30 -38.59 -16.55
N ALA A 729 -0.13 -39.66 -17.22
CA ALA A 729 -1.22 -39.60 -18.18
C ALA A 729 -2.54 -39.15 -17.54
N MET A 730 -2.79 -39.60 -16.32
CA MET A 730 -3.99 -39.18 -15.60
C MET A 730 -3.86 -37.75 -15.07
N ALA A 731 -2.65 -37.35 -14.67
CA ALA A 731 -2.40 -35.98 -14.22
C ALA A 731 -2.60 -34.96 -15.34
N MET A 732 -2.29 -35.36 -16.57
CA MET A 732 -2.37 -34.45 -17.70
C MET A 732 -3.69 -34.58 -18.46
N PHE A 733 -4.25 -35.79 -18.50
CA PHE A 733 -5.47 -36.02 -19.30
C PHE A 733 -6.60 -36.70 -18.54
N GLY A 734 -6.59 -36.62 -17.21
CA GLY A 734 -7.66 -37.19 -16.42
C GLY A 734 -9.00 -36.50 -16.64
N LYS A 735 -8.99 -35.17 -16.65
CA LYS A 735 -10.21 -34.40 -16.87
C LYS A 735 -10.68 -34.46 -18.33
N GLN A 736 -9.94 -35.17 -19.17
CA GLN A 736 -10.24 -35.21 -20.60
C GLN A 736 -10.48 -36.64 -21.11
N ALA A 737 -10.24 -37.63 -20.26
CA ALA A 737 -10.39 -39.03 -20.66
C ALA A 737 -11.50 -39.77 -19.92
N ALA A 738 -11.73 -41.00 -20.31
CA ALA A 738 -12.81 -41.81 -19.75
C ALA A 738 -12.28 -42.97 -18.90
N SER A 739 -10.97 -43.25 -19.00
CA SER A 739 -10.37 -44.34 -18.24
C SER A 739 -8.89 -44.11 -17.92
N GLU A 740 -8.21 -45.18 -17.55
CA GLU A 740 -6.79 -45.11 -17.22
C GLU A 740 -5.93 -45.28 -18.48
N ALA A 741 -6.24 -46.29 -19.27
CA ALA A 741 -5.48 -46.55 -20.50
C ALA A 741 -5.92 -45.58 -21.59
N HIS A 742 -7.13 -45.04 -21.42
CA HIS A 742 -7.68 -44.07 -22.35
C HIS A 742 -6.92 -42.75 -22.25
N ALA A 743 -6.50 -42.40 -21.04
CA ALA A 743 -5.69 -41.21 -20.82
C ALA A 743 -4.26 -41.47 -21.30
N GLU A 744 -3.86 -42.73 -21.24
CA GLU A 744 -2.52 -43.13 -21.61
C GLU A 744 -2.22 -42.88 -23.09
N GLU A 745 -3.23 -43.04 -23.93
CA GLU A 745 -3.05 -42.86 -25.37
C GLU A 745 -3.04 -41.38 -25.77
N LEU A 746 -3.75 -40.55 -25.01
CA LEU A 746 -3.65 -39.11 -25.19
C LEU A 746 -2.25 -38.63 -24.83
N LEU A 747 -1.69 -39.14 -23.73
CA LEU A 747 -0.31 -38.81 -23.39
C LEU A 747 0.64 -39.27 -24.50
N ALA A 748 0.27 -40.38 -25.13
CA ALA A 748 1.07 -40.93 -26.24
C ALA A 748 0.92 -40.06 -27.48
N ARG A 749 -0.30 -39.58 -27.74
CA ARG A 749 -0.50 -38.66 -28.85
C ARG A 749 0.30 -37.39 -28.63
N PHE A 750 0.17 -36.80 -27.45
CA PHE A 750 0.88 -35.56 -27.13
C PHE A 750 2.39 -35.66 -27.39
N LEU A 751 3.06 -36.57 -26.71
CA LEU A 751 4.52 -36.70 -26.81
C LEU A 751 4.95 -36.98 -28.24
N LYS A 752 4.17 -37.80 -28.95
CA LYS A 752 4.47 -38.09 -30.35
C LYS A 752 4.30 -36.85 -31.22
N ASP A 753 3.19 -36.15 -31.04
CA ASP A 753 2.92 -34.94 -31.82
C ASP A 753 3.99 -33.88 -31.59
N MET A 754 4.33 -33.62 -30.34
CA MET A 754 5.36 -32.63 -30.04
C MET A 754 6.69 -33.02 -30.67
N GLU A 755 6.97 -34.31 -30.66
CA GLU A 755 8.21 -34.84 -31.18
C GLU A 755 8.32 -34.61 -32.68
N THR A 756 7.29 -35.00 -33.41
CA THR A 756 7.35 -34.89 -34.86
C THR A 756 7.18 -33.45 -35.33
N LEU A 757 6.42 -32.64 -34.59
CA LEU A 757 6.14 -31.28 -35.02
C LEU A 757 7.31 -30.34 -34.74
N THR A 758 8.28 -30.79 -33.95
CA THR A 758 9.43 -29.94 -33.61
C THR A 758 10.73 -30.42 -34.24
N SER A 759 10.78 -31.69 -34.61
CA SER A 759 11.98 -32.25 -35.24
C SER A 759 11.90 -32.22 -36.76
N THR A 760 10.68 -32.08 -37.29
CA THR A 760 10.43 -32.08 -38.73
C THR A 760 9.53 -30.92 -39.18
N VAL A 761 10.00 -30.14 -40.13
CA VAL A 761 9.22 -29.04 -40.68
C VAL A 761 9.00 -29.18 -42.18
N PRO A 762 7.87 -28.64 -42.68
CA PRO A 762 7.60 -28.59 -44.12
C PRO A 762 8.18 -27.34 -44.74
N VAL A 763 8.77 -27.48 -45.92
CA VAL A 763 9.32 -26.36 -46.66
C VAL A 763 8.78 -26.45 -48.06
N LYS A 764 8.54 -25.29 -48.68
CA LYS A 764 8.02 -25.28 -50.04
C LYS A 764 9.17 -25.12 -51.01
N ARG A 765 9.28 -26.05 -51.94
CA ARG A 765 10.30 -25.98 -52.97
C ARG A 765 9.70 -26.35 -54.33
N LYS A 766 9.71 -25.37 -55.22
CA LYS A 766 9.19 -25.54 -56.58
C LYS A 766 7.69 -25.85 -56.57
N GLY A 767 6.99 -25.32 -55.58
CA GLY A 767 5.55 -25.45 -55.48
C GLY A 767 5.11 -26.66 -54.68
N VAL A 768 6.09 -27.44 -54.23
CA VAL A 768 5.83 -28.70 -53.53
C VAL A 768 6.31 -28.64 -52.07
N LEU A 769 5.58 -29.30 -51.17
CA LEU A 769 6.02 -29.40 -49.78
C LEU A 769 7.00 -30.55 -49.58
N GLU A 770 8.06 -30.28 -48.84
CA GLU A 770 9.04 -31.30 -48.50
C GLU A 770 9.32 -31.27 -47.00
N LEU A 771 9.39 -32.44 -46.38
CA LEU A 771 9.72 -32.49 -44.98
C LEU A 771 11.22 -32.37 -44.82
N GLN A 772 11.63 -31.72 -43.73
CA GLN A 772 13.03 -31.50 -43.46
C GLN A 772 13.27 -31.67 -41.96
N SER A 773 14.41 -32.24 -41.59
CA SER A 773 14.76 -32.37 -40.17
C SER A 773 15.32 -31.06 -39.68
N THR A 774 14.96 -30.69 -38.45
CA THR A 774 15.49 -29.48 -37.85
C THR A 774 16.75 -29.82 -37.05
N GLY A 775 16.82 -31.06 -36.57
CA GLY A 775 17.89 -31.45 -35.69
C GLY A 775 17.78 -30.76 -34.34
N THR A 776 16.62 -30.17 -34.06
CA THR A 776 16.38 -29.54 -32.77
C THR A 776 15.02 -29.96 -32.22
N GLY A 777 14.66 -31.22 -32.46
CA GLY A 777 13.43 -31.79 -31.95
C GLY A 777 13.35 -31.78 -30.44
N ALA A 778 12.13 -31.84 -29.92
CA ALA A 778 11.90 -31.84 -28.48
C ALA A 778 12.21 -33.21 -27.86
N LYS A 779 13.14 -33.23 -26.92
CA LYS A 779 13.49 -34.46 -26.20
C LYS A 779 13.73 -34.21 -24.71
N GLY A 780 13.25 -35.11 -23.87
CA GLY A 780 13.43 -35.02 -22.43
C GLY A 780 12.20 -35.34 -21.60
N LYS A 781 12.41 -35.71 -20.35
CA LYS A 781 11.31 -35.90 -19.41
C LYS A 781 10.70 -34.53 -19.15
N ILE A 782 9.37 -34.46 -19.11
CA ILE A 782 8.70 -33.18 -18.91
C ILE A 782 8.66 -32.78 -17.44
N ASN A 783 9.04 -31.54 -17.18
CA ASN A 783 8.94 -30.93 -15.85
C ASN A 783 7.89 -29.84 -15.89
N PRO A 784 6.66 -30.19 -15.47
CA PRO A 784 5.43 -29.39 -15.60
C PRO A 784 5.54 -27.95 -15.10
N LYS A 785 6.52 -27.66 -14.26
CA LYS A 785 6.68 -26.31 -13.74
C LYS A 785 7.50 -25.41 -14.65
N THR A 786 8.63 -25.93 -15.14
CA THR A 786 9.55 -25.13 -15.96
C THR A 786 9.34 -25.34 -17.46
N TYR A 787 8.55 -26.35 -17.82
CA TYR A 787 8.30 -26.73 -19.22
C TYR A 787 8.04 -25.56 -20.13
N THR A 788 8.77 -25.49 -21.23
CA THR A 788 8.68 -24.33 -22.10
C THR A 788 9.02 -24.68 -23.54
N ILE A 789 8.11 -24.42 -24.45
CA ILE A 789 8.42 -24.49 -25.86
C ILE A 789 8.98 -23.14 -26.26
N LYS A 790 10.27 -23.12 -26.60
CA LYS A 790 10.89 -21.87 -27.03
C LYS A 790 11.79 -22.07 -28.20
N GLY A 791 11.99 -20.98 -28.94
CA GLY A 791 13.06 -20.91 -29.92
C GLY A 791 12.82 -21.69 -31.19
N GLU A 792 13.76 -22.57 -31.49
CA GLU A 792 13.72 -23.39 -32.69
C GLU A 792 12.53 -24.34 -32.72
N GLN A 793 11.96 -24.59 -31.55
CA GLN A 793 10.79 -25.47 -31.45
C GLN A 793 9.50 -24.71 -31.71
N LEU A 794 9.41 -23.47 -31.25
CA LEU A 794 8.27 -22.63 -31.58
C LEU A 794 8.20 -22.44 -33.08
N LYS A 795 9.33 -22.02 -33.65
CA LYS A 795 9.47 -21.83 -35.09
C LYS A 795 9.05 -23.06 -35.90
N ALA A 796 9.50 -24.23 -35.47
CA ALA A 796 9.06 -25.50 -36.03
C ALA A 796 7.53 -25.69 -36.01
N LEU A 797 6.91 -25.51 -34.84
CA LEU A 797 5.46 -25.59 -34.70
C LEU A 797 4.81 -24.65 -35.69
N GLN A 798 5.35 -23.45 -35.75
CA GLN A 798 4.82 -22.41 -36.62
C GLN A 798 4.91 -22.81 -38.08
N GLU A 799 6.04 -23.40 -38.48
CA GLU A 799 6.23 -23.86 -39.85
C GLU A 799 5.22 -24.94 -40.23
N ASN A 800 5.00 -25.89 -39.32
CA ASN A 800 3.97 -26.90 -39.52
C ASN A 800 2.56 -26.27 -39.60
N MET A 801 2.27 -25.39 -38.65
CA MET A 801 0.98 -24.73 -38.58
C MET A 801 0.74 -23.97 -39.87
N LEU A 802 1.78 -23.31 -40.34
CA LEU A 802 1.72 -22.49 -41.55
C LEU A 802 1.28 -23.27 -42.79
N HIS A 803 2.03 -24.32 -43.13
CA HIS A 803 1.80 -25.02 -44.41
C HIS A 803 0.65 -26.03 -44.39
N PHE A 804 0.30 -26.52 -43.22
CA PHE A 804 -0.68 -27.60 -43.14
C PHE A 804 -2.06 -27.14 -42.68
N PHE A 805 -2.18 -25.91 -42.22
CA PHE A 805 -3.44 -25.39 -41.69
C PHE A 805 -3.75 -23.97 -42.19
N VAL A 806 -2.84 -23.03 -41.92
CA VAL A 806 -3.07 -21.65 -42.30
C VAL A 806 -3.24 -21.45 -43.81
N GLU A 807 -2.35 -22.02 -44.60
CA GLU A 807 -2.45 -21.89 -46.07
C GLU A 807 -3.75 -22.48 -46.64
N PRO A 808 -4.18 -23.66 -46.16
CA PRO A 808 -5.54 -24.04 -46.56
C PRO A 808 -6.60 -23.07 -46.05
N LEU A 809 -6.47 -22.61 -44.81
CA LEU A 809 -7.39 -21.62 -44.25
C LEU A 809 -7.44 -20.34 -45.10
N ARG A 810 -6.28 -19.85 -45.53
CA ARG A 810 -6.21 -18.67 -46.39
C ARG A 810 -6.94 -18.86 -47.70
N ASN A 811 -6.81 -20.05 -48.28
CA ASN A 811 -7.56 -20.38 -49.49
C ASN A 811 -9.06 -20.34 -49.20
N GLY A 812 -9.44 -20.96 -48.08
CA GLY A 812 -10.82 -20.96 -47.65
C GLY A 812 -11.40 -19.57 -47.50
N ILE A 813 -10.64 -18.67 -46.91
CA ILE A 813 -11.05 -17.29 -46.70
C ILE A 813 -11.27 -16.58 -48.04
N THR A 814 -10.34 -16.74 -48.96
CA THR A 814 -10.47 -16.09 -50.27
C THR A 814 -11.68 -16.59 -51.04
N GLN A 815 -11.93 -17.89 -50.98
CA GLN A 815 -13.10 -18.47 -51.63
C GLN A 815 -14.38 -17.95 -50.97
N THR A 816 -14.29 -17.56 -49.71
CA THR A 816 -15.46 -17.08 -48.97
C THR A 816 -15.82 -15.59 -49.21
N VAL A 817 -14.84 -14.71 -49.02
CA VAL A 817 -15.09 -13.28 -49.14
C VAL A 817 -15.04 -12.89 -50.60
N GLY A 818 -14.56 -13.81 -51.44
CA GLY A 818 -14.57 -13.59 -52.89
C GLY A 818 -13.25 -13.05 -53.39
N GLU A 819 -12.83 -13.50 -54.57
CA GLU A 819 -11.54 -13.11 -55.12
C GLU A 819 -11.52 -11.68 -55.63
N SER A 820 -12.69 -11.13 -55.93
CA SER A 820 -12.75 -9.74 -56.37
C SER A 820 -12.27 -8.79 -55.26
N LEU A 821 -12.76 -9.02 -54.04
CA LEU A 821 -12.33 -8.26 -52.87
C LEU A 821 -10.83 -8.38 -52.65
N VAL A 822 -10.33 -9.61 -52.71
CA VAL A 822 -8.90 -9.83 -52.53
C VAL A 822 -8.13 -8.98 -53.54
N TYR A 823 -8.63 -8.93 -54.78
CA TYR A 823 -7.97 -8.15 -55.81
C TYR A 823 -8.00 -6.62 -55.54
N SER A 824 -9.14 -6.11 -55.10
CA SER A 824 -9.24 -4.69 -54.76
C SER A 824 -8.27 -4.31 -53.64
N THR A 825 -8.26 -5.10 -52.58
CA THR A 825 -7.40 -4.80 -51.44
C THR A 825 -5.92 -4.85 -51.76
N GLU A 826 -5.53 -5.68 -52.74
CA GLU A 826 -4.13 -5.70 -53.19
C GLU A 826 -3.79 -4.38 -53.88
N GLN A 827 -4.68 -3.93 -54.76
CA GLN A 827 -4.48 -2.69 -55.48
C GLN A 827 -4.47 -1.48 -54.55
N LEU A 828 -5.40 -1.46 -53.60
CA LEU A 828 -5.45 -0.41 -52.60
C LEU A 828 -4.13 -0.41 -51.83
N GLN A 829 -3.65 -1.60 -51.47
CA GLN A 829 -2.41 -1.70 -50.73
C GLN A 829 -1.21 -1.17 -51.54
N LYS A 830 -1.09 -1.59 -52.80
CA LYS A 830 0.02 -1.17 -53.63
C LYS A 830 0.05 0.34 -53.82
N ALA A 831 -1.11 0.90 -54.14
CA ALA A 831 -1.27 2.32 -54.41
C ALA A 831 -0.89 3.21 -53.23
N THR A 832 -1.46 2.90 -52.07
CA THR A 832 -1.17 3.65 -50.87
C THR A 832 0.26 3.43 -50.41
N GLN A 833 0.79 2.24 -50.68
CA GLN A 833 2.19 1.95 -50.35
C GLN A 833 3.15 2.74 -51.24
N ILE A 834 2.93 2.66 -52.55
CA ILE A 834 3.72 3.42 -53.51
C ILE A 834 3.70 4.92 -53.17
N GLN A 835 2.52 5.41 -52.85
CA GLN A 835 2.34 6.82 -52.55
C GLN A 835 3.14 7.19 -51.31
N SER A 836 3.05 6.37 -50.27
CA SER A 836 3.71 6.69 -49.02
C SER A 836 5.24 6.66 -49.16
N VAL A 837 5.73 5.83 -50.08
CA VAL A 837 7.18 5.72 -50.31
C VAL A 837 7.73 7.00 -50.92
N VAL A 838 7.02 7.53 -51.91
CA VAL A 838 7.45 8.78 -52.50
C VAL A 838 7.39 9.92 -51.49
N LEU A 839 6.26 10.03 -50.80
CA LEU A 839 6.11 11.07 -49.78
C LEU A 839 7.26 11.02 -48.77
N GLU A 840 7.50 9.84 -48.20
CA GLU A 840 8.54 9.66 -47.20
C GLU A 840 9.92 10.04 -47.75
N ASP A 841 10.19 9.67 -48.99
CA ASP A 841 11.49 9.90 -49.59
C ASP A 841 11.68 11.36 -49.99
N MET A 842 10.64 11.98 -50.56
CA MET A 842 10.72 13.39 -50.91
C MET A 842 10.88 14.22 -49.65
N PHE A 843 10.13 13.88 -48.61
CA PHE A 843 10.22 14.60 -47.35
C PHE A 843 11.65 14.53 -46.79
N LYS A 844 12.23 13.33 -46.72
CA LYS A 844 13.59 13.18 -46.22
C LYS A 844 14.60 14.00 -47.03
N GLN A 845 14.48 13.95 -48.36
CA GLN A 845 15.38 14.72 -49.23
C GLN A 845 15.27 16.23 -49.05
N ARG A 846 14.05 16.77 -49.00
CA ARG A 846 13.86 18.21 -48.87
C ARG A 846 14.42 18.71 -47.55
N VAL A 847 14.37 17.82 -46.54
CA VAL A 847 14.98 18.05 -45.24
C VAL A 847 16.50 18.14 -45.35
N GLN A 848 17.12 17.20 -46.07
CA GLN A 848 18.57 17.23 -46.26
C GLN A 848 19.03 18.44 -47.05
N GLU A 849 18.21 18.87 -48.00
CA GLU A 849 18.51 20.08 -48.76
C GLU A 849 18.52 21.30 -47.84
N LYS A 850 17.55 21.38 -46.94
CA LYS A 850 17.50 22.49 -46.00
C LYS A 850 18.66 22.46 -44.99
N LEU A 851 19.01 21.27 -44.50
CA LEU A 851 20.14 21.15 -43.59
C LEU A 851 21.48 21.49 -44.27
N ALA A 852 21.58 21.24 -45.56
CA ALA A 852 22.77 21.59 -46.31
C ALA A 852 22.91 23.11 -46.47
N GLU A 853 21.78 23.82 -46.43
CA GLU A 853 21.81 25.28 -46.43
C GLU A 853 22.27 25.80 -45.07
N LYS A 854 21.70 25.22 -44.01
CA LYS A 854 21.96 25.65 -42.63
C LYS A 854 23.45 25.59 -42.30
N ALA A 855 24.16 24.68 -42.96
CA ALA A 855 25.60 24.53 -42.74
C ALA A 855 26.39 25.77 -43.16
N LYS A 856 25.78 26.61 -43.99
CA LYS A 856 26.44 27.84 -44.42
C LYS A 856 26.10 28.96 -43.46
N ASP A 857 24.97 28.83 -42.78
CA ASP A 857 24.58 29.76 -41.74
C ASP A 857 25.50 29.60 -40.54
N PRO A 858 26.23 30.65 -40.18
CA PRO A 858 27.12 30.62 -39.01
C PRO A 858 26.38 30.55 -37.65
N THR A 859 25.18 31.09 -37.56
CA THR A 859 24.39 30.99 -36.34
C THR A 859 23.92 29.55 -36.04
N TRP A 860 23.81 28.74 -37.09
CA TRP A 860 23.23 27.42 -36.96
C TRP A 860 24.30 26.42 -36.58
N LYS A 861 23.96 25.49 -35.70
CA LYS A 861 24.88 24.44 -35.33
C LYS A 861 24.25 23.08 -35.66
N LYS A 862 25.08 22.12 -36.05
CA LYS A 862 24.58 20.77 -36.28
C LYS A 862 24.02 20.27 -34.96
N GLY A 863 22.75 19.90 -34.98
CA GLY A 863 22.04 19.52 -33.77
C GLY A 863 20.80 20.38 -33.59
N ASP A 864 20.84 21.61 -34.07
CA ASP A 864 19.68 22.51 -34.01
C ASP A 864 18.50 22.06 -34.89
N PHE A 865 18.82 21.41 -36.00
CA PHE A 865 17.79 20.91 -36.93
C PHE A 865 16.99 22.06 -37.60
N LEU A 866 15.78 21.78 -38.05
CA LEU A 866 15.00 22.80 -38.73
C LEU A 866 14.02 23.50 -37.80
N THR A 867 13.47 24.61 -38.29
CA THR A 867 12.42 25.33 -37.57
C THR A 867 11.07 24.74 -37.94
N GLN A 868 10.04 25.04 -37.16
CA GLN A 868 8.72 24.50 -37.49
C GLN A 868 8.26 25.08 -38.82
N LYS A 869 8.51 26.38 -39.01
CA LYS A 869 8.17 27.04 -40.25
C LYS A 869 8.80 26.31 -41.45
N GLU A 870 10.08 25.99 -41.37
CA GLU A 870 10.76 25.21 -42.40
C GLU A 870 10.12 23.85 -42.66
N LEU A 871 9.78 23.13 -41.59
CA LEU A 871 9.14 21.82 -41.72
C LEU A 871 7.76 21.94 -42.35
N ASN A 872 7.03 22.99 -41.97
CA ASN A 872 5.70 23.25 -42.52
C ASN A 872 5.76 23.55 -44.01
N ASP A 873 6.79 24.29 -44.43
CA ASP A 873 7.01 24.56 -45.85
C ASP A 873 7.19 23.24 -46.64
N ILE A 874 8.05 22.37 -46.12
CA ILE A 874 8.34 21.09 -46.75
C ILE A 874 7.10 20.20 -46.78
N GLN A 875 6.36 20.18 -45.68
CA GLN A 875 5.12 19.41 -45.60
C GLN A 875 4.11 19.91 -46.63
N ALA A 876 4.11 21.22 -46.87
CA ALA A 876 3.20 21.85 -47.81
C ALA A 876 3.64 21.61 -49.24
N SER A 877 4.95 21.52 -49.46
CA SER A 877 5.49 21.26 -50.79
C SER A 877 5.11 19.88 -51.34
N LEU A 878 4.57 19.02 -50.48
CA LEU A 878 4.13 17.69 -50.88
C LEU A 878 2.63 17.60 -51.20
N ASN A 879 1.90 18.70 -51.03
CA ASN A 879 0.45 18.69 -51.25
C ASN A 879 0.03 18.21 -52.65
N ASN A 880 0.84 18.51 -53.67
CA ASN A 880 0.49 18.09 -55.00
C ASN A 880 0.61 16.57 -55.19
N LEU A 881 1.15 15.88 -54.19
CA LEU A 881 1.17 14.42 -54.20
C LEU A 881 -0.03 13.84 -53.45
N ALA A 882 -0.91 14.73 -53.00
CA ALA A 882 -2.18 14.35 -52.37
C ALA A 882 -2.03 13.37 -51.19
N PRO A 883 -1.23 13.74 -50.19
CA PRO A 883 -1.07 12.80 -49.07
C PRO A 883 -2.39 12.42 -48.37
N MET A 884 -3.44 13.23 -48.50
CA MET A 884 -4.72 12.97 -47.82
C MET A 884 -5.69 12.24 -48.72
N ILE A 885 -6.58 11.49 -48.09
CA ILE A 885 -7.70 10.90 -48.78
C ILE A 885 -8.97 11.52 -48.24
N GLU A 886 -9.83 12.02 -49.12
CA GLU A 886 -11.05 12.68 -48.70
C GLU A 886 -12.26 11.86 -49.11
N THR A 887 -13.28 11.83 -48.26
CA THR A 887 -14.51 11.12 -48.59
C THR A 887 -15.65 12.10 -48.68
N GLY A 888 -15.44 13.30 -48.13
CA GLY A 888 -16.48 14.29 -47.99
C GLY A 888 -16.79 14.48 -46.53
N SER A 889 -16.85 13.37 -45.80
CA SER A 889 -17.09 13.40 -44.36
C SER A 889 -15.91 12.90 -43.53
N GLN A 890 -14.88 12.38 -44.20
CA GLN A 890 -13.72 11.84 -43.49
C GLN A 890 -12.42 12.14 -44.22
N THR A 891 -11.34 12.20 -43.45
CA THR A 891 -10.04 12.49 -44.01
C THR A 891 -9.04 11.48 -43.47
N PHE A 892 -8.34 10.80 -44.38
CA PHE A 892 -7.32 9.83 -43.97
C PHE A 892 -5.93 10.24 -44.46
N TYR A 893 -4.93 10.07 -43.59
CA TYR A 893 -3.54 10.37 -43.92
C TYR A 893 -2.78 9.11 -43.60
N ILE A 894 -2.66 8.22 -44.57
CA ILE A 894 -2.10 6.90 -44.32
C ILE A 894 -0.62 6.96 -43.99
N ALA A 895 0.14 7.77 -44.71
CA ALA A 895 1.57 7.85 -44.49
C ALA A 895 1.93 8.52 -43.15
N GLY A 896 0.98 9.24 -42.57
CA GLY A 896 1.25 10.07 -41.41
C GLY A 896 1.87 9.30 -40.28
N SER A 897 2.96 9.86 -39.73
CA SER A 897 3.59 9.26 -38.56
C SER A 897 4.52 10.21 -37.79
N GLU A 898 5.02 9.69 -36.69
CA GLU A 898 5.96 10.39 -35.84
C GLU A 898 7.17 9.46 -35.72
N ASN A 899 8.30 9.82 -36.28
CA ASN A 899 9.44 8.89 -36.31
C ASN A 899 10.81 9.53 -36.11
N ALA A 900 11.77 8.71 -35.72
CA ALA A 900 13.12 9.18 -35.44
C ALA A 900 14.06 9.16 -36.66
N GLU A 901 13.55 8.68 -37.80
CA GLU A 901 14.42 8.45 -38.95
C GLU A 901 14.71 9.71 -39.76
N VAL A 902 13.90 10.74 -39.58
CA VAL A 902 14.05 11.93 -40.39
C VAL A 902 15.17 12.80 -39.85
N ALA A 903 15.19 13.05 -38.55
CA ALA A 903 16.24 13.87 -37.96
C ALA A 903 17.52 13.04 -37.74
N ASN A 904 17.33 11.79 -37.35
CA ASN A 904 18.41 10.86 -37.06
C ASN A 904 19.47 11.43 -36.11
N GLN A 905 19.04 11.90 -34.95
CA GLN A 905 19.96 12.48 -33.98
C GLN A 905 19.27 12.57 -32.64
N VAL A 906 20.09 12.63 -31.58
CA VAL A 906 19.58 12.78 -30.23
C VAL A 906 18.99 14.18 -30.06
N LEU A 907 17.87 14.27 -29.35
CA LEU A 907 17.23 15.56 -29.07
C LEU A 907 17.78 16.14 -27.77
N ALA A 908 17.83 15.32 -26.73
CA ALA A 908 18.43 15.71 -25.45
C ALA A 908 18.76 14.49 -24.60
N THR A 909 19.56 14.70 -23.57
CA THR A 909 19.94 13.67 -22.61
C THR A 909 19.75 14.27 -21.23
N ASN A 910 19.72 13.44 -20.20
CA ASN A 910 19.80 13.94 -18.81
C ASN A 910 21.23 14.40 -18.49
N LEU A 911 21.41 14.99 -17.32
CA LEU A 911 22.67 15.62 -16.96
C LEU A 911 23.77 14.61 -16.65
N ASP A 912 23.41 13.32 -16.66
CA ASP A 912 24.36 12.23 -16.52
C ASP A 912 24.75 11.59 -17.84
N ASP A 913 24.42 12.23 -18.96
CA ASP A 913 24.76 11.71 -20.29
C ASP A 913 23.97 10.42 -20.64
N ARG A 914 22.89 10.16 -19.90
CA ARG A 914 22.04 9.02 -20.19
C ARG A 914 20.64 9.50 -20.55
N MET A 915 19.68 8.58 -20.63
CA MET A 915 18.31 8.92 -21.04
C MET A 915 18.31 9.72 -22.35
N ARG A 916 19.04 9.22 -23.34
CA ARG A 916 19.17 9.88 -24.64
C ARG A 916 17.91 9.72 -25.49
N VAL A 917 17.16 10.81 -25.64
CA VAL A 917 15.89 10.81 -26.33
C VAL A 917 16.07 11.14 -27.80
N PRO A 918 15.62 10.24 -28.68
CA PRO A 918 15.75 10.46 -30.11
C PRO A 918 14.89 11.64 -30.53
N MET A 919 15.38 12.47 -31.45
CA MET A 919 14.56 13.56 -31.95
C MET A 919 13.50 13.01 -32.92
N SER A 920 12.25 13.02 -32.48
CA SER A 920 11.16 12.50 -33.30
C SER A 920 10.45 13.64 -34.02
N ILE A 921 10.16 13.44 -35.29
CA ILE A 921 9.55 14.48 -36.12
C ILE A 921 8.27 13.97 -36.78
N TYR A 922 7.21 14.78 -36.80
CA TYR A 922 6.01 14.44 -37.56
C TYR A 922 6.26 14.42 -39.07
N ALA A 923 6.23 13.23 -39.66
CA ALA A 923 6.61 13.09 -41.06
C ALA A 923 5.99 11.84 -41.67
N PRO A 924 5.70 11.88 -42.98
CA PRO A 924 5.21 10.68 -43.67
C PRO A 924 6.19 9.50 -43.59
N ALA A 925 5.66 8.29 -43.55
CA ALA A 925 6.49 7.09 -43.54
C ALA A 925 5.72 6.03 -44.33
N GLN A 926 6.42 4.98 -44.74
CA GLN A 926 5.82 3.90 -45.53
C GLN A 926 4.57 3.29 -44.90
N ALA A 927 3.56 3.06 -45.73
CA ALA A 927 2.27 2.58 -45.28
C ALA A 927 2.28 1.11 -44.90
N GLY A 928 3.03 0.29 -45.64
CA GLY A 928 2.99 -1.15 -45.49
C GLY A 928 1.67 -1.65 -46.02
N VAL A 929 0.88 -2.30 -45.18
CA VAL A 929 -0.45 -2.73 -45.62
C VAL A 929 -1.54 -1.87 -44.97
N ALA A 930 -1.11 -0.83 -44.25
CA ALA A 930 -1.99 -0.01 -43.41
C ALA A 930 -3.16 0.59 -44.18
N GLY A 931 -2.98 0.83 -45.48
CA GLY A 931 -4.05 1.41 -46.28
C GLY A 931 -5.31 0.56 -46.25
N ILE A 932 -5.11 -0.75 -46.07
CA ILE A 932 -6.24 -1.67 -46.10
C ILE A 932 -7.14 -1.50 -44.86
N PRO A 933 -6.60 -1.70 -43.66
CA PRO A 933 -7.49 -1.50 -42.51
C PRO A 933 -7.92 -0.05 -42.31
N PHE A 934 -7.09 0.93 -42.69
CA PHE A 934 -7.49 2.34 -42.60
C PHE A 934 -8.77 2.62 -43.36
N MET A 935 -8.82 2.17 -44.61
CA MET A 935 -9.96 2.45 -45.46
C MET A 935 -11.16 1.56 -45.10
N THR A 936 -10.91 0.30 -44.77
CA THR A 936 -11.98 -0.61 -44.38
C THR A 936 -12.65 -0.22 -43.07
N ILE A 937 -11.85 -0.04 -42.03
CA ILE A 937 -12.38 0.35 -40.73
C ILE A 937 -13.00 1.73 -40.81
N GLY A 938 -12.27 2.66 -41.42
CA GLY A 938 -12.70 4.03 -41.59
C GLY A 938 -14.01 4.20 -42.34
N THR A 939 -14.09 3.72 -43.58
CA THR A 939 -15.34 3.88 -44.34
C THR A 939 -16.36 2.80 -43.98
N GLY A 940 -15.92 1.81 -43.20
CA GLY A 940 -16.83 0.81 -42.66
C GLY A 940 -17.49 1.26 -41.36
N ASP A 941 -17.15 0.60 -40.26
CA ASP A 941 -17.69 0.94 -38.95
C ASP A 941 -17.46 2.41 -38.57
N GLY A 942 -16.31 2.95 -38.96
CA GLY A 942 -16.02 4.36 -38.75
C GLY A 942 -17.12 5.26 -39.30
N MET A 943 -17.35 5.17 -40.62
CA MET A 943 -18.42 5.95 -41.23
C MET A 943 -19.80 5.65 -40.63
N MET A 944 -20.07 4.39 -40.33
CA MET A 944 -21.36 4.00 -39.78
C MET A 944 -21.66 4.64 -38.42
N MET A 945 -20.77 4.47 -37.45
CA MET A 945 -20.96 5.12 -36.15
C MET A 945 -21.07 6.64 -36.24
N GLN A 946 -20.24 7.26 -37.07
CA GLN A 946 -20.31 8.71 -37.25
C GLN A 946 -21.67 9.14 -37.83
N THR A 947 -22.21 8.29 -38.70
CA THR A 947 -23.51 8.50 -39.30
C THR A 947 -24.59 8.29 -38.25
N LEU A 948 -24.47 7.20 -37.50
CA LEU A 948 -25.38 6.92 -36.40
C LEU A 948 -25.46 8.09 -35.39
N SER A 949 -24.35 8.78 -35.17
CA SER A 949 -24.29 9.89 -34.24
C SER A 949 -24.93 11.17 -34.76
N THR A 950 -24.93 11.38 -36.07
CA THR A 950 -25.36 12.69 -36.58
C THR A 950 -26.63 12.70 -37.41
N MET A 951 -27.07 11.53 -37.85
CA MET A 951 -28.28 11.40 -38.67
C MET A 951 -29.51 11.97 -37.99
N LYS A 952 -30.49 12.31 -38.80
CA LYS A 952 -31.80 12.72 -38.31
C LYS A 952 -32.34 11.66 -37.34
N GLY A 953 -32.82 12.09 -36.18
CA GLY A 953 -33.29 11.18 -35.16
C GLY A 953 -32.24 10.23 -34.63
N ALA A 954 -31.01 10.72 -34.51
CA ALA A 954 -29.89 9.90 -34.01
C ALA A 954 -30.20 9.40 -32.62
N PRO A 955 -29.99 8.10 -32.37
CA PRO A 955 -30.29 7.54 -31.04
C PRO A 955 -29.53 8.25 -29.90
N LYS A 956 -30.28 8.58 -28.84
CA LYS A 956 -29.71 9.21 -27.67
C LYS A 956 -29.35 8.15 -26.64
N ASN A 957 -28.40 8.45 -25.78
CA ASN A 957 -28.13 7.63 -24.60
C ASN A 957 -27.63 6.23 -24.94
N THR A 958 -26.75 6.15 -25.92
CA THR A 958 -26.14 4.89 -26.24
C THR A 958 -24.66 4.96 -25.89
N LEU A 959 -24.03 3.78 -25.81
CA LEU A 959 -22.58 3.69 -25.80
C LEU A 959 -22.15 2.97 -27.08
N LYS A 960 -21.40 3.65 -27.93
CA LYS A 960 -20.95 3.07 -29.19
C LYS A 960 -19.55 2.48 -29.01
N ILE A 961 -19.39 1.22 -29.40
CA ILE A 961 -18.10 0.56 -29.32
C ILE A 961 -17.65 0.06 -30.70
N PHE A 962 -17.48 1.01 -31.61
CA PHE A 962 -16.89 0.76 -32.94
C PHE A 962 -17.81 -0.02 -33.90
N ASP A 963 -18.11 -1.27 -33.58
CA ASP A 963 -18.96 -2.08 -34.45
C ASP A 963 -20.19 -2.62 -33.71
N GLY A 964 -20.49 -2.03 -32.56
CA GLY A 964 -21.60 -2.45 -31.73
C GLY A 964 -22.09 -1.27 -30.94
N MET A 965 -23.37 -1.27 -30.58
CA MET A 965 -23.94 -0.14 -29.86
C MET A 965 -24.84 -0.62 -28.73
N ASN A 966 -24.53 -0.20 -27.50
CA ASN A 966 -25.38 -0.51 -26.34
C ASN A 966 -26.57 0.43 -26.31
N ILE A 967 -27.77 -0.15 -26.24
CA ILE A 967 -29.00 0.64 -26.29
C ILE A 967 -29.87 0.34 -25.08
N GLY A 968 -30.46 1.37 -24.49
CA GLY A 968 -31.35 1.20 -23.35
C GLY A 968 -32.58 0.42 -23.77
N LEU A 969 -33.19 -0.28 -22.81
CA LEU A 969 -34.22 -1.26 -23.15
C LEU A 969 -35.49 -0.61 -23.73
N ASN A 970 -35.62 0.68 -23.49
CA ASN A 970 -36.74 1.46 -23.99
C ASN A 970 -36.68 1.73 -25.50
N ASP A 971 -35.48 1.72 -26.09
CA ASP A 971 -35.30 2.18 -27.48
C ASP A 971 -34.68 1.16 -28.43
N ILE A 972 -34.79 -0.13 -28.11
CA ILE A 972 -33.99 -1.09 -28.83
C ILE A 972 -34.44 -1.24 -30.29
N THR A 973 -35.75 -1.10 -30.54
CA THR A 973 -36.29 -1.20 -31.89
C THR A 973 -35.79 -0.06 -32.82
N ASP A 974 -36.14 1.17 -32.48
CA ASP A 974 -35.79 2.29 -33.32
C ASP A 974 -34.27 2.54 -33.42
N ALA A 975 -33.57 2.55 -32.29
CA ALA A 975 -32.11 2.68 -32.36
C ALA A 975 -31.47 1.63 -33.30
N SER A 976 -31.95 0.38 -33.24
CA SER A 976 -31.43 -0.70 -34.08
C SER A 976 -31.68 -0.48 -35.56
N ARG A 977 -32.89 -0.01 -35.88
CA ARG A 977 -33.25 0.33 -37.26
C ARG A 977 -32.40 1.49 -37.79
N LYS A 978 -32.18 2.48 -36.94
CA LYS A 978 -31.30 3.59 -37.30
C LYS A 978 -29.90 3.02 -37.55
N ALA A 979 -29.49 2.06 -36.74
CA ALA A 979 -28.15 1.51 -36.87
C ALA A 979 -27.97 0.80 -38.23
N ASN A 980 -28.97 0.01 -38.62
CA ASN A 980 -28.96 -0.67 -39.92
C ASN A 980 -29.07 0.32 -41.09
N GLU A 981 -29.82 1.40 -40.87
CA GLU A 981 -29.84 2.49 -41.83
C GLU A 981 -28.44 3.15 -41.96
N ALA A 982 -27.76 3.34 -40.84
CA ALA A 982 -26.41 3.89 -40.86
C ALA A 982 -25.45 2.95 -41.59
N VAL A 983 -25.67 1.66 -41.44
CA VAL A 983 -24.90 0.67 -42.18
C VAL A 983 -25.11 0.90 -43.67
N TYR A 984 -26.37 1.00 -44.07
CA TYR A 984 -26.71 1.24 -45.46
C TYR A 984 -26.06 2.52 -45.99
N THR A 985 -26.12 3.58 -45.20
CA THR A 985 -25.44 4.82 -45.57
C THR A 985 -23.95 4.61 -45.82
N SER A 986 -23.27 3.89 -44.94
CA SER A 986 -21.85 3.66 -45.12
C SER A 986 -21.57 2.71 -46.28
N TRP A 987 -22.56 1.92 -46.67
CA TRP A 987 -22.42 1.07 -47.85
C TRP A 987 -22.57 1.84 -49.18
N GLN A 988 -22.98 3.11 -49.10
CA GLN A 988 -22.96 3.99 -50.27
C GLN A 988 -21.56 4.53 -50.50
N GLY A 989 -20.63 4.12 -49.63
CA GLY A 989 -19.25 4.57 -49.73
C GLY A 989 -18.50 3.93 -50.88
N ASN A 990 -17.33 4.47 -51.19
CA ASN A 990 -16.50 3.94 -52.26
C ASN A 990 -15.05 4.25 -51.94
N PRO A 991 -14.47 3.54 -50.97
CA PRO A 991 -13.11 3.85 -50.55
C PRO A 991 -12.09 3.75 -51.68
N ILE A 992 -12.23 2.79 -52.57
CA ILE A 992 -11.28 2.63 -53.68
C ILE A 992 -11.34 3.87 -54.58
N LYS A 993 -12.54 4.38 -54.83
CA LYS A 993 -12.65 5.65 -55.53
C LYS A 993 -11.88 6.75 -54.81
N ASN A 994 -12.02 6.84 -53.50
CA ASN A 994 -11.35 7.88 -52.74
C ASN A 994 -9.83 7.77 -52.85
N VAL A 995 -9.34 6.54 -52.82
CA VAL A 995 -7.92 6.29 -53.03
C VAL A 995 -7.54 6.66 -54.47
N TYR A 996 -8.39 6.27 -55.42
CA TYR A 996 -8.20 6.64 -56.82
C TYR A 996 -8.03 8.15 -57.02
N GLU A 997 -8.93 8.95 -56.44
CA GLU A 997 -8.92 10.40 -56.65
C GLU A 997 -7.57 10.95 -56.24
N SER A 998 -7.05 10.42 -55.14
CA SER A 998 -5.84 10.95 -54.56
C SER A 998 -4.61 10.40 -55.29
N TYR A 999 -4.68 9.13 -55.65
CA TYR A 999 -3.54 8.48 -56.30
C TYR A 999 -3.30 9.02 -57.71
N ALA A 1000 -4.38 9.34 -58.42
CA ALA A 1000 -4.25 9.92 -59.76
C ALA A 1000 -3.66 11.33 -59.71
N LYS A 1001 -4.02 12.11 -58.69
CA LYS A 1001 -3.39 13.42 -58.55
C LYS A 1001 -1.87 13.24 -58.31
N PHE A 1002 -1.55 12.27 -57.46
CA PHE A 1002 -0.17 11.92 -57.17
C PHE A 1002 0.55 11.57 -58.46
N MET A 1003 -0.12 10.77 -59.29
CA MET A 1003 0.49 10.26 -60.51
C MET A 1003 0.80 11.33 -61.56
N LYS A 1004 0.22 12.51 -61.43
CA LYS A 1004 0.49 13.57 -62.39
C LYS A 1004 1.44 14.63 -61.84
N ASN A 1005 2.02 14.38 -60.68
CA ASN A 1005 2.96 15.33 -60.08
C ASN A 1005 4.26 14.65 -59.63
N VAL A 1006 4.22 13.33 -59.55
CA VAL A 1006 5.35 12.57 -59.11
C VAL A 1006 6.44 12.51 -60.18
N ASP A 1007 7.68 12.70 -59.75
CA ASP A 1007 8.86 12.48 -60.59
C ASP A 1007 9.61 11.30 -60.00
N PHE A 1008 9.50 10.14 -60.62
CA PHE A 1008 10.15 8.94 -60.10
C PHE A 1008 11.69 8.99 -60.21
N SER A 1009 12.22 9.88 -61.04
CA SER A 1009 13.67 9.99 -61.15
C SER A 1009 14.25 10.74 -59.95
N LYS A 1010 13.41 11.51 -59.26
CA LYS A 1010 13.85 12.28 -58.09
C LYS A 1010 14.10 11.38 -56.89
N LEU A 1011 13.65 10.14 -56.98
CA LEU A 1011 13.74 9.23 -55.84
C LEU A 1011 15.11 8.61 -55.66
N SER A 1012 15.48 8.43 -54.39
CA SER A 1012 16.63 7.63 -54.00
C SER A 1012 16.49 6.22 -54.57
N PRO A 1013 17.58 5.44 -54.54
CA PRO A 1013 17.43 4.07 -55.05
C PRO A 1013 16.66 3.16 -54.11
N GLU A 1014 16.75 3.40 -52.81
CA GLU A 1014 16.02 2.58 -51.84
C GLU A 1014 14.52 2.80 -51.99
N ALA A 1015 14.12 4.03 -52.28
CA ALA A 1015 12.71 4.34 -52.47
C ALA A 1015 12.22 3.80 -53.81
N LEU A 1016 13.10 3.87 -54.81
CA LEU A 1016 12.77 3.41 -56.16
C LEU A 1016 12.60 1.89 -56.17
N GLU A 1017 13.30 1.22 -55.26
CA GLU A 1017 13.26 -0.24 -55.17
C GLU A 1017 12.00 -0.69 -54.45
N ALA A 1018 11.65 0.03 -53.38
CA ALA A 1018 10.41 -0.22 -52.64
C ALA A 1018 9.21 -0.10 -53.57
N ILE A 1019 9.24 0.85 -54.49
CA ILE A 1019 8.13 1.00 -55.40
C ILE A 1019 8.05 -0.18 -56.36
N GLY A 1020 9.21 -0.64 -56.83
CA GLY A 1020 9.30 -1.81 -57.69
C GLY A 1020 8.64 -3.04 -57.07
N LYS A 1021 8.79 -3.18 -55.76
CA LYS A 1021 8.19 -4.29 -55.02
C LYS A 1021 6.66 -4.32 -55.14
N SER A 1022 6.04 -3.16 -55.21
CA SER A 1022 4.59 -3.08 -55.23
C SER A 1022 4.06 -3.09 -56.66
N ALA A 1023 4.79 -2.40 -57.53
CA ALA A 1023 4.27 -2.13 -58.86
C ALA A 1023 4.66 -3.18 -59.91
N LEU A 1024 5.68 -3.99 -59.60
CA LEU A 1024 6.21 -4.95 -60.58
C LEU A 1024 6.17 -6.40 -60.10
N GLU A 1025 6.12 -7.33 -61.05
CA GLU A 1025 6.27 -8.74 -60.73
C GLU A 1025 7.70 -9.00 -60.22
N TYR A 1026 7.91 -10.12 -59.52
CA TYR A 1026 9.20 -10.43 -58.90
C TYR A 1026 10.40 -10.33 -59.86
N ASP A 1027 10.16 -10.68 -61.11
CA ASP A 1027 11.22 -10.79 -62.11
C ASP A 1027 11.74 -9.44 -62.57
N GLN A 1028 10.83 -8.49 -62.79
CA GLN A 1028 11.17 -7.18 -63.34
C GLN A 1028 11.87 -6.25 -62.33
N ARG A 1029 11.94 -6.66 -61.07
CA ARG A 1029 12.57 -5.83 -60.04
C ARG A 1029 14.03 -5.58 -60.39
N GLU A 1030 14.88 -6.59 -60.14
CA GLU A 1030 16.33 -6.56 -60.41
C GLU A 1030 16.92 -5.28 -60.99
N ASN A 1031 16.75 -5.08 -62.30
CA ASN A 1031 17.32 -3.90 -62.97
C ASN A 1031 16.32 -3.19 -63.87
N ALA A 1032 15.28 -2.58 -63.28
CA ALA A 1032 14.30 -1.85 -64.06
C ALA A 1032 14.52 -0.34 -64.04
N THR A 1033 14.24 0.30 -65.18
CA THR A 1033 14.44 1.72 -65.33
C THR A 1033 13.39 2.52 -64.54
N VAL A 1034 13.64 3.82 -64.37
CA VAL A 1034 12.66 4.69 -63.75
C VAL A 1034 11.37 4.60 -64.57
N ASP A 1035 11.51 4.70 -65.88
CA ASP A 1035 10.38 4.66 -66.80
C ASP A 1035 9.66 3.32 -66.74
N ASP A 1036 10.36 2.30 -66.24
CA ASP A 1036 9.76 1.00 -66.06
C ASP A 1036 8.81 1.00 -64.87
N ILE A 1037 9.29 1.49 -63.72
CA ILE A 1037 8.47 1.47 -62.52
C ILE A 1037 7.40 2.57 -62.57
N ALA A 1038 7.63 3.58 -63.41
CA ALA A 1038 6.68 4.66 -63.61
C ALA A 1038 5.52 4.17 -64.45
N ASN A 1039 5.83 3.47 -65.52
CA ASN A 1039 4.80 2.88 -66.35
C ASN A 1039 3.99 1.87 -65.54
N ALA A 1040 4.65 1.23 -64.58
CA ALA A 1040 3.98 0.25 -63.72
C ALA A 1040 3.07 0.90 -62.67
N ALA A 1041 3.50 2.06 -62.16
CA ALA A 1041 2.75 2.78 -61.14
C ALA A 1041 1.49 3.39 -61.73
N SER A 1042 1.59 3.82 -62.98
CA SER A 1042 0.42 4.27 -63.72
C SER A 1042 -0.54 3.14 -64.15
N LEU A 1043 -0.06 1.90 -64.26
CA LEU A 1043 -0.96 0.79 -64.53
C LEU A 1043 -1.90 0.57 -63.35
N ILE A 1044 -1.38 0.78 -62.14
CA ILE A 1044 -2.14 0.59 -60.92
C ILE A 1044 -3.28 1.61 -60.84
N GLU A 1045 -3.02 2.83 -61.27
CA GLU A 1045 -4.06 3.87 -61.33
C GLU A 1045 -5.24 3.41 -62.16
N ARG A 1046 -4.96 2.85 -63.33
CA ARG A 1046 -5.99 2.34 -64.20
C ARG A 1046 -6.80 1.29 -63.47
N ASN A 1047 -6.11 0.38 -62.78
CA ASN A 1047 -6.77 -0.70 -62.08
C ASN A 1047 -7.73 -0.18 -61.04
N LEU A 1048 -7.27 0.85 -60.33
CA LEU A 1048 -8.05 1.51 -59.29
C LEU A 1048 -9.28 2.16 -59.90
N ARG A 1049 -9.07 2.87 -61.00
CA ARG A 1049 -10.15 3.53 -61.72
C ARG A 1049 -11.25 2.56 -62.13
N ASN A 1050 -10.84 1.37 -62.57
CA ASN A 1050 -11.82 0.36 -62.98
C ASN A 1050 -12.57 -0.26 -61.82
N ILE A 1051 -11.86 -0.63 -60.76
CA ILE A 1051 -12.49 -1.10 -59.54
C ILE A 1051 -13.54 -0.13 -59.01
N ALA A 1052 -13.18 1.15 -58.95
CA ALA A 1052 -14.02 2.19 -58.35
C ALA A 1052 -15.28 2.43 -59.17
N LEU A 1053 -15.14 2.43 -60.49
CA LEU A 1053 -16.27 2.49 -61.39
C LEU A 1053 -17.24 1.33 -61.15
N GLY A 1054 -16.69 0.12 -60.94
CA GLY A 1054 -17.50 -1.04 -60.61
C GLY A 1054 -18.27 -0.96 -59.30
N VAL A 1055 -17.57 -0.57 -58.23
CA VAL A 1055 -18.18 -0.43 -56.92
C VAL A 1055 -19.34 0.54 -56.99
N ASP A 1056 -19.11 1.63 -57.73
CA ASP A 1056 -20.09 2.68 -57.86
C ASP A 1056 -21.37 2.16 -58.52
N ILE A 1057 -21.22 1.39 -59.59
CA ILE A 1057 -22.37 0.86 -60.28
C ILE A 1057 -23.10 -0.22 -59.47
N ARG A 1058 -22.35 -1.10 -58.83
CA ARG A 1058 -22.94 -2.16 -57.99
C ARG A 1058 -23.86 -1.53 -56.97
N HIS A 1059 -23.34 -0.48 -56.33
CA HIS A 1059 -24.07 0.27 -55.33
C HIS A 1059 -25.36 0.94 -55.83
N LYS A 1060 -25.32 1.50 -57.04
CA LYS A 1060 -26.50 2.12 -57.60
C LYS A 1060 -27.53 1.05 -57.89
N VAL A 1061 -27.04 -0.07 -58.41
CA VAL A 1061 -27.89 -1.17 -58.84
C VAL A 1061 -28.54 -1.87 -57.63
N LEU A 1062 -27.73 -2.11 -56.60
CA LEU A 1062 -28.21 -2.66 -55.34
C LEU A 1062 -29.31 -1.79 -54.73
N ASP A 1063 -29.23 -0.47 -54.93
CA ASP A 1063 -30.23 0.44 -54.41
C ASP A 1063 -31.59 0.48 -55.16
N LYS A 1064 -31.61 -0.03 -56.40
CA LYS A 1064 -32.84 -0.09 -57.19
C LYS A 1064 -33.72 -1.30 -56.80
N VAL A 1065 -33.20 -2.16 -55.95
CA VAL A 1065 -33.78 -3.45 -55.62
C VAL A 1065 -34.24 -3.49 -54.15
N ASN A 1066 -35.26 -4.27 -53.83
CA ASN A 1066 -35.70 -4.40 -52.43
C ASN A 1066 -34.71 -5.09 -51.48
N LEU A 1067 -34.22 -4.33 -50.51
CA LEU A 1067 -33.20 -4.77 -49.57
C LEU A 1067 -33.72 -4.66 -48.16
N SER A 1068 -33.41 -5.66 -47.36
CA SER A 1068 -33.68 -5.61 -45.93
C SER A 1068 -32.33 -5.80 -45.25
N ILE A 1069 -31.89 -4.78 -44.52
CA ILE A 1069 -30.55 -4.79 -43.93
C ILE A 1069 -30.59 -4.96 -42.40
N ASP A 1070 -29.98 -6.03 -41.93
CA ASP A 1070 -29.86 -6.28 -40.51
C ASP A 1070 -28.44 -6.77 -40.21
N GLN A 1071 -27.46 -5.93 -40.48
CA GLN A 1071 -26.07 -6.19 -40.11
C GLN A 1071 -25.83 -5.90 -38.62
N MET A 1072 -26.54 -4.90 -38.09
CA MET A 1072 -26.42 -4.55 -36.69
C MET A 1072 -27.49 -5.28 -35.91
N ALA A 1073 -27.23 -6.55 -35.68
CA ALA A 1073 -28.25 -7.54 -35.29
C ALA A 1073 -28.43 -7.70 -33.79
N ALA A 1074 -29.59 -8.27 -33.43
CA ALA A 1074 -29.97 -8.79 -32.12
C ALA A 1074 -31.47 -8.59 -31.98
N VAL A 1075 -31.91 -7.38 -32.24
CA VAL A 1075 -33.24 -6.95 -31.87
C VAL A 1075 -34.31 -7.46 -32.84
N GLY A 1076 -33.95 -7.57 -34.11
CA GLY A 1076 -34.90 -7.97 -35.11
C GLY A 1076 -35.60 -6.79 -35.75
N ALA A 1077 -34.87 -5.67 -35.88
CA ALA A 1077 -35.40 -4.46 -36.49
C ALA A 1077 -34.53 -4.03 -37.68
N PRO A 1078 -34.81 -4.62 -38.86
CA PRO A 1078 -34.00 -4.37 -40.05
C PRO A 1078 -34.45 -3.14 -40.81
N TYR A 1079 -33.48 -2.49 -41.47
CA TYR A 1079 -33.74 -1.35 -42.31
C TYR A 1079 -34.16 -1.78 -43.72
N GLN A 1080 -35.22 -1.15 -44.23
CA GLN A 1080 -35.71 -1.39 -45.59
C GLN A 1080 -35.34 -0.20 -46.49
N ASN A 1081 -34.71 -0.45 -47.64
CA ASN A 1081 -34.37 0.63 -48.58
C ASN A 1081 -35.52 1.05 -49.49
N ASN A 1082 -36.55 0.22 -49.56
CA ASN A 1082 -37.63 0.41 -50.53
C ASN A 1082 -37.13 0.55 -51.97
N GLY A 1083 -36.29 -0.39 -52.39
CA GLY A 1083 -35.99 -0.52 -53.80
C GLY A 1083 -37.28 -0.92 -54.48
N LYS A 1084 -37.54 -0.36 -55.65
CA LYS A 1084 -38.81 -0.63 -56.33
C LYS A 1084 -38.78 -1.93 -57.11
N ILE A 1085 -37.61 -2.30 -57.61
CA ILE A 1085 -37.47 -3.56 -58.32
C ILE A 1085 -37.51 -4.71 -57.32
N ASP A 1086 -38.47 -5.60 -57.52
CA ASP A 1086 -38.76 -6.69 -56.57
C ASP A 1086 -38.05 -7.97 -56.99
N LEU A 1087 -37.22 -8.53 -56.10
CA LEU A 1087 -36.52 -9.78 -56.38
C LEU A 1087 -36.88 -10.91 -55.41
N SER A 1088 -38.10 -10.88 -54.87
CA SER A 1088 -38.54 -11.99 -54.02
C SER A 1088 -38.90 -13.17 -54.89
N ASN A 1089 -39.00 -14.34 -54.26
CA ASN A 1089 -39.22 -15.60 -54.99
C ASN A 1089 -38.18 -15.87 -56.07
N MET A 1090 -36.95 -15.44 -55.82
CA MET A 1090 -35.87 -15.68 -56.78
C MET A 1090 -34.68 -16.30 -56.07
N THR A 1091 -34.06 -17.28 -56.74
CA THR A 1091 -32.84 -17.88 -56.23
C THR A 1091 -31.69 -16.88 -56.37
N PRO A 1092 -30.60 -17.09 -55.63
CA PRO A 1092 -29.42 -16.23 -55.80
C PRO A 1092 -28.96 -16.15 -57.25
N GLU A 1093 -29.14 -17.23 -58.01
CA GLU A 1093 -28.71 -17.26 -59.39
C GLU A 1093 -29.58 -16.36 -60.25
N GLN A 1094 -30.90 -16.40 -60.03
CA GLN A 1094 -31.82 -15.50 -60.74
C GLN A 1094 -31.54 -14.05 -60.36
N GLN A 1095 -31.34 -13.82 -59.06
CA GLN A 1095 -31.05 -12.49 -58.56
C GLN A 1095 -29.76 -11.92 -59.12
N ALA A 1096 -28.76 -12.78 -59.26
CA ALA A 1096 -27.46 -12.34 -59.79
C ALA A 1096 -27.59 -11.99 -61.26
N ASP A 1097 -28.41 -12.76 -61.99
CA ASP A 1097 -28.63 -12.47 -63.39
C ASP A 1097 -29.36 -11.15 -63.54
N GLU A 1098 -30.28 -10.86 -62.62
CA GLU A 1098 -31.06 -9.64 -62.71
C GLU A 1098 -30.24 -8.42 -62.32
N LEU A 1099 -29.46 -8.56 -61.26
CA LEU A 1099 -28.61 -7.45 -60.83
C LEU A 1099 -27.58 -7.16 -61.90
N ASN A 1100 -27.09 -8.20 -62.57
CA ASN A 1100 -26.13 -8.01 -63.66
C ASN A 1100 -26.70 -7.39 -64.91
N LYS A 1101 -27.96 -7.68 -65.21
CA LYS A 1101 -28.66 -7.01 -66.29
C LYS A 1101 -28.72 -5.51 -66.00
N LEU A 1102 -29.14 -5.14 -64.79
CA LEU A 1102 -29.18 -3.73 -64.39
C LEU A 1102 -27.79 -3.12 -64.48
N PHE A 1103 -26.78 -3.88 -64.05
CA PHE A 1103 -25.38 -3.46 -64.12
C PHE A 1103 -25.00 -3.07 -65.54
N ARG A 1104 -25.28 -3.95 -66.51
CA ARG A 1104 -24.85 -3.71 -67.88
C ARG A 1104 -25.68 -2.59 -68.51
N GLU A 1105 -26.90 -2.44 -68.00
CA GLU A 1105 -27.74 -1.33 -68.36
C GLU A 1105 -27.04 -0.05 -67.90
N GLU A 1106 -26.70 0.00 -66.62
CA GLU A 1106 -26.11 1.21 -66.02
C GLU A 1106 -24.76 1.56 -66.64
N LEU A 1107 -24.05 0.54 -67.11
CA LEU A 1107 -22.75 0.74 -67.74
C LEU A 1107 -22.92 1.50 -69.06
N GLU A 1108 -23.92 1.10 -69.83
CA GLU A 1108 -24.21 1.79 -71.08
C GLU A 1108 -24.87 3.15 -70.87
N ALA A 1109 -25.32 3.41 -69.65
CA ALA A 1109 -25.80 4.74 -69.32
C ALA A 1109 -24.61 5.69 -69.38
N ARG A 1110 -23.48 5.23 -68.84
CA ARG A 1110 -22.29 6.05 -68.71
C ARG A 1110 -21.69 6.42 -70.07
N LYS A 1111 -21.43 5.41 -70.90
CA LYS A 1111 -20.83 5.64 -72.22
C LYS A 1111 -21.66 6.59 -73.09
N GLN A 1112 -22.97 6.35 -73.14
CA GLN A 1112 -23.87 7.17 -73.95
C GLN A 1112 -24.78 8.00 -73.06
N GLU C 18 47.62 14.22 23.97
CA GLU C 18 46.76 15.14 23.25
C GLU C 18 47.13 15.15 21.77
N GLU C 19 47.75 14.07 21.32
CA GLU C 19 48.16 13.87 19.94
C GLU C 19 46.99 13.34 19.09
N LEU C 20 45.86 13.12 19.76
CA LEU C 20 44.59 12.80 19.10
C LEU C 20 44.14 13.92 18.18
N LYS C 21 44.70 15.11 18.36
CA LYS C 21 44.36 16.27 17.56
C LYS C 21 44.81 16.08 16.10
N GLU C 22 46.08 15.78 15.89
CA GLU C 22 46.61 15.59 14.54
C GLU C 22 46.12 14.27 13.93
N GLY C 23 45.69 13.35 14.79
CA GLY C 23 45.07 12.11 14.36
C GLY C 23 43.77 12.37 13.60
N ILE C 24 42.81 13.05 14.24
CA ILE C 24 41.54 13.30 13.58
C ILE C 24 41.68 14.33 12.46
N ASP C 25 42.67 15.21 12.57
CA ASP C 25 42.93 16.16 11.50
C ASP C 25 43.31 15.45 10.20
N ALA C 26 43.95 14.29 10.32
CA ALA C 26 44.41 13.54 9.15
C ALA C 26 43.25 12.87 8.43
N VAL C 27 42.15 12.65 9.16
CA VAL C 27 41.00 12.02 8.56
C VAL C 27 40.14 13.07 7.87
N TYR C 28 40.10 14.25 8.49
CA TYR C 28 39.26 15.36 8.02
C TYR C 28 40.08 16.64 7.89
N PRO C 29 41.05 16.66 6.97
CA PRO C 29 42.00 17.78 6.82
C PRO C 29 41.42 19.07 6.27
N SER C 30 40.37 18.99 5.46
CA SER C 30 39.90 20.16 4.75
C SER C 30 38.66 20.84 5.34
N LEU C 31 38.23 20.40 6.53
CA LEU C 31 37.09 21.02 7.20
C LEU C 31 37.43 22.46 7.51
N VAL C 32 36.44 23.33 7.46
CA VAL C 32 36.66 24.75 7.67
C VAL C 32 37.04 25.07 9.12
N GLY C 33 37.96 26.00 9.29
CA GLY C 33 38.32 26.46 10.61
C GLY C 33 39.54 25.75 11.13
N THR C 34 40.00 26.17 12.30
CA THR C 34 41.14 25.54 12.95
C THR C 34 40.73 24.83 14.25
N ALA C 35 41.23 23.63 14.47
CA ALA C 35 40.94 22.90 15.70
C ALA C 35 41.77 23.40 16.89
N ASP C 36 41.54 24.65 17.29
CA ASP C 36 42.10 25.21 18.51
C ASP C 36 40.99 26.09 19.06
N SER C 37 40.62 25.88 20.32
CA SER C 37 39.51 26.62 20.89
C SER C 37 39.88 28.08 21.19
N LYS C 38 41.19 28.36 21.15
CA LYS C 38 41.69 29.71 21.47
C LYS C 38 42.09 30.52 20.24
N ALA C 39 41.95 29.93 19.05
CA ALA C 39 42.27 30.64 17.82
C ALA C 39 41.32 31.80 17.58
N GLU C 40 41.72 32.74 16.73
CA GLU C 40 40.94 33.97 16.60
C GLU C 40 39.81 33.90 15.57
N GLY C 41 40.05 33.20 14.46
CA GLY C 41 39.06 33.10 13.40
C GLY C 41 38.00 32.04 13.65
N ILE C 42 37.56 31.39 12.58
CA ILE C 42 36.63 30.28 12.69
C ILE C 42 37.34 29.08 13.32
N LYS C 43 36.70 28.49 14.32
CA LYS C 43 37.20 27.30 14.99
C LYS C 43 36.35 26.12 14.56
N ASN C 44 36.99 25.02 14.24
CA ASN C 44 36.23 23.86 13.86
C ASN C 44 35.86 23.00 15.05
N TYR C 45 34.56 22.97 15.39
CA TYR C 45 34.13 22.30 16.61
C TYR C 45 33.87 20.81 16.45
N PHE C 46 33.87 20.34 15.21
CA PHE C 46 33.82 18.90 14.99
C PHE C 46 35.11 18.28 15.50
N LYS C 47 36.24 18.81 15.03
CA LYS C 47 37.55 18.26 15.39
C LYS C 47 37.93 18.56 16.84
N LEU C 48 37.28 19.55 17.45
CA LEU C 48 37.49 19.85 18.86
C LEU C 48 36.67 18.91 19.74
N SER C 49 35.54 18.47 19.22
CA SER C 49 34.61 17.65 19.97
C SER C 49 34.80 16.15 19.83
N PHE C 50 35.42 15.71 18.72
CA PHE C 50 35.57 14.27 18.46
C PHE C 50 37.00 13.83 18.21
N THR C 51 37.26 12.56 18.52
CA THR C 51 38.55 11.91 18.29
C THR C 51 38.32 10.54 17.68
N LEU C 52 39.37 9.99 17.08
CA LEU C 52 39.33 8.63 16.58
C LEU C 52 39.42 7.69 17.76
N PRO C 53 38.69 6.58 17.70
CA PRO C 53 38.69 5.65 18.84
C PRO C 53 39.95 4.81 18.82
N GLU C 54 40.34 4.28 19.98
CA GLU C 54 41.47 3.38 20.07
C GLU C 54 41.27 2.20 19.12
N GLU C 55 40.06 1.66 19.14
CA GLU C 55 39.71 0.53 18.29
C GLU C 55 38.58 0.94 17.37
N GLN C 56 38.76 0.67 16.08
CA GLN C 56 37.77 0.95 15.03
C GLN C 56 36.36 0.53 15.45
N LYS C 57 35.44 1.50 15.49
CA LYS C 57 34.04 1.25 15.81
C LYS C 57 33.22 1.17 14.54
N SER C 58 33.67 1.87 13.50
CA SER C 58 32.89 1.99 12.29
C SER C 58 33.79 1.83 11.08
N ARG C 59 33.27 1.12 10.07
CA ARG C 59 34.05 0.75 8.89
C ARG C 59 33.98 1.78 7.76
N THR C 60 33.30 2.89 7.98
CA THR C 60 33.27 3.95 6.97
C THR C 60 34.28 5.07 7.27
N VAL C 61 34.80 5.08 8.49
CA VAL C 61 35.87 6.02 8.84
C VAL C 61 37.04 5.83 7.86
N GLY C 62 37.48 6.94 7.26
CA GLY C 62 38.57 6.92 6.30
C GLY C 62 38.08 6.74 4.87
N SER C 63 36.89 6.20 4.72
CA SER C 63 36.31 6.03 3.39
C SER C 63 35.90 7.38 2.82
N GLU C 64 36.29 7.67 1.58
CA GLU C 64 35.96 8.95 0.96
C GLU C 64 34.65 8.95 0.20
N ALA C 65 33.96 7.82 0.19
CA ALA C 65 32.65 7.71 -0.45
C ALA C 65 31.82 6.62 0.21
N PRO C 66 31.44 6.80 1.48
CA PRO C 66 30.80 5.72 2.22
C PRO C 66 29.58 5.10 1.52
N LEU C 67 28.76 5.91 0.84
CA LEU C 67 27.60 5.38 0.12
C LEU C 67 27.99 4.44 -1.02
N LYS C 68 28.88 4.93 -1.87
CA LYS C 68 29.41 4.12 -2.96
C LYS C 68 30.06 2.82 -2.46
N ASP C 69 30.87 2.94 -1.41
CA ASP C 69 31.61 1.79 -0.86
C ASP C 69 30.72 0.78 -0.16
N VAL C 70 29.74 1.28 0.60
CA VAL C 70 28.80 0.38 1.24
C VAL C 70 27.83 -0.26 0.22
N ALA C 71 27.40 0.49 -0.79
CA ALA C 71 26.58 -0.10 -1.85
C ALA C 71 27.35 -1.24 -2.49
N GLN C 72 28.65 -1.01 -2.71
CA GLN C 72 29.52 -2.01 -3.29
C GLN C 72 29.51 -3.27 -2.43
N ALA C 73 29.75 -3.10 -1.13
CA ALA C 73 29.74 -4.19 -0.17
C ALA C 73 28.42 -4.98 -0.15
N LEU C 74 27.30 -4.27 -0.28
CA LEU C 74 26.00 -4.93 -0.32
C LEU C 74 25.68 -5.56 -1.69
N SER C 75 26.57 -5.38 -2.66
CA SER C 75 26.27 -5.81 -4.02
C SER C 75 26.32 -7.33 -4.21
N SER C 76 27.08 -8.04 -3.36
CA SER C 76 27.11 -9.51 -3.37
C SER C 76 27.50 -10.10 -2.01
N ARG C 77 27.17 -11.36 -1.78
CA ARG C 77 27.57 -12.02 -0.54
C ARG C 77 29.08 -12.00 -0.40
N ALA C 78 29.78 -12.25 -1.51
CA ALA C 78 31.24 -12.26 -1.56
C ALA C 78 31.84 -10.96 -1.04
N ARG C 79 31.40 -9.84 -1.61
CA ARG C 79 31.90 -8.54 -1.21
C ARG C 79 31.50 -8.15 0.20
N TYR C 80 30.33 -8.62 0.65
CA TYR C 80 29.85 -8.30 1.99
C TYR C 80 30.67 -9.05 3.03
N GLU C 81 31.05 -10.28 2.68
CA GLU C 81 31.87 -11.09 3.56
C GLU C 81 33.26 -10.49 3.70
N LEU C 82 33.80 -9.99 2.59
CA LEU C 82 35.08 -9.27 2.57
C LEU C 82 35.05 -7.95 3.38
N PHE C 83 34.06 -7.11 3.10
CA PHE C 83 33.95 -5.80 3.74
C PHE C 83 33.82 -5.96 5.25
N THR C 84 33.17 -7.03 5.67
CA THR C 84 32.90 -7.25 7.09
C THR C 84 33.90 -8.19 7.78
N GLU C 85 34.84 -8.73 7.02
CA GLU C 85 35.83 -9.68 7.55
C GLU C 85 35.18 -10.88 8.24
N LYS C 86 34.09 -11.36 7.67
CA LYS C 86 33.40 -12.55 8.16
C LYS C 86 33.40 -13.59 7.03
N GLU C 87 33.83 -14.80 7.33
CA GLU C 87 33.98 -15.83 6.30
C GLU C 87 32.64 -16.21 5.70
N THR C 88 31.56 -15.99 6.44
CA THR C 88 30.23 -16.31 5.97
C THR C 88 29.18 -15.28 6.43
N ALA C 89 28.33 -14.88 5.51
CA ALA C 89 27.32 -13.86 5.79
C ALA C 89 25.99 -14.48 6.19
N ASN C 90 25.16 -13.72 6.91
CA ASN C 90 23.78 -14.12 7.17
C ASN C 90 23.16 -14.71 5.90
N PRO C 91 22.63 -15.95 5.98
CA PRO C 91 22.07 -16.62 4.81
C PRO C 91 20.84 -15.92 4.26
N ALA C 92 20.18 -15.10 5.06
CA ALA C 92 19.02 -14.31 4.60
C ALA C 92 19.43 -13.27 3.56
N PHE C 93 20.71 -12.89 3.56
CA PHE C 93 21.25 -11.93 2.59
C PHE C 93 21.44 -12.65 1.28
N ASN C 94 20.34 -12.76 0.54
CA ASN C 94 20.34 -13.51 -0.70
C ASN C 94 20.16 -12.59 -1.91
N GLY C 95 19.88 -13.19 -3.07
CA GLY C 95 19.75 -12.42 -4.29
C GLY C 95 18.59 -11.44 -4.22
N GLU C 96 17.47 -11.91 -3.68
CA GLU C 96 16.29 -11.07 -3.59
C GLU C 96 16.52 -9.83 -2.74
N VAL C 97 17.13 -10.06 -1.57
CA VAL C 97 17.39 -9.01 -0.61
C VAL C 97 18.49 -8.09 -1.12
N ILE C 98 19.48 -8.66 -1.80
CA ILE C 98 20.55 -7.86 -2.39
C ILE C 98 19.97 -6.87 -3.40
N LYS C 99 19.02 -7.37 -4.20
CA LYS C 99 18.34 -6.54 -5.18
C LYS C 99 17.67 -5.32 -4.52
N ARG C 100 17.03 -5.54 -3.38
CA ARG C 100 16.35 -4.46 -2.67
C ARG C 100 17.30 -3.43 -2.05
N TYR C 101 18.43 -3.88 -1.51
CA TYR C 101 19.42 -2.94 -1.00
C TYR C 101 20.03 -2.12 -2.11
N LYS C 102 20.14 -2.71 -3.30
CA LYS C 102 20.65 -1.97 -4.44
C LYS C 102 19.79 -0.71 -4.66
N GLU C 103 18.47 -0.88 -4.64
CA GLU C 103 17.57 0.26 -4.81
C GLU C 103 17.54 1.23 -3.62
N LEU C 104 17.75 0.71 -2.41
CA LEU C 104 17.76 1.56 -1.22
C LEU C 104 19.03 2.39 -1.18
N MET C 105 20.10 1.86 -1.78
CA MET C 105 21.33 2.61 -1.88
C MET C 105 21.17 3.79 -2.84
N GLU C 106 20.52 3.54 -3.96
CA GLU C 106 20.25 4.59 -4.93
C GLU C 106 19.31 5.62 -4.34
N HIS C 107 18.32 5.15 -3.56
CA HIS C 107 17.45 6.06 -2.83
C HIS C 107 18.28 6.97 -1.90
N GLY C 108 19.29 6.40 -1.25
CA GLY C 108 20.19 7.16 -0.41
C GLY C 108 20.97 8.26 -1.15
N GLU C 109 21.37 8.00 -2.39
CA GLU C 109 21.97 9.06 -3.21
C GLU C 109 21.00 10.23 -3.41
N GLY C 110 19.71 9.93 -3.54
CA GLY C 110 18.69 10.96 -3.58
C GLY C 110 18.65 11.79 -2.30
N ILE C 111 18.65 11.12 -1.14
CA ILE C 111 18.71 11.81 0.15
C ILE C 111 19.93 12.72 0.22
N ALA C 112 21.09 12.23 -0.24
CA ALA C 112 22.32 13.02 -0.20
C ALA C 112 22.17 14.27 -1.04
N ASP C 113 21.57 14.11 -2.20
CA ASP C 113 21.30 15.25 -3.07
C ASP C 113 20.36 16.29 -2.43
N ILE C 114 19.36 15.82 -1.70
CA ILE C 114 18.44 16.74 -1.03
C ILE C 114 19.22 17.59 -0.03
N LEU C 115 20.06 16.94 0.77
CA LEU C 115 20.90 17.62 1.76
C LEU C 115 21.84 18.67 1.18
N ARG C 116 22.53 18.33 0.09
CA ARG C 116 23.44 19.27 -0.56
C ARG C 116 22.70 20.55 -0.96
N SER C 117 21.54 20.38 -1.57
CA SER C 117 20.69 21.52 -1.93
C SER C 117 20.29 22.35 -0.72
N ARG C 118 19.77 21.71 0.32
CA ARG C 118 19.36 22.41 1.53
C ARG C 118 20.54 23.20 2.14
N LEU C 119 21.74 22.65 2.06
CA LEU C 119 22.91 23.39 2.52
C LEU C 119 23.15 24.66 1.67
N ALA C 120 23.02 24.51 0.34
CA ALA C 120 23.25 25.62 -0.59
C ALA C 120 22.23 26.76 -0.41
N LYS C 121 20.95 26.40 -0.29
CA LYS C 121 19.91 27.35 0.05
C LYS C 121 20.25 28.12 1.33
N PHE C 122 20.71 27.38 2.36
CA PHE C 122 21.10 27.97 3.64
C PHE C 122 22.26 28.95 3.49
N LEU C 123 23.22 28.60 2.65
CA LEU C 123 24.41 29.43 2.53
C LEU C 123 24.08 30.67 1.75
N ASN C 124 23.10 30.56 0.86
CA ASN C 124 22.70 31.71 0.07
C ASN C 124 21.77 32.69 0.81
N THR C 125 20.78 32.15 1.52
CA THR C 125 19.82 32.97 2.24
C THR C 125 20.47 33.83 3.32
N LYS C 126 20.22 35.13 3.27
CA LYS C 126 20.72 36.07 4.28
C LYS C 126 22.25 36.14 4.26
N ASP C 127 22.82 35.74 3.13
CA ASP C 127 24.26 35.81 2.89
C ASP C 127 25.09 35.09 3.94
N VAL C 128 24.55 34.03 4.53
CA VAL C 128 25.25 33.30 5.60
C VAL C 128 26.61 32.79 5.15
N GLY C 129 26.69 32.25 3.94
CA GLY C 129 27.94 31.72 3.47
C GLY C 129 29.01 32.80 3.33
N LYS C 130 28.61 33.91 2.72
CA LYS C 130 29.50 35.04 2.54
C LYS C 130 29.96 35.56 3.91
N ARG C 131 29.00 35.73 4.81
CA ARG C 131 29.27 36.25 6.15
C ARG C 131 30.14 35.28 6.96
N PHE C 132 29.95 33.98 6.73
CA PHE C 132 30.79 32.93 7.29
C PHE C 132 32.24 33.01 6.77
N ALA C 133 32.40 33.19 5.46
CA ALA C 133 33.74 33.37 4.87
C ALA C 133 34.45 34.61 5.41
N GLN C 134 33.65 35.62 5.76
CA GLN C 134 34.12 36.86 6.34
C GLN C 134 34.52 36.69 7.80
N GLY C 135 34.18 35.55 8.39
CA GLY C 135 34.56 35.24 9.76
C GLY C 135 33.49 35.35 10.85
N THR C 136 32.21 35.46 10.48
CA THR C 136 31.18 35.38 11.52
C THR C 136 31.11 33.92 11.92
N GLU C 137 31.04 33.66 13.22
CA GLU C 137 30.99 32.29 13.71
C GLU C 137 29.59 31.71 13.57
N ALA C 138 29.17 31.55 12.32
CA ALA C 138 27.88 30.99 12.03
C ALA C 138 27.86 29.52 12.43
N ASN C 139 29.02 28.88 12.39
CA ASN C 139 29.17 27.50 12.89
C ASN C 139 28.89 27.32 14.39
N ARG C 140 28.54 28.40 15.09
CA ARG C 140 28.19 28.28 16.49
C ARG C 140 26.72 28.60 16.75
N TRP C 141 25.98 28.91 15.68
CA TRP C 141 24.58 29.21 15.78
C TRP C 141 23.83 27.91 16.06
N VAL C 142 22.63 28.01 16.62
CA VAL C 142 21.81 26.82 16.81
C VAL C 142 21.49 26.10 15.50
N GLY C 143 21.42 26.85 14.40
CA GLY C 143 21.08 26.28 13.12
C GLY C 143 22.25 26.19 12.15
N GLY C 144 23.46 26.43 12.65
CA GLY C 144 24.62 26.47 11.77
C GLY C 144 25.75 25.53 12.15
N LYS C 145 25.45 24.56 13.00
CA LYS C 145 26.48 23.67 13.51
C LYS C 145 26.99 22.69 12.46
N LEU C 146 26.21 22.47 11.42
CA LEU C 146 26.68 21.63 10.32
C LEU C 146 27.78 22.33 9.52
N LEU C 147 27.93 23.63 9.71
CA LEU C 147 29.04 24.33 9.07
C LEU C 147 30.38 23.86 9.66
N ASN C 148 30.32 23.08 10.74
CA ASN C 148 31.50 22.46 11.30
C ASN C 148 31.97 21.26 10.50
N ILE C 149 31.13 20.76 9.61
CA ILE C 149 31.53 19.65 8.76
C ILE C 149 31.48 20.01 7.28
N VAL C 150 31.75 21.28 6.96
CA VAL C 150 31.84 21.70 5.55
C VAL C 150 33.26 22.09 5.14
N GLU C 151 33.47 22.17 3.84
CA GLU C 151 34.76 22.55 3.29
C GLU C 151 34.60 23.72 2.36
N GLN C 152 35.62 24.56 2.24
CA GLN C 152 35.51 25.68 1.31
C GLN C 152 35.49 25.17 -0.13
N ASP C 153 34.62 25.76 -0.93
CA ASP C 153 34.48 25.35 -2.30
C ASP C 153 34.32 26.57 -3.18
N GLY C 154 35.43 27.04 -3.74
CA GLY C 154 35.45 28.33 -4.40
C GLY C 154 34.90 29.39 -3.47
N ASP C 155 33.82 30.04 -3.89
CA ASP C 155 33.26 31.17 -3.17
C ASP C 155 32.12 30.75 -2.24
N THR C 156 31.99 29.45 -2.03
CA THR C 156 30.97 28.92 -1.14
C THR C 156 31.54 27.76 -0.33
N PHE C 157 30.66 26.92 0.22
CA PHE C 157 31.10 25.78 1.00
C PHE C 157 30.32 24.55 0.58
N LYS C 158 30.87 23.36 0.83
CA LYS C 158 30.17 22.11 0.57
C LYS C 158 30.42 21.12 1.72
N TYR C 159 29.49 20.17 1.90
CA TYR C 159 29.68 19.07 2.82
C TYR C 159 30.94 18.27 2.53
N ASN C 160 31.68 17.93 3.59
CA ASN C 160 32.60 16.82 3.57
C ASN C 160 31.78 15.57 3.22
N GLU C 161 32.04 14.95 2.06
CA GLU C 161 31.25 13.81 1.57
C GLU C 161 31.23 12.60 2.49
N GLN C 162 32.36 12.31 3.13
CA GLN C 162 32.49 11.15 4.02
C GLN C 162 31.49 11.24 5.17
N LEU C 163 31.42 12.42 5.79
CA LEU C 163 30.53 12.63 6.91
C LEU C 163 29.08 12.70 6.46
N LEU C 164 28.86 13.29 5.29
CA LEU C 164 27.50 13.43 4.77
C LEU C 164 26.95 12.05 4.47
N GLN C 165 27.72 11.27 3.70
CA GLN C 165 27.23 9.97 3.26
C GLN C 165 27.06 8.94 4.38
N THR C 166 28.00 8.93 5.33
CA THR C 166 27.87 8.07 6.49
C THR C 166 26.57 8.34 7.24
N ALA C 167 26.24 9.62 7.37
CA ALA C 167 25.01 10.06 8.01
C ALA C 167 23.81 9.58 7.24
N VAL C 168 23.84 9.69 5.92
CA VAL C 168 22.74 9.18 5.10
C VAL C 168 22.53 7.69 5.35
N LEU C 169 23.64 6.94 5.44
CA LEU C 169 23.56 5.50 5.71
C LEU C 169 22.84 5.24 7.01
N ALA C 170 23.08 6.06 8.03
CA ALA C 170 22.36 5.93 9.29
C ALA C 170 20.89 6.26 9.09
N GLY C 171 20.62 7.29 8.30
CA GLY C 171 19.26 7.65 7.96
C GLY C 171 18.50 6.46 7.39
N LEU C 172 19.13 5.77 6.44
CA LEU C 172 18.50 4.62 5.81
C LEU C 172 18.25 3.48 6.82
N GLN C 173 19.21 3.22 7.70
CA GLN C 173 19.00 2.20 8.71
C GLN C 173 17.84 2.59 9.60
N TRP C 174 17.88 3.83 10.08
CA TRP C 174 16.83 4.40 10.91
C TRP C 174 15.50 4.23 10.20
N ARG C 175 15.44 4.66 8.94
CA ARG C 175 14.23 4.53 8.13
C ARG C 175 13.67 3.11 8.13
N LEU C 176 14.54 2.12 8.09
CA LEU C 176 14.10 0.72 8.06
C LEU C 176 13.56 0.16 9.39
N THR C 177 14.20 0.49 10.52
CA THR C 177 13.91 -0.21 11.77
C THR C 177 13.52 0.66 12.98
N ALA C 178 13.60 1.98 12.85
CA ALA C 178 13.26 2.88 13.97
C ALA C 178 11.88 2.61 14.55
N THR C 179 10.87 2.46 13.69
CA THR C 179 9.51 2.21 14.13
C THR C 179 9.42 0.97 15.01
N SER C 180 10.23 -0.05 14.72
CA SER C 180 10.11 -1.30 15.48
C SER C 180 10.86 -1.23 16.81
N ASN C 181 11.49 -0.09 17.07
CA ASN C 181 12.18 0.14 18.34
C ASN C 181 11.63 1.33 19.14
N THR C 182 10.54 1.95 18.70
CA THR C 182 10.04 3.12 19.41
C THR C 182 9.37 2.68 20.68
N ALA C 183 9.45 3.54 21.71
CA ALA C 183 8.79 3.27 22.98
C ALA C 183 7.27 3.32 22.80
N ILE C 184 6.56 2.58 23.64
CA ILE C 184 5.12 2.73 23.69
C ILE C 184 4.69 3.94 24.54
N LYS C 185 3.78 4.75 24.00
CA LYS C 185 3.22 5.87 24.73
C LYS C 185 1.91 5.43 25.37
N ASP C 186 1.69 5.88 26.60
CA ASP C 186 0.45 5.62 27.31
C ASP C 186 -0.32 6.93 27.50
N ALA C 187 -1.42 6.87 28.25
CA ALA C 187 -2.22 8.05 28.52
C ALA C 187 -1.37 9.14 29.20
N LYS C 188 -0.56 8.74 30.17
CA LYS C 188 0.28 9.69 30.89
C LYS C 188 1.28 10.36 29.94
N ASP C 189 1.90 9.58 29.07
CA ASP C 189 2.86 10.10 28.09
C ASP C 189 2.24 11.19 27.21
N VAL C 190 1.07 10.90 26.65
CA VAL C 190 0.40 11.83 25.75
C VAL C 190 -0.02 13.12 26.45
N ALA C 191 -0.57 12.99 27.66
CA ALA C 191 -0.87 14.17 28.50
C ALA C 191 0.34 15.09 28.66
N ALA C 192 1.50 14.50 28.95
CA ALA C 192 2.74 15.27 29.04
C ALA C 192 3.12 15.97 27.72
N ILE C 193 3.23 15.20 26.64
CA ILE C 193 3.50 15.79 25.32
C ILE C 193 2.53 16.94 25.04
N THR C 194 1.23 16.64 25.10
CA THR C 194 0.20 17.58 24.68
C THR C 194 -0.11 18.70 25.66
N GLY C 195 -0.08 18.42 26.96
CA GLY C 195 -0.48 19.41 27.93
C GLY C 195 -1.98 19.39 28.19
N ILE C 196 -2.64 18.34 27.71
CA ILE C 196 -4.05 18.11 28.00
C ILE C 196 -4.12 17.20 29.21
N ASP C 197 -5.00 17.53 30.17
CA ASP C 197 -5.14 16.72 31.37
C ASP C 197 -5.40 15.27 30.98
N GLN C 198 -4.69 14.36 31.63
CA GLN C 198 -4.73 12.93 31.27
C GLN C 198 -6.15 12.36 31.18
N ALA C 199 -7.06 12.89 32.01
CA ALA C 199 -8.44 12.38 32.04
C ALA C 199 -9.30 12.83 30.85
N LEU C 200 -8.97 14.01 30.31
CA LEU C 200 -9.81 14.66 29.32
C LEU C 200 -9.35 14.37 27.89
N LEU C 201 -8.43 13.43 27.75
CA LEU C 201 -7.91 13.09 26.43
C LEU C 201 -9.03 12.53 25.57
N PRO C 202 -9.26 13.14 24.39
CA PRO C 202 -10.30 12.68 23.48
C PRO C 202 -9.91 11.34 22.89
N GLU C 203 -10.91 10.61 22.40
CA GLU C 203 -10.69 9.26 21.87
C GLU C 203 -9.75 9.30 20.69
N GLY C 204 -8.84 8.34 20.63
CA GLY C 204 -7.93 8.21 19.51
C GLY C 204 -6.77 9.18 19.49
N LEU C 205 -6.74 10.13 20.42
CA LEU C 205 -5.61 11.05 20.50
C LEU C 205 -4.37 10.31 21.00
N VAL C 206 -4.56 9.45 22.00
CA VAL C 206 -3.47 8.65 22.55
C VAL C 206 -2.99 7.69 21.48
N GLU C 207 -3.94 7.26 20.65
CA GLU C 207 -3.64 6.38 19.53
C GLU C 207 -2.80 7.12 18.50
N GLN C 208 -3.25 8.30 18.11
CA GLN C 208 -2.55 9.12 17.13
C GLN C 208 -1.12 9.41 17.56
N PHE C 209 -0.90 9.63 18.85
CA PHE C 209 0.44 9.97 19.34
C PHE C 209 1.36 8.76 19.55
N ASP C 210 0.78 7.56 19.55
CA ASP C 210 1.55 6.34 19.70
C ASP C 210 1.91 5.78 18.32
N THR C 211 1.20 6.26 17.30
CA THR C 211 1.47 5.88 15.93
C THR C 211 2.61 6.73 15.34
N GLY C 212 2.85 7.88 15.95
CA GLY C 212 3.88 8.79 15.49
C GLY C 212 4.95 9.06 16.51
N MET C 213 6.08 9.57 16.05
CA MET C 213 7.14 10.01 16.94
C MET C 213 7.07 11.53 17.07
N THR C 214 7.39 12.06 18.25
CA THR C 214 7.55 13.50 18.41
C THR C 214 8.91 13.91 17.81
N LEU C 215 9.13 15.22 17.74
CA LEU C 215 10.35 15.72 17.15
C LEU C 215 11.52 15.18 17.93
N THR C 216 11.44 15.35 19.25
CA THR C 216 12.47 14.90 20.16
C THR C 216 12.71 13.40 19.97
N GLU C 217 11.63 12.63 19.93
CA GLU C 217 11.71 11.19 19.70
C GLU C 217 12.47 10.85 18.39
N ALA C 218 12.06 11.46 17.29
CA ALA C 218 12.64 11.15 15.97
C ALA C 218 14.10 11.57 15.87
N VAL C 219 14.38 12.80 16.26
CA VAL C 219 15.71 13.37 16.09
C VAL C 219 16.74 12.67 16.96
N SER C 220 16.42 12.40 18.22
CA SER C 220 17.40 11.72 19.07
C SER C 220 17.76 10.30 18.61
N SER C 221 16.79 9.50 18.20
CA SER C 221 17.16 8.14 17.79
C SER C 221 18.02 8.18 16.52
N LEU C 222 17.69 9.09 15.60
CA LEU C 222 18.47 9.32 14.38
C LEU C 222 19.88 9.80 14.73
N ALA C 223 19.95 10.73 15.68
CA ALA C 223 21.23 11.35 16.05
C ALA C 223 22.14 10.33 16.73
N GLN C 224 21.53 9.41 17.45
CA GLN C 224 22.26 8.30 18.03
C GLN C 224 22.90 7.44 16.93
N LYS C 225 22.13 7.07 15.92
CA LYS C 225 22.67 6.27 14.81
C LYS C 225 23.74 7.01 14.01
N ILE C 226 23.51 8.29 13.74
CA ILE C 226 24.50 9.11 13.03
C ILE C 226 25.83 9.17 13.80
N GLU C 227 25.76 9.46 15.09
CA GLU C 227 26.98 9.57 15.91
C GLU C 227 27.67 8.24 15.99
N SER C 228 26.86 7.19 16.01
CA SER C 228 27.36 5.84 16.09
C SER C 228 28.09 5.42 14.80
N TYR C 229 27.53 5.75 13.63
CA TYR C 229 28.17 5.36 12.37
C TYR C 229 29.39 6.21 12.07
N TRP C 230 29.43 7.45 12.58
CA TRP C 230 30.62 8.29 12.41
C TRP C 230 31.82 7.65 13.10
N GLY C 231 31.54 6.80 14.09
CA GLY C 231 32.57 5.96 14.66
C GLY C 231 33.67 6.66 15.42
N LEU C 232 33.35 7.83 15.99
CA LEU C 232 34.31 8.59 16.78
C LEU C 232 33.94 8.58 18.25
N SER C 233 34.85 9.08 19.08
CA SER C 233 34.62 9.20 20.52
C SER C 233 34.50 10.67 20.92
N ARG C 234 33.66 10.95 21.90
CA ARG C 234 33.47 12.33 22.33
C ARG C 234 34.66 12.83 23.17
N ASN C 235 35.11 14.05 22.86
CA ASN C 235 36.12 14.68 23.67
C ASN C 235 35.51 15.16 25.00
N PRO C 236 35.95 14.58 26.13
CA PRO C 236 35.39 14.88 27.45
C PRO C 236 35.44 16.37 27.81
N ASN C 237 36.36 17.10 27.20
CA ASN C 237 36.51 18.51 27.49
C ASN C 237 35.94 19.45 26.44
N ALA C 238 35.16 18.91 25.52
CA ALA C 238 34.45 19.74 24.54
C ALA C 238 33.03 20.02 25.04
N PRO C 239 32.47 21.18 24.67
CA PRO C 239 31.12 21.54 25.12
C PRO C 239 30.04 20.67 24.51
N LEU C 240 29.06 20.28 25.32
CA LEU C 240 27.93 19.49 24.86
C LEU C 240 27.18 20.14 23.70
N GLY C 241 27.21 21.48 23.64
CA GLY C 241 26.58 22.19 22.53
C GLY C 241 27.04 21.64 21.19
N TYR C 242 28.25 21.10 21.15
CA TYR C 242 28.83 20.59 19.93
C TYR C 242 28.90 19.05 19.85
N THR C 243 29.30 18.38 20.94
CA THR C 243 29.36 16.92 20.95
C THR C 243 27.99 16.30 20.69
N LYS C 244 26.95 16.89 21.30
CA LYS C 244 25.57 16.51 20.96
C LYS C 244 25.04 17.31 19.76
N GLY C 245 25.41 18.58 19.69
CA GLY C 245 24.78 19.47 18.74
C GLY C 245 25.04 19.13 17.30
N ILE C 246 26.28 18.77 16.99
CA ILE C 246 26.61 18.40 15.63
C ILE C 246 25.82 17.18 15.10
N PRO C 247 25.84 16.05 15.82
CA PRO C 247 25.06 14.92 15.28
C PRO C 247 23.55 15.22 15.23
N THR C 248 23.09 16.05 16.15
CA THR C 248 21.66 16.38 16.26
C THR C 248 21.24 17.34 15.15
N ALA C 249 22.09 18.32 14.83
CA ALA C 249 21.87 19.15 13.64
C ALA C 249 21.79 18.30 12.36
N MET C 250 22.67 17.31 12.22
CA MET C 250 22.65 16.40 11.08
C MET C 250 21.36 15.57 11.03
N ALA C 251 20.96 15.08 12.19
CA ALA C 251 19.73 14.31 12.30
C ALA C 251 18.52 15.14 11.86
N ALA C 252 18.46 16.40 12.30
CA ALA C 252 17.37 17.31 11.96
C ALA C 252 17.30 17.53 10.44
N GLU C 253 18.45 17.76 9.83
CA GLU C 253 18.53 17.85 8.37
C GLU C 253 18.04 16.60 7.68
N ILE C 254 18.39 15.42 8.21
CA ILE C 254 17.98 14.19 7.57
C ILE C 254 16.47 13.99 7.73
N LEU C 255 15.96 14.27 8.93
CA LEU C 255 14.52 14.18 9.15
C LEU C 255 13.79 15.07 8.15
N ALA C 256 14.29 16.29 7.95
CA ALA C 256 13.71 17.19 6.94
C ALA C 256 13.79 16.65 5.49
N ALA C 257 14.93 16.09 5.11
CA ALA C 257 15.05 15.44 3.80
C ALA C 257 14.04 14.30 3.63
N PHE C 258 13.91 13.45 4.67
CA PHE C 258 12.92 12.38 4.66
C PHE C 258 11.47 12.91 4.52
N VAL C 259 11.16 14.05 5.14
CA VAL C 259 9.87 14.71 4.91
C VAL C 259 9.73 15.11 3.45
N GLU C 260 10.78 15.68 2.88
CA GLU C 260 10.81 16.03 1.45
C GLU C 260 10.78 14.82 0.51
N SER C 261 11.29 13.68 0.98
CA SER C 261 11.33 12.50 0.12
C SER C 261 10.13 11.53 0.34
N THR C 262 9.33 11.82 1.37
CA THR C 262 8.12 11.07 1.73
C THR C 262 8.39 9.76 2.47
N ASP C 263 9.62 9.56 2.92
CA ASP C 263 9.93 8.42 3.79
C ASP C 263 9.33 8.69 5.15
N VAL C 264 9.18 9.97 5.46
CA VAL C 264 8.55 10.41 6.70
C VAL C 264 7.44 11.40 6.37
N VAL C 265 6.29 11.26 7.03
CA VAL C 265 5.21 12.21 6.87
C VAL C 265 5.14 13.05 8.13
N GLU C 266 5.05 14.37 7.96
CA GLU C 266 5.02 15.28 9.08
C GLU C 266 3.59 15.79 9.28
N ASN C 267 3.15 15.81 10.54
CA ASN C 267 1.84 16.31 10.88
C ASN C 267 1.94 17.21 12.10
N ILE C 268 1.77 18.52 11.92
CA ILE C 268 1.75 19.43 13.07
C ILE C 268 0.35 19.44 13.66
N VAL C 269 0.20 18.87 14.86
CA VAL C 269 -1.13 18.75 15.47
C VAL C 269 -1.46 19.99 16.31
N ASP C 270 -2.61 20.59 16.02
CA ASP C 270 -3.02 21.83 16.64
C ASP C 270 -3.91 21.55 17.84
N MET C 271 -3.34 21.73 19.03
CA MET C 271 -4.02 21.41 20.27
C MET C 271 -5.21 22.32 20.55
N SER C 272 -5.26 23.47 19.88
CA SER C 272 -6.38 24.40 20.08
C SER C 272 -7.66 23.82 19.49
N GLU C 273 -7.51 22.94 18.52
CA GLU C 273 -8.65 22.27 17.90
C GLU C 273 -9.29 21.29 18.88
N ILE C 274 -8.50 20.80 19.83
CA ILE C 274 -8.98 19.90 20.85
C ILE C 274 -9.41 20.68 22.09
N ASP C 275 -8.47 21.43 22.64
CA ASP C 275 -8.76 22.36 23.73
C ASP C 275 -8.49 23.80 23.30
N PRO C 276 -9.54 24.63 23.24
CA PRO C 276 -9.51 26.00 22.71
C PRO C 276 -8.44 26.93 23.29
N ASP C 277 -7.94 26.67 24.49
CA ASP C 277 -6.92 27.57 25.04
C ASP C 277 -5.54 26.94 25.27
N ASN C 278 -5.35 25.71 24.79
CA ASN C 278 -4.02 25.11 24.70
C ASN C 278 -3.38 25.65 23.43
N LYS C 279 -2.28 26.39 23.57
CA LYS C 279 -1.68 27.01 22.40
C LYS C 279 -0.63 26.16 21.68
N LYS C 280 -0.39 24.96 22.20
CA LYS C 280 0.61 24.07 21.61
C LYS C 280 0.23 23.62 20.21
N THR C 281 1.22 23.60 19.33
CA THR C 281 1.09 22.95 18.05
C THR C 281 2.21 21.93 18.05
N ILE C 282 1.88 20.65 17.88
CA ILE C 282 2.85 19.57 18.10
C ILE C 282 3.17 18.74 16.84
N GLY C 283 4.45 18.63 16.52
CA GLY C 283 4.86 17.87 15.37
C GLY C 283 4.87 16.37 15.62
N LEU C 284 4.27 15.62 14.68
CA LEU C 284 4.27 14.16 14.67
C LEU C 284 4.88 13.62 13.36
N TYR C 285 5.74 12.61 13.50
CA TYR C 285 6.46 12.06 12.38
C TYR C 285 6.24 10.55 12.30
N THR C 286 5.70 10.10 11.18
CA THR C 286 5.49 8.67 10.98
C THR C 286 6.31 8.19 9.79
N ILE C 287 7.14 7.18 10.03
CA ILE C 287 7.92 6.60 8.96
C ILE C 287 6.96 5.80 8.08
N THR C 288 7.12 5.96 6.77
CA THR C 288 6.28 5.25 5.83
C THR C 288 6.60 3.76 5.85
N GLU C 289 5.56 2.94 6.00
CA GLU C 289 5.79 1.50 6.11
C GLU C 289 6.10 0.85 4.78
N LEU C 290 7.12 -0.03 4.80
CA LEU C 290 7.40 -0.93 3.69
C LEU C 290 6.27 -1.94 3.59
N ASP C 291 6.07 -2.50 2.40
CA ASP C 291 5.10 -3.58 2.24
C ASP C 291 5.50 -4.70 3.16
N SER C 292 4.53 -5.39 3.73
CA SER C 292 4.80 -6.57 4.54
C SER C 292 5.60 -7.58 3.73
N PHE C 293 5.36 -7.60 2.42
CA PHE C 293 6.01 -8.55 1.52
C PHE C 293 7.27 -7.99 0.84
N ASP C 294 7.82 -6.91 1.37
CA ASP C 294 9.09 -6.37 0.88
C ASP C 294 10.22 -7.24 1.44
N PRO C 295 10.92 -7.97 0.56
CA PRO C 295 11.99 -8.93 0.85
C PRO C 295 12.99 -8.44 1.88
N ILE C 296 13.20 -7.12 1.93
CA ILE C 296 14.18 -6.51 2.83
C ILE C 296 13.77 -6.68 4.29
N ASN C 297 12.50 -7.01 4.51
CA ASN C 297 12.05 -7.29 5.87
C ASN C 297 12.75 -8.49 6.48
N SER C 298 13.10 -9.45 5.62
CA SER C 298 13.69 -10.69 6.10
C SER C 298 15.12 -10.45 6.54
N PHE C 299 15.63 -9.24 6.27
CA PHE C 299 16.96 -8.87 6.73
C PHE C 299 17.14 -7.35 6.67
N PRO C 300 16.52 -6.65 7.63
CA PRO C 300 16.46 -5.18 7.62
C PRO C 300 17.70 -4.53 8.21
N THR C 301 18.73 -5.29 8.54
CA THR C 301 19.88 -4.74 9.25
C THR C 301 21.24 -4.89 8.52
N ALA C 302 21.20 -5.08 7.20
CA ALA C 302 22.43 -5.26 6.41
C ALA C 302 23.37 -4.06 6.47
N ILE C 303 22.82 -2.85 6.47
CA ILE C 303 23.64 -1.64 6.58
C ILE C 303 24.37 -1.58 7.92
N GLU C 304 23.61 -1.66 9.00
CA GLU C 304 24.13 -1.70 10.36
C GLU C 304 25.21 -2.78 10.54
N GLU C 305 24.97 -3.98 10.00
CA GLU C 305 25.92 -5.06 10.23
C GLU C 305 27.20 -4.95 9.40
N ALA C 306 27.18 -4.07 8.40
CA ALA C 306 28.38 -3.77 7.61
C ALA C 306 29.08 -2.52 8.14
N VAL C 307 28.31 -1.52 8.56
CA VAL C 307 28.95 -0.29 9.03
C VAL C 307 29.61 -0.47 10.38
N LEU C 308 28.87 -1.03 11.34
CA LEU C 308 29.36 -1.16 12.71
C LEU C 308 30.14 -2.44 12.97
N VAL C 309 31.28 -2.32 13.63
CA VAL C 309 32.07 -3.47 14.05
C VAL C 309 31.29 -4.26 15.09
N ASN C 310 30.63 -3.54 15.99
CA ASN C 310 29.72 -4.16 16.97
C ASN C 310 28.27 -3.67 16.85
N PRO C 311 27.55 -4.16 15.83
CA PRO C 311 26.18 -3.72 15.57
C PRO C 311 25.23 -3.94 16.74
N THR C 312 24.19 -3.10 16.81
CA THR C 312 23.21 -3.15 17.89
C THR C 312 21.92 -3.79 17.43
N GLU C 313 21.53 -3.45 16.21
CA GLU C 313 20.34 -3.98 15.59
C GLU C 313 20.72 -5.23 14.82
N LYS C 314 20.21 -6.37 15.29
CA LYS C 314 20.52 -7.65 14.69
C LYS C 314 19.73 -8.71 15.42
N MET C 315 19.50 -9.84 14.78
CA MET C 315 18.98 -10.98 15.48
C MET C 315 20.16 -11.79 15.97
N PHE C 316 20.02 -12.43 17.13
CA PHE C 316 21.06 -13.29 17.69
C PHE C 316 20.69 -14.77 17.50
N PHE C 317 21.42 -15.47 16.64
CA PHE C 317 21.14 -16.88 16.35
C PHE C 317 22.22 -17.79 16.89
N GLY C 318 21.81 -18.97 17.38
CA GLY C 318 22.73 -20.01 17.77
C GLY C 318 23.74 -19.55 18.79
N ASP C 319 25.02 -19.64 18.46
CA ASP C 319 26.08 -19.33 19.42
C ASP C 319 26.39 -17.85 19.53
N ASP C 320 25.76 -17.04 18.70
CA ASP C 320 25.98 -15.59 18.70
C ASP C 320 25.10 -14.98 19.78
N ILE C 321 25.71 -14.75 20.93
CA ILE C 321 25.03 -14.34 22.14
C ILE C 321 25.09 -12.82 22.33
N PRO C 322 23.94 -12.19 22.59
CA PRO C 322 23.90 -10.76 22.90
C PRO C 322 24.70 -10.42 24.15
N PRO C 323 25.36 -9.26 24.14
CA PRO C 323 26.23 -8.79 25.23
C PRO C 323 25.41 -8.37 26.44
N VAL C 324 26.05 -8.27 27.61
CA VAL C 324 25.38 -7.82 28.82
C VAL C 324 25.52 -6.32 29.02
N ALA C 325 24.40 -5.62 29.12
CA ALA C 325 24.40 -4.17 29.31
C ALA C 325 25.07 -3.84 30.63
N ASN C 326 25.87 -2.78 30.63
CA ASN C 326 26.59 -2.38 31.84
C ASN C 326 25.80 -1.44 32.74
N THR C 327 25.04 -0.53 32.14
CA THR C 327 24.27 0.43 32.94
C THR C 327 22.76 0.19 32.83
N GLN C 328 22.02 0.64 33.84
CA GLN C 328 20.56 0.59 33.84
C GLN C 328 20.06 1.31 32.60
N LEU C 329 18.98 0.80 32.01
CA LEU C 329 18.39 1.39 30.79
C LEU C 329 18.00 2.85 30.96
N ARG C 330 18.65 3.73 30.19
CA ARG C 330 18.44 5.19 30.25
C ARG C 330 18.75 5.82 31.63
N ASN C 331 19.73 5.25 32.32
CA ASN C 331 20.20 5.80 33.59
C ASN C 331 21.70 5.58 33.69
N PRO C 332 22.48 6.24 32.83
CA PRO C 332 23.93 6.02 32.72
C PRO C 332 24.71 6.13 34.03
N ALA C 333 24.16 6.79 35.04
CA ALA C 333 24.88 6.96 36.30
C ALA C 333 24.74 5.69 37.15
N VAL C 334 23.89 4.78 36.70
CA VAL C 334 23.62 3.58 37.46
C VAL C 334 24.16 2.37 36.72
N ARG C 335 25.14 1.70 37.32
CA ARG C 335 25.59 0.42 36.78
C ARG C 335 24.67 -0.68 37.25
N ASN C 336 24.38 -1.62 36.35
CA ASN C 336 23.73 -2.85 36.75
C ASN C 336 24.66 -3.54 37.73
N THR C 337 24.11 -4.04 38.83
CA THR C 337 24.91 -4.75 39.82
C THR C 337 25.44 -6.04 39.18
N PRO C 338 26.47 -6.66 39.80
CA PRO C 338 26.95 -7.96 39.31
C PRO C 338 25.84 -9.01 39.28
N GLU C 339 24.94 -8.96 40.28
CA GLU C 339 23.81 -9.88 40.36
C GLU C 339 22.83 -9.62 39.23
N GLN C 340 22.55 -8.34 38.98
CA GLN C 340 21.73 -7.95 37.84
C GLN C 340 22.36 -8.37 36.51
N LYS C 341 23.67 -8.24 36.39
CA LYS C 341 24.33 -8.65 35.15
C LYS C 341 24.23 -10.16 35.00
N ALA C 342 24.37 -10.89 36.10
CA ALA C 342 24.22 -12.34 36.06
C ALA C 342 22.80 -12.78 35.65
N ALA C 343 21.79 -12.05 36.11
CA ALA C 343 20.42 -12.31 35.69
C ALA C 343 20.26 -12.02 34.20
N LEU C 344 20.74 -10.86 33.77
CA LEU C 344 20.66 -10.48 32.36
C LEU C 344 21.25 -11.57 31.51
N LYS C 345 22.42 -12.04 31.92
CA LYS C 345 23.17 -13.00 31.13
C LYS C 345 22.40 -14.31 31.02
N ALA C 346 21.71 -14.66 32.10
CA ALA C 346 21.00 -15.93 32.18
C ALA C 346 19.78 -15.91 31.29
N GLU C 347 19.11 -14.77 31.26
CA GLU C 347 17.91 -14.63 30.43
C GLU C 347 18.28 -14.51 28.95
N GLN C 348 19.48 -14.00 28.67
CA GLN C 348 19.98 -13.90 27.30
C GLN C 348 20.49 -15.24 26.73
N ALA C 349 20.81 -16.20 27.59
CA ALA C 349 21.32 -17.51 27.15
C ALA C 349 20.20 -18.42 26.69
N THR C 350 18.98 -18.11 27.11
CA THR C 350 17.84 -18.97 26.85
C THR C 350 17.60 -19.12 25.36
N GLU C 351 17.28 -20.33 24.93
CA GLU C 351 16.99 -20.53 23.53
C GLU C 351 15.51 -20.48 23.22
N PHE C 352 15.14 -19.68 22.24
CA PHE C 352 13.78 -19.62 21.77
C PHE C 352 13.68 -20.29 20.41
N TYR C 353 12.57 -20.97 20.15
CA TYR C 353 12.41 -21.71 18.91
C TYR C 353 11.06 -21.40 18.30
N VAL C 354 11.00 -21.41 16.97
CA VAL C 354 9.74 -21.29 16.28
C VAL C 354 8.88 -22.55 16.46
N HIS C 355 7.62 -22.35 16.84
CA HIS C 355 6.61 -23.39 16.81
C HIS C 355 5.86 -23.41 15.48
N THR C 356 6.39 -24.18 14.53
CA THR C 356 5.87 -24.28 13.18
C THR C 356 4.34 -24.41 13.03
N PRO C 357 3.67 -25.25 13.85
CA PRO C 357 2.22 -25.37 13.69
C PRO C 357 1.47 -24.05 13.91
N MET C 358 1.93 -23.24 14.84
CA MET C 358 1.26 -22.00 15.13
C MET C 358 1.55 -21.01 14.01
N VAL C 359 2.78 -21.01 13.52
CA VAL C 359 3.13 -20.12 12.43
C VAL C 359 2.29 -20.50 11.23
N GLN C 360 2.22 -21.81 10.96
CA GLN C 360 1.38 -22.34 9.91
C GLN C 360 -0.10 -21.95 10.07
N PHE C 361 -0.66 -22.17 11.25
CA PHE C 361 -2.02 -21.73 11.56
C PHE C 361 -2.25 -20.21 11.31
N TYR C 362 -1.32 -19.36 11.76
CA TYR C 362 -1.45 -17.92 11.50
C TYR C 362 -1.52 -17.65 10.00
N GLU C 363 -0.54 -18.21 9.28
CA GLU C 363 -0.42 -18.07 7.83
C GLU C 363 -1.68 -18.46 7.10
N THR C 364 -2.29 -19.56 7.54
CA THR C 364 -3.45 -20.10 6.85
C THR C 364 -4.71 -19.28 7.14
N LEU C 365 -4.83 -18.77 8.36
CA LEU C 365 -5.92 -17.83 8.66
C LEU C 365 -5.76 -16.59 7.78
N GLY C 366 -4.53 -16.10 7.69
CA GLY C 366 -4.25 -14.86 6.99
C GLY C 366 -4.31 -13.68 7.94
N LYS C 367 -3.63 -12.59 7.59
CA LYS C 367 -3.70 -11.36 8.38
C LYS C 367 -5.12 -10.82 8.46
N ASP C 368 -5.89 -10.92 7.38
CA ASP C 368 -7.27 -10.40 7.40
C ASP C 368 -8.18 -11.12 8.39
N ARG C 369 -8.11 -12.45 8.43
CA ARG C 369 -8.92 -13.19 9.40
C ARG C 369 -8.42 -13.08 10.84
N ILE C 370 -7.09 -13.02 11.00
CA ILE C 370 -6.51 -12.73 12.31
C ILE C 370 -7.10 -11.43 12.87
N LEU C 371 -7.26 -10.43 12.00
CA LEU C 371 -7.79 -9.14 12.42
C LEU C 371 -9.28 -9.25 12.70
N GLU C 372 -9.95 -10.14 11.96
CA GLU C 372 -11.38 -10.29 12.14
C GLU C 372 -11.66 -11.02 13.45
N LEU C 373 -10.69 -11.80 13.90
CA LEU C 373 -10.85 -12.66 15.06
C LEU C 373 -10.29 -12.02 16.34
N MET C 374 -9.07 -11.47 16.26
CA MET C 374 -8.39 -10.96 17.43
C MET C 374 -8.38 -9.42 17.49
N GLY C 375 -9.01 -8.80 16.50
CA GLY C 375 -9.07 -7.35 16.44
C GLY C 375 -10.46 -6.91 16.06
N ALA C 376 -10.54 -5.85 15.26
CA ALA C 376 -11.83 -5.27 14.89
C ALA C 376 -12.30 -5.58 13.47
N GLY C 377 -11.51 -6.37 12.73
CA GLY C 377 -11.85 -6.68 11.35
C GLY C 377 -11.94 -5.44 10.45
N THR C 378 -12.77 -5.52 9.41
CA THR C 378 -12.92 -4.40 8.49
C THR C 378 -13.83 -3.32 9.06
N LEU C 379 -13.37 -2.07 9.00
CA LEU C 379 -14.11 -0.97 9.62
C LEU C 379 -14.96 -0.21 8.63
N ASN C 380 -16.27 -0.44 8.68
CA ASN C 380 -17.24 0.35 7.93
C ASN C 380 -17.50 1.67 8.66
N LYS C 381 -16.75 2.72 8.30
CA LYS C 381 -16.78 3.97 9.07
C LYS C 381 -18.10 4.73 9.02
N GLU C 382 -19.18 4.06 8.61
CA GLU C 382 -20.50 4.67 8.63
C GLU C 382 -21.55 3.74 9.24
N LEU C 383 -21.09 2.70 9.92
CA LEU C 383 -21.87 1.96 10.89
C LEU C 383 -21.12 2.10 12.20
N LEU C 384 -20.35 3.18 12.30
CA LEU C 384 -19.37 3.33 13.36
C LEU C 384 -19.36 4.75 13.86
N ASN C 385 -19.42 4.90 15.18
CA ASN C 385 -19.25 6.22 15.80
C ASN C 385 -17.81 6.67 15.66
N ASP C 386 -17.63 7.97 15.40
CA ASP C 386 -16.31 8.52 15.11
C ASP C 386 -15.28 8.21 16.18
N ASN C 387 -15.71 8.17 17.44
CA ASN C 387 -14.79 7.89 18.54
C ASN C 387 -14.49 6.40 18.63
N HIS C 388 -15.53 5.58 18.62
CA HIS C 388 -15.37 4.13 18.64
C HIS C 388 -14.45 3.67 17.49
N ALA C 389 -14.68 4.22 16.29
CA ALA C 389 -13.87 3.91 15.13
C ALA C 389 -12.38 4.14 15.39
N LYS C 390 -12.06 5.13 16.21
CA LYS C 390 -10.67 5.44 16.49
C LYS C 390 -10.00 4.44 17.45
N SER C 391 -10.78 3.89 18.38
CA SER C 391 -10.28 2.80 19.24
C SER C 391 -10.03 1.57 18.41
N LEU C 392 -10.99 1.24 17.55
CA LEU C 392 -10.94 0.09 16.68
C LEU C 392 -9.68 0.05 15.78
N GLU C 393 -9.33 1.18 15.18
CA GLU C 393 -8.10 1.26 14.37
C GLU C 393 -6.89 0.92 15.22
N GLY C 394 -6.89 1.39 16.46
CA GLY C 394 -5.79 1.14 17.36
C GLY C 394 -5.70 -0.31 17.74
N LYS C 395 -6.84 -0.97 17.86
CA LYS C 395 -6.82 -2.37 18.22
C LYS C 395 -6.29 -3.16 17.03
N ASN C 396 -6.71 -2.75 15.83
CA ASN C 396 -6.27 -3.39 14.62
C ASN C 396 -4.79 -3.19 14.33
N ARG C 397 -4.29 -1.98 14.56
CA ARG C 397 -2.90 -1.66 14.29
C ARG C 397 -1.98 -2.51 15.17
N SER C 398 -2.36 -2.70 16.43
CA SER C 398 -1.53 -3.45 17.38
C SER C 398 -1.37 -4.91 16.99
N VAL C 399 -2.46 -5.53 16.53
CA VAL C 399 -2.43 -6.91 16.08
C VAL C 399 -1.77 -7.01 14.72
N GLU C 400 -2.05 -6.05 13.84
CA GLU C 400 -1.48 -6.09 12.50
C GLU C 400 0.04 -5.95 12.50
N ASP C 401 0.55 -4.95 13.22
CA ASP C 401 1.99 -4.75 13.32
C ASP C 401 2.65 -5.97 13.95
N SER C 402 1.98 -6.54 14.94
CA SER C 402 2.48 -7.72 15.63
C SER C 402 2.59 -8.91 14.65
N TYR C 403 1.58 -9.10 13.82
CA TYR C 403 1.60 -10.12 12.78
C TYR C 403 2.74 -9.87 11.79
N ASN C 404 2.83 -8.64 11.29
CA ASN C 404 3.85 -8.27 10.33
C ASN C 404 5.23 -8.42 10.92
N GLN C 405 5.38 -7.99 12.17
CA GLN C 405 6.64 -8.16 12.87
C GLN C 405 7.01 -9.63 13.06
N LEU C 406 6.05 -10.47 13.41
CA LEU C 406 6.32 -11.89 13.55
C LEU C 406 6.81 -12.46 12.23
N PHE C 407 6.10 -12.18 11.16
CA PHE C 407 6.49 -12.79 9.90
C PHE C 407 7.80 -12.29 9.28
N SER C 408 8.24 -11.09 9.65
CA SER C 408 9.57 -10.61 9.24
C SER C 408 10.68 -11.40 9.93
N VAL C 409 10.54 -11.56 11.24
CA VAL C 409 11.40 -12.45 12.01
C VAL C 409 11.41 -13.86 11.41
N ILE C 410 10.23 -14.42 11.18
CA ILE C 410 10.11 -15.79 10.65
C ILE C 410 10.89 -15.98 9.35
N GLU C 411 10.74 -15.06 8.41
CA GLU C 411 11.46 -15.08 7.14
C GLU C 411 12.97 -15.19 7.33
N GLN C 412 13.51 -14.45 8.29
CA GLN C 412 14.95 -14.44 8.53
C GLN C 412 15.43 -15.73 9.19
N VAL C 413 14.66 -16.20 10.17
CA VAL C 413 14.92 -17.48 10.81
C VAL C 413 14.87 -18.64 9.79
N ARG C 414 13.89 -18.61 8.89
CA ARG C 414 13.75 -19.65 7.87
C ARG C 414 15.00 -19.78 7.02
N ALA C 415 15.70 -18.67 6.81
CA ALA C 415 16.91 -18.70 5.99
C ALA C 415 18.12 -19.27 6.74
N GLN C 416 18.03 -19.40 8.07
CA GLN C 416 19.19 -19.86 8.85
C GLN C 416 19.49 -21.34 8.67
N SER C 417 18.47 -22.15 8.40
CA SER C 417 18.66 -23.58 8.23
C SER C 417 17.46 -24.24 7.56
N GLU C 418 17.60 -25.52 7.22
CA GLU C 418 16.53 -26.26 6.55
C GLU C 418 15.29 -26.42 7.41
N ASP C 419 15.48 -26.59 8.71
CA ASP C 419 14.38 -26.79 9.65
C ASP C 419 14.26 -25.62 10.65
N ILE C 420 13.32 -24.72 10.40
CA ILE C 420 13.10 -23.54 11.24
C ILE C 420 13.04 -23.85 12.73
N SER C 421 12.46 -25.00 13.07
CA SER C 421 12.18 -25.30 14.47
C SER C 421 13.44 -25.60 15.29
N THR C 422 14.59 -25.69 14.64
CA THR C 422 15.83 -26.04 15.33
C THR C 422 16.80 -24.87 15.38
N VAL C 423 16.39 -23.73 14.84
CA VAL C 423 17.22 -22.54 14.89
C VAL C 423 17.07 -21.83 16.23
N PRO C 424 18.17 -21.72 16.99
CA PRO C 424 18.05 -21.08 18.31
C PRO C 424 18.06 -19.55 18.24
N ILE C 425 17.06 -18.90 18.82
CA ILE C 425 16.94 -17.44 18.78
C ILE C 425 17.22 -16.85 20.18
N HIS C 426 18.11 -15.87 20.27
CA HIS C 426 18.42 -15.22 21.55
C HIS C 426 17.88 -13.81 21.54
N TYR C 427 17.40 -13.39 22.70
CA TYR C 427 16.89 -12.02 22.86
C TYR C 427 17.75 -11.20 23.84
N ALA C 428 18.04 -9.97 23.47
CA ALA C 428 18.71 -9.06 24.39
C ALA C 428 17.70 -8.58 25.42
N TYR C 429 18.18 -8.34 26.64
CA TYR C 429 17.38 -7.77 27.71
C TYR C 429 18.15 -6.62 28.33
N ASN C 430 17.46 -5.70 28.99
CA ASN C 430 18.14 -4.79 29.91
C ASN C 430 17.36 -4.61 31.22
N MET C 431 18.03 -4.09 32.24
CA MET C 431 17.36 -3.66 33.47
C MET C 431 16.79 -2.26 33.32
N THR C 432 15.53 -2.08 33.72
CA THR C 432 14.92 -0.76 33.69
C THR C 432 15.12 -0.06 35.04
N ARG C 433 14.67 1.19 35.15
CA ARG C 433 14.79 1.99 36.38
C ARG C 433 14.15 1.30 37.58
N VAL C 434 13.15 0.45 37.34
CA VAL C 434 12.40 -0.15 38.43
C VAL C 434 12.83 -1.57 38.69
N GLY C 435 13.87 -2.01 37.96
CA GLY C 435 14.49 -3.30 38.19
C GLY C 435 13.86 -4.47 37.45
N ARG C 436 13.10 -4.19 36.40
CA ARG C 436 12.53 -5.27 35.60
C ARG C 436 13.46 -5.64 34.48
N MET C 437 13.50 -6.92 34.17
CA MET C 437 14.25 -7.43 33.04
C MET C 437 13.36 -7.37 31.80
N GLN C 438 13.61 -6.39 30.96
CA GLN C 438 12.76 -6.21 29.80
C GLN C 438 13.45 -6.65 28.53
N MET C 439 12.76 -7.45 27.72
CA MET C 439 13.21 -7.72 26.35
C MET C 439 13.24 -6.43 25.53
N LEU C 440 14.34 -6.23 24.81
CA LEU C 440 14.42 -5.11 23.89
C LEU C 440 13.56 -5.41 22.66
N GLY C 441 12.94 -4.38 22.11
CA GLY C 441 12.07 -4.53 20.97
C GLY C 441 10.60 -4.34 21.33
N LYS C 442 9.82 -3.81 20.39
CA LYS C 442 8.41 -3.52 20.64
C LYS C 442 7.54 -4.78 20.59
N TYR C 443 7.77 -5.64 19.59
CA TYR C 443 7.00 -6.88 19.45
C TYR C 443 7.89 -8.12 19.58
N ASN C 444 8.02 -8.60 20.81
CA ASN C 444 8.80 -9.80 21.11
C ASN C 444 7.95 -10.74 21.97
N PRO C 445 8.42 -11.98 22.22
CA PRO C 445 7.64 -12.89 23.08
C PRO C 445 7.17 -12.28 24.41
N GLN C 446 8.03 -11.52 25.08
CA GLN C 446 7.67 -10.97 26.38
C GLN C 446 6.57 -9.91 26.24
N SER C 447 6.63 -9.12 25.17
CA SER C 447 5.73 -7.98 24.99
C SER C 447 4.45 -8.23 24.20
N ALA C 448 4.47 -9.21 23.29
CA ALA C 448 3.40 -9.33 22.30
C ALA C 448 2.77 -10.70 22.29
N LYS C 449 1.49 -10.76 22.64
CA LYS C 449 0.79 -12.03 22.80
C LYS C 449 0.80 -12.90 21.53
N LEU C 450 0.68 -12.28 20.37
CA LEU C 450 0.66 -13.01 19.10
C LEU C 450 1.99 -13.72 18.89
N VAL C 451 3.09 -13.00 19.17
CA VAL C 451 4.44 -13.50 19.00
C VAL C 451 4.73 -14.60 20.01
N ARG C 452 4.15 -14.44 21.21
CA ARG C 452 4.40 -15.35 22.33
C ARG C 452 3.97 -16.79 22.05
N GLU C 453 2.96 -16.96 21.22
CA GLU C 453 2.46 -18.29 20.92
C GLU C 453 3.16 -18.91 19.74
N ALA C 454 4.20 -18.24 19.23
CA ALA C 454 4.90 -18.70 18.02
C ALA C 454 6.41 -18.91 18.22
N ILE C 455 7.00 -18.12 19.11
CA ILE C 455 8.40 -18.26 19.46
C ILE C 455 8.49 -18.44 20.97
N LEU C 456 8.87 -19.66 21.37
CA LEU C 456 8.81 -20.09 22.75
C LEU C 456 10.17 -20.67 23.16
N PRO C 457 10.51 -20.54 24.45
CA PRO C 457 11.70 -21.22 24.97
C PRO C 457 11.28 -22.50 25.67
N THR C 458 9.97 -22.74 25.77
CA THR C 458 9.44 -23.83 26.57
C THR C 458 9.29 -25.07 25.72
N LYS C 459 9.58 -26.23 26.28
CA LYS C 459 9.43 -27.47 25.53
C LYS C 459 9.31 -28.67 26.44
N ALA C 460 8.44 -29.61 26.10
CA ALA C 460 8.31 -30.83 26.89
C ALA C 460 8.09 -32.09 26.05
N THR C 461 8.58 -33.21 26.57
CA THR C 461 8.25 -34.50 25.99
C THR C 461 7.36 -35.24 26.98
N LEU C 462 6.17 -35.61 26.53
CA LEU C 462 5.15 -36.15 27.42
C LEU C 462 4.60 -37.46 26.91
N ASP C 463 4.32 -38.36 27.84
CA ASP C 463 3.65 -39.59 27.53
C ASP C 463 2.18 -39.39 27.81
N LEU C 464 1.43 -39.00 26.77
CA LEU C 464 0.01 -38.77 26.90
C LEU C 464 -0.82 -39.99 26.48
N SER C 465 -0.22 -41.17 26.52
CA SER C 465 -0.90 -42.37 26.06
C SER C 465 -1.85 -42.92 27.12
N ASN C 466 -1.66 -42.49 28.35
CA ASN C 466 -2.53 -42.85 29.46
C ASN C 466 -3.07 -41.59 30.12
N GLN C 467 -4.37 -41.37 30.07
CA GLN C 467 -4.92 -40.12 30.59
C GLN C 467 -4.90 -40.03 32.11
N ASN C 468 -4.42 -41.09 32.76
CA ASN C 468 -4.34 -41.10 34.22
C ASN C 468 -2.97 -40.78 34.84
N ASN C 469 -1.94 -40.62 34.02
CA ASN C 469 -0.61 -40.36 34.56
C ASN C 469 -0.27 -38.86 34.72
N GLU C 470 0.84 -38.57 35.38
CA GLU C 470 1.22 -37.17 35.64
C GLU C 470 1.42 -36.34 34.37
N ASP C 471 1.93 -36.94 33.31
CA ASP C 471 2.17 -36.20 32.08
C ASP C 471 0.85 -35.64 31.52
N PHE C 472 -0.18 -36.46 31.47
CA PHE C 472 -1.45 -36.01 30.96
C PHE C 472 -2.07 -34.89 31.80
N SER C 473 -1.85 -34.95 33.11
CA SER C 473 -2.37 -33.97 34.05
C SER C 473 -1.70 -32.60 33.83
N ALA C 474 -0.39 -32.63 33.56
CA ALA C 474 0.38 -31.43 33.30
C ALA C 474 -0.11 -30.79 32.01
N PHE C 475 -0.33 -31.63 31.01
CA PHE C 475 -0.95 -31.23 29.74
C PHE C 475 -2.30 -30.57 30.01
N GLN C 476 -3.13 -31.22 30.83
CA GLN C 476 -4.43 -30.67 31.18
C GLN C 476 -4.32 -29.30 31.81
N LEU C 477 -3.40 -29.16 32.76
CA LEU C 477 -3.19 -27.88 33.44
C LEU C 477 -2.93 -26.75 32.43
N GLY C 478 -2.08 -27.02 31.44
CA GLY C 478 -1.70 -26.01 30.46
C GLY C 478 -2.87 -25.68 29.55
N LEU C 479 -3.61 -26.71 29.12
CA LEU C 479 -4.76 -26.48 28.26
C LEU C 479 -5.80 -25.66 29.02
N ALA C 480 -6.16 -26.12 30.21
CA ALA C 480 -7.15 -25.43 31.02
C ALA C 480 -6.78 -23.98 31.30
N GLN C 481 -5.50 -23.72 31.59
CA GLN C 481 -5.10 -22.34 31.87
C GLN C 481 -5.16 -21.47 30.61
N ALA C 482 -4.77 -22.03 29.47
CA ALA C 482 -4.86 -21.31 28.19
C ALA C 482 -6.31 -20.94 27.86
N LEU C 483 -7.24 -21.81 28.27
CA LEU C 483 -8.64 -21.71 27.86
C LEU C 483 -9.43 -20.90 28.87
N ASP C 484 -8.69 -20.26 29.78
CA ASP C 484 -9.25 -19.37 30.80
C ASP C 484 -9.94 -20.06 31.97
N ILE C 485 -9.66 -21.34 32.17
CA ILE C 485 -10.08 -21.96 33.41
C ILE C 485 -9.14 -21.44 34.51
N LYS C 486 -9.70 -20.92 35.59
CA LYS C 486 -8.88 -20.30 36.62
C LYS C 486 -8.26 -21.38 37.46
N VAL C 487 -7.22 -22.02 36.91
CA VAL C 487 -6.60 -23.23 37.45
C VAL C 487 -5.96 -23.09 38.84
N HIS C 488 -5.61 -21.87 39.24
CA HIS C 488 -5.06 -21.70 40.59
C HIS C 488 -6.14 -21.71 41.66
N THR C 489 -7.41 -21.61 41.26
CA THR C 489 -8.48 -21.57 42.25
C THR C 489 -9.10 -22.93 42.55
N MET C 490 -8.59 -23.98 41.93
CA MET C 490 -9.16 -25.30 42.12
C MET C 490 -8.09 -26.39 42.12
N THR C 491 -8.45 -27.55 42.63
CA THR C 491 -7.51 -28.66 42.65
C THR C 491 -7.41 -29.29 41.25
N ARG C 492 -6.36 -30.07 41.05
CA ARG C 492 -6.04 -30.69 39.78
C ARG C 492 -7.22 -31.52 39.29
N GLU C 493 -7.78 -32.33 40.19
CA GLU C 493 -8.90 -33.23 39.88
C GLU C 493 -10.14 -32.44 39.47
N VAL C 494 -10.40 -31.35 40.16
CA VAL C 494 -11.53 -30.50 39.86
C VAL C 494 -11.34 -29.79 38.53
N MET C 495 -10.14 -29.28 38.28
CA MET C 495 -9.80 -28.67 36.99
C MET C 495 -9.97 -29.70 35.85
N SER C 496 -9.54 -30.93 36.10
CA SER C 496 -9.62 -31.99 35.10
C SER C 496 -11.06 -32.19 34.64
N ASP C 497 -11.99 -32.20 35.57
CA ASP C 497 -13.40 -32.39 35.22
C ASP C 497 -13.94 -31.19 34.45
N GLU C 498 -13.49 -30.00 34.83
CA GLU C 498 -13.93 -28.79 34.14
C GLU C 498 -13.40 -28.72 32.72
N LEU C 499 -12.12 -29.08 32.53
CA LEU C 499 -11.51 -29.03 31.21
C LEU C 499 -12.22 -30.00 30.29
N THR C 500 -12.50 -31.18 30.82
CA THR C 500 -13.11 -32.26 30.05
C THR C 500 -14.52 -31.90 29.58
N LYS C 501 -15.29 -31.23 30.44
CA LYS C 501 -16.63 -30.77 30.06
C LYS C 501 -16.54 -29.69 28.99
N LEU C 502 -15.53 -28.84 29.12
CA LEU C 502 -15.33 -27.76 28.17
C LEU C 502 -14.91 -28.30 26.79
N LEU C 503 -14.06 -29.34 26.77
CA LEU C 503 -13.57 -29.91 25.52
C LEU C 503 -14.60 -30.75 24.79
N GLU C 504 -15.44 -31.46 25.55
CA GLU C 504 -16.50 -32.28 24.96
C GLU C 504 -17.71 -31.43 24.55
N GLY C 505 -17.80 -30.23 25.12
CA GLY C 505 -18.95 -29.38 24.92
C GLY C 505 -18.68 -28.29 23.90
N ASN C 506 -18.52 -27.06 24.38
CA ASN C 506 -18.38 -25.91 23.52
C ASN C 506 -17.20 -25.89 22.55
N LEU C 507 -16.07 -26.41 22.99
CA LEU C 507 -14.85 -26.32 22.20
C LEU C 507 -14.86 -27.31 21.02
N LYS C 508 -15.64 -28.37 21.15
CA LYS C 508 -15.62 -29.49 20.21
C LYS C 508 -15.61 -29.17 18.70
N PRO C 509 -16.49 -28.27 18.22
CA PRO C 509 -16.41 -27.91 16.80
C PRO C 509 -15.08 -27.26 16.41
N ALA C 510 -14.58 -26.37 17.26
CA ALA C 510 -13.25 -25.80 17.08
C ALA C 510 -12.16 -26.88 17.11
N ILE C 511 -12.32 -27.87 17.99
CA ILE C 511 -11.36 -28.97 18.07
C ILE C 511 -11.38 -29.77 16.79
N ASP C 512 -12.57 -30.15 16.35
CA ASP C 512 -12.74 -30.90 15.10
C ASP C 512 -12.07 -30.18 13.93
N MET C 513 -12.39 -28.90 13.78
CA MET C 513 -11.80 -28.09 12.73
C MET C 513 -10.28 -28.07 12.85
N MET C 514 -9.76 -28.05 14.07
CA MET C 514 -8.32 -28.00 14.25
C MET C 514 -7.71 -29.37 13.96
N VAL C 515 -8.41 -30.44 14.33
CA VAL C 515 -8.01 -31.80 13.96
C VAL C 515 -7.90 -31.95 12.44
N GLU C 516 -8.86 -31.41 11.72
CA GLU C 516 -8.81 -31.43 10.26
C GLU C 516 -7.64 -30.59 9.72
N PHE C 517 -7.36 -29.45 10.34
CA PHE C 517 -6.20 -28.66 9.94
C PHE C 517 -4.88 -29.42 10.12
N ASN C 518 -4.70 -30.03 11.29
CA ASN C 518 -3.52 -30.83 11.54
C ASN C 518 -3.51 -32.15 10.74
N THR C 519 -4.55 -32.36 9.94
CA THR C 519 -4.60 -33.53 9.07
C THR C 519 -4.42 -33.17 7.60
N THR C 520 -5.09 -32.11 7.13
CA THR C 520 -4.98 -31.72 5.72
C THR C 520 -4.28 -30.37 5.48
N GLY C 521 -4.10 -29.58 6.53
CA GLY C 521 -3.43 -28.31 6.37
C GLY C 521 -4.34 -27.20 5.91
N SER C 522 -5.66 -27.46 5.88
CA SER C 522 -6.61 -26.47 5.40
C SER C 522 -7.68 -26.09 6.44
N LEU C 523 -8.25 -24.90 6.27
CA LEU C 523 -9.27 -24.38 7.18
C LEU C 523 -10.51 -24.03 6.39
N PRO C 524 -11.70 -24.28 6.96
CA PRO C 524 -12.97 -23.96 6.31
C PRO C 524 -13.15 -22.44 6.23
N GLU C 525 -14.02 -21.96 5.33
CA GLU C 525 -14.22 -20.52 5.17
C GLU C 525 -14.86 -19.87 6.39
N ASN C 526 -15.54 -20.66 7.20
CA ASN C 526 -16.16 -20.13 8.40
C ASN C 526 -15.27 -20.27 9.63
N ALA C 527 -13.96 -20.40 9.42
CA ALA C 527 -13.02 -20.63 10.52
C ALA C 527 -13.15 -19.63 11.66
N VAL C 528 -13.27 -18.36 11.31
CA VAL C 528 -13.35 -17.30 12.33
C VAL C 528 -14.63 -17.46 13.16
N ASP C 529 -15.74 -17.75 12.50
CA ASP C 529 -17.00 -17.99 13.18
C ASP C 529 -16.94 -19.19 14.12
N VAL C 530 -16.32 -20.27 13.67
CA VAL C 530 -16.15 -21.48 14.47
C VAL C 530 -15.30 -21.22 15.71
N LEU C 531 -14.20 -20.49 15.56
CA LEU C 531 -13.36 -20.18 16.74
C LEU C 531 -14.11 -19.26 17.69
N ASN C 532 -14.82 -18.29 17.13
CA ASN C 532 -15.54 -17.31 17.94
C ASN C 532 -16.66 -17.92 18.77
N THR C 533 -17.52 -18.69 18.11
CA THR C 533 -18.65 -19.30 18.78
C THR C 533 -18.19 -20.26 19.85
N ALA C 534 -17.12 -21.00 19.55
CA ALA C 534 -16.62 -22.01 20.47
C ALA C 534 -15.90 -21.43 21.69
N LEU C 535 -15.08 -20.41 21.49
CA LEU C 535 -14.26 -19.85 22.58
C LEU C 535 -14.98 -18.80 23.42
N GLY C 536 -15.93 -18.09 22.82
CA GLY C 536 -16.65 -17.03 23.51
C GLY C 536 -15.68 -16.05 24.16
N ASP C 537 -15.78 -15.88 25.47
CA ASP C 537 -14.95 -14.94 26.19
C ASP C 537 -13.56 -15.48 26.53
N ARG C 538 -13.28 -16.72 26.13
CA ARG C 538 -11.98 -17.32 26.41
C ARG C 538 -11.01 -17.04 25.27
N LYS C 539 -11.47 -16.33 24.26
CA LYS C 539 -10.67 -16.08 23.07
C LYS C 539 -9.39 -15.29 23.38
N SER C 540 -8.25 -15.85 22.96
CA SER C 540 -6.94 -15.23 23.15
C SER C 540 -5.92 -16.01 22.30
N PHE C 541 -4.72 -15.47 22.11
CA PHE C 541 -3.73 -16.18 21.31
C PHE C 541 -3.29 -17.48 22.02
N VAL C 542 -3.13 -17.42 23.34
CA VAL C 542 -2.76 -18.63 24.08
C VAL C 542 -3.90 -19.66 24.05
N ALA C 543 -5.14 -19.21 23.99
CA ALA C 543 -6.25 -20.15 23.75
C ALA C 543 -6.19 -20.84 22.36
N LEU C 544 -5.74 -20.12 21.33
CA LEU C 544 -5.55 -20.73 20.01
C LEU C 544 -4.48 -21.80 20.11
N MET C 545 -3.40 -21.49 20.80
CA MET C 545 -2.35 -22.48 21.03
C MET C 545 -2.87 -23.76 21.70
N ALA C 546 -3.73 -23.62 22.71
CA ALA C 546 -4.35 -24.78 23.33
C ALA C 546 -5.19 -25.62 22.36
N LEU C 547 -6.02 -24.98 21.55
CA LEU C 547 -6.76 -25.72 20.51
C LEU C 547 -5.79 -26.44 19.56
N MET C 548 -4.78 -25.72 19.10
CA MET C 548 -3.75 -26.29 18.26
C MET C 548 -3.11 -27.51 18.95
N GLU C 549 -2.53 -27.29 20.12
CA GLU C 549 -1.81 -28.36 20.78
C GLU C 549 -2.70 -29.55 21.14
N TYR C 550 -3.94 -29.29 21.56
CA TYR C 550 -4.83 -30.41 21.83
C TYR C 550 -5.17 -31.23 20.57
N SER C 551 -5.37 -30.54 19.44
CA SER C 551 -5.69 -31.23 18.22
C SER C 551 -4.45 -31.96 17.68
N ARG C 552 -3.28 -31.37 17.87
CA ARG C 552 -2.06 -32.07 17.47
C ARG C 552 -1.90 -33.37 18.29
N TYR C 553 -2.24 -33.32 19.57
CA TYR C 553 -2.20 -34.55 20.37
C TYR C 553 -3.23 -35.58 19.89
N LEU C 554 -4.37 -35.13 19.39
CA LEU C 554 -5.41 -36.04 18.90
C LEU C 554 -4.99 -36.84 17.66
N VAL C 555 -4.29 -36.19 16.72
CA VAL C 555 -3.85 -36.83 15.49
C VAL C 555 -2.42 -37.41 15.61
N ALA C 556 -1.73 -37.12 16.70
CA ALA C 556 -0.34 -37.55 16.88
C ALA C 556 -0.17 -39.08 16.83
N GLU C 557 0.74 -39.53 15.98
CA GLU C 557 1.01 -40.95 15.83
C GLU C 557 1.67 -41.51 17.08
N ASP C 558 2.49 -40.70 17.72
CA ASP C 558 3.19 -41.16 18.90
C ASP C 558 2.76 -40.37 20.14
N LYS C 559 1.60 -40.72 20.66
CA LYS C 559 1.05 -40.08 21.84
C LYS C 559 1.94 -40.30 23.07
N SER C 560 2.72 -41.38 23.05
CA SER C 560 3.50 -41.74 24.24
C SER C 560 4.81 -40.96 24.38
N ALA C 561 5.14 -40.21 23.33
CA ALA C 561 6.26 -39.26 23.41
C ALA C 561 5.96 -37.91 22.72
N PHE C 562 4.82 -37.34 23.04
CA PHE C 562 4.36 -36.09 22.46
C PHE C 562 5.27 -34.90 22.85
N VAL C 563 5.70 -34.13 21.86
CA VAL C 563 6.59 -33.01 22.08
C VAL C 563 5.80 -31.71 21.89
N THR C 564 5.90 -30.81 22.87
CA THR C 564 5.06 -29.62 22.84
C THR C 564 5.73 -28.45 23.55
N PRO C 565 5.50 -27.23 23.05
CA PRO C 565 5.95 -26.02 23.75
C PRO C 565 4.89 -25.47 24.71
N LEU C 566 3.74 -26.13 24.79
CA LEU C 566 2.63 -25.68 25.65
C LEU C 566 3.13 -25.42 27.08
N TYR C 567 2.83 -24.26 27.62
CA TYR C 567 3.38 -23.93 28.93
C TYR C 567 2.30 -23.76 29.96
N VAL C 568 2.73 -23.76 31.22
CA VAL C 568 1.92 -23.29 32.33
C VAL C 568 2.61 -22.05 32.86
N GLU C 569 1.84 -20.97 33.08
CA GLU C 569 2.40 -19.79 33.71
C GLU C 569 2.22 -19.88 35.20
N ALA C 570 3.32 -19.94 35.95
CA ALA C 570 3.28 -19.70 37.39
C ALA C 570 3.00 -18.22 37.54
N ASP C 571 1.81 -17.90 38.02
CA ASP C 571 1.36 -16.51 37.97
C ASP C 571 1.12 -15.93 39.36
N GLY C 572 1.70 -14.75 39.60
CA GLY C 572 1.55 -14.09 40.87
C GLY C 572 0.11 -13.66 41.08
N VAL C 573 -0.43 -13.97 42.24
CA VAL C 573 -1.79 -13.60 42.59
C VAL C 573 -1.75 -12.25 43.28
N THR C 574 -2.33 -11.24 42.62
CA THR C 574 -2.30 -9.87 43.11
C THR C 574 -0.92 -9.49 43.59
N ASN C 575 0.06 -9.76 42.74
CA ASN C 575 1.48 -9.68 43.07
C ASN C 575 1.95 -8.35 43.68
N GLY C 576 1.66 -7.25 42.99
CA GLY C 576 2.10 -5.93 43.43
C GLY C 576 1.65 -5.51 44.83
N PRO C 577 0.35 -5.56 45.11
CA PRO C 577 -0.18 -5.26 46.46
C PRO C 577 0.36 -6.22 47.53
N ILE C 578 0.38 -7.51 47.22
CA ILE C 578 0.85 -8.51 48.17
C ILE C 578 2.32 -8.23 48.55
N ASN C 579 3.17 -8.07 47.54
CA ASN C 579 4.54 -7.62 47.75
C ASN C 579 4.64 -6.37 48.64
N ALA C 580 3.85 -5.36 48.32
CA ALA C 580 3.76 -4.17 49.13
C ALA C 580 3.40 -4.50 50.58
N MET C 581 2.35 -5.29 50.79
CA MET C 581 1.96 -5.65 52.16
C MET C 581 3.04 -6.43 52.93
N MET C 582 3.79 -7.30 52.24
CA MET C 582 4.87 -8.01 52.92
C MET C 582 6.05 -7.11 53.19
N LEU C 583 6.40 -6.28 52.22
CA LEU C 583 7.68 -5.57 52.27
C LEU C 583 7.64 -4.31 53.11
N MET C 584 6.45 -3.74 53.28
CA MET C 584 6.35 -2.41 53.83
C MET C 584 5.39 -2.20 54.99
N THR C 585 4.52 -3.17 55.27
CA THR C 585 3.73 -3.15 56.50
C THR C 585 4.69 -3.20 57.68
N GLY C 586 4.57 -2.28 58.61
CA GLY C 586 5.60 -2.17 59.63
C GLY C 586 5.22 -2.21 61.11
N GLY C 587 4.03 -2.70 61.44
CA GLY C 587 3.64 -2.70 62.84
C GLY C 587 3.75 -4.03 63.54
N LEU C 588 2.92 -4.22 64.55
CA LEU C 588 2.71 -5.54 65.16
C LEU C 588 1.77 -6.33 64.25
N PHE C 589 1.71 -7.65 64.41
CA PHE C 589 0.86 -8.47 63.56
C PHE C 589 -0.61 -8.37 63.97
N THR C 590 -1.49 -8.27 62.98
CA THR C 590 -2.93 -8.23 63.25
C THR C 590 -3.61 -9.37 62.52
N PRO C 591 -4.70 -9.90 63.09
CA PRO C 591 -5.47 -10.98 62.46
C PRO C 591 -5.98 -10.66 61.05
N ASP C 592 -6.29 -9.40 60.77
CA ASP C 592 -6.74 -9.04 59.43
C ASP C 592 -5.61 -9.18 58.40
N TRP C 593 -4.42 -8.69 58.76
CA TRP C 593 -3.29 -8.77 57.88
C TRP C 593 -3.04 -10.23 57.57
N ILE C 594 -3.15 -11.08 58.60
CA ILE C 594 -2.97 -12.52 58.41
C ILE C 594 -3.95 -13.13 57.41
N ARG C 595 -5.24 -12.82 57.54
CA ARG C 595 -6.24 -13.27 56.56
C ARG C 595 -5.99 -12.71 55.15
N ASN C 596 -5.71 -11.41 55.05
CA ASN C 596 -5.52 -10.80 53.72
C ASN C 596 -4.28 -11.28 52.99
N ILE C 597 -3.17 -11.49 53.73
CA ILE C 597 -1.92 -11.83 53.08
C ILE C 597 -1.95 -13.28 52.62
N ALA C 598 -2.82 -14.07 53.23
CA ALA C 598 -3.05 -15.45 52.80
C ALA C 598 -3.68 -15.47 51.41
N LYS C 599 -4.49 -14.46 51.10
CA LYS C 599 -5.08 -14.32 49.77
C LYS C 599 -3.98 -14.22 48.71
N GLY C 600 -2.80 -13.80 49.14
CA GLY C 600 -1.64 -13.75 48.27
C GLY C 600 -0.68 -14.93 48.40
N GLY C 601 -1.07 -15.97 49.12
CA GLY C 601 -0.27 -17.18 49.12
C GLY C 601 0.81 -17.26 50.18
N LEU C 602 0.77 -16.37 51.15
CA LEU C 602 1.59 -16.54 52.35
C LEU C 602 0.76 -17.26 53.43
N PHE C 603 1.09 -18.52 53.67
CA PHE C 603 0.26 -19.35 54.56
C PHE C 603 1.01 -19.63 55.85
N ILE C 604 0.43 -19.25 56.98
CA ILE C 604 1.05 -19.50 58.26
C ILE C 604 0.44 -20.73 58.91
N GLY C 605 1.29 -21.67 59.31
CA GLY C 605 0.84 -22.82 60.07
C GLY C 605 -0.07 -23.75 59.27
N SER C 606 0.30 -24.01 58.01
CA SER C 606 -0.42 -24.96 57.16
C SER C 606 0.56 -25.56 56.16
N PRO C 607 1.34 -26.55 56.61
CA PRO C 607 2.48 -26.99 55.79
C PRO C 607 1.98 -27.63 54.51
N ASN C 608 2.58 -27.24 53.39
CA ASN C 608 2.24 -27.75 52.06
C ASN C 608 0.91 -27.28 51.53
N LYS C 609 0.31 -26.29 52.20
CA LYS C 609 -0.91 -25.71 51.68
C LYS C 609 -0.58 -25.04 50.34
N THR C 610 -1.45 -25.25 49.36
CA THR C 610 -1.30 -24.61 48.06
C THR C 610 -2.30 -23.47 47.95
N MET C 611 -2.11 -22.61 46.93
CA MET C 611 -3.11 -21.61 46.62
C MET C 611 -4.43 -22.29 46.23
N ASN C 612 -4.31 -23.39 45.48
CA ASN C 612 -5.46 -24.20 45.04
C ASN C 612 -6.34 -24.64 46.19
N GLU C 613 -5.72 -25.13 47.26
CA GLU C 613 -6.46 -25.56 48.44
C GLU C 613 -7.05 -24.36 49.18
N HIS C 614 -6.28 -23.29 49.30
CA HIS C 614 -6.73 -22.08 49.98
C HIS C 614 -8.00 -21.50 49.34
N ARG C 615 -7.97 -21.39 48.03
CA ARG C 615 -9.08 -20.82 47.28
C ARG C 615 -10.32 -21.71 47.27
N SER C 616 -10.12 -23.03 47.35
CA SER C 616 -11.26 -23.91 47.31
C SER C 616 -11.82 -24.32 48.69
N THR C 617 -11.05 -24.13 49.77
CA THR C 617 -11.53 -24.53 51.10
C THR C 617 -11.46 -23.47 52.19
N ALA C 618 -10.60 -22.47 52.04
CA ALA C 618 -10.47 -21.49 53.11
C ALA C 618 -11.06 -20.14 52.74
N ASP C 619 -10.68 -19.62 51.58
CA ASP C 619 -11.05 -18.25 51.20
C ASP C 619 -11.09 -18.06 49.71
N ASN C 620 -12.28 -17.81 49.19
CA ASN C 620 -12.47 -17.72 47.75
C ASN C 620 -12.37 -16.29 47.23
N ASN C 621 -12.05 -15.35 48.10
CA ASN C 621 -11.97 -13.94 47.71
C ASN C 621 -10.53 -13.44 47.56
N ASP C 622 -10.11 -13.12 46.33
CA ASP C 622 -8.81 -12.49 46.19
C ASP C 622 -8.81 -11.07 46.76
N LEU C 623 -7.66 -10.43 46.76
CA LEU C 623 -7.50 -9.05 47.26
C LEU C 623 -8.41 -8.04 46.54
N TYR C 624 -8.60 -8.21 45.22
CA TYR C 624 -9.51 -7.36 44.46
C TYR C 624 -10.94 -7.52 44.98
N GLN C 625 -11.35 -8.77 45.13
CA GLN C 625 -12.68 -9.04 45.65
C GLN C 625 -12.85 -8.46 47.06
N ALA C 626 -11.83 -8.58 47.90
CA ALA C 626 -11.91 -8.06 49.26
C ALA C 626 -12.09 -6.54 49.24
N SER C 627 -11.33 -5.87 48.40
CA SER C 627 -11.46 -4.42 48.30
C SER C 627 -12.81 -4.02 47.71
N THR C 628 -13.30 -4.83 46.76
CA THR C 628 -14.65 -4.63 46.24
C THR C 628 -15.76 -4.77 47.30
N ASN C 629 -15.64 -5.73 48.19
CA ASN C 629 -16.59 -5.85 49.30
C ASN C 629 -16.48 -4.67 50.25
N ALA C 630 -15.25 -4.20 50.45
CA ALA C 630 -15.01 -3.08 51.33
C ALA C 630 -15.53 -1.80 50.68
N LEU C 631 -15.51 -1.75 49.35
CA LEU C 631 -16.12 -0.64 48.62
C LEU C 631 -17.63 -0.59 48.91
N MET C 632 -18.28 -1.74 48.90
CA MET C 632 -19.71 -1.77 49.17
C MET C 632 -20.03 -1.33 50.59
N GLU C 633 -19.17 -1.66 51.53
CA GLU C 633 -19.36 -1.21 52.91
C GLU C 633 -19.17 0.30 52.97
N SER C 634 -18.12 0.78 52.33
CA SER C 634 -17.78 2.20 52.33
C SER C 634 -18.87 3.04 51.66
N LEU C 635 -19.33 2.60 50.49
CA LEU C 635 -20.42 3.27 49.77
C LEU C 635 -21.72 3.29 50.57
N GLY C 636 -21.92 2.24 51.38
CA GLY C 636 -23.06 2.18 52.28
C GLY C 636 -22.98 3.29 53.31
N LYS C 637 -21.83 3.43 53.96
CA LYS C 637 -21.66 4.49 54.94
C LYS C 637 -21.87 5.87 54.30
N LEU C 638 -21.57 6.00 53.01
CA LEU C 638 -21.71 7.30 52.35
C LEU C 638 -23.18 7.63 52.11
N ARG C 639 -23.91 6.72 51.50
CA ARG C 639 -25.34 6.87 51.32
C ARG C 639 -26.05 7.12 52.66
N SER C 640 -25.63 6.41 53.71
CA SER C 640 -26.22 6.56 55.04
C SER C 640 -26.03 7.96 55.58
N ASN C 641 -24.80 8.45 55.53
CA ASN C 641 -24.50 9.79 56.00
C ASN C 641 -25.35 10.87 55.36
N TYR C 642 -25.76 10.62 54.11
CA TYR C 642 -26.59 11.55 53.35
C TYR C 642 -27.95 10.94 53.04
N ALA C 643 -28.50 10.18 53.98
CA ALA C 643 -29.75 9.46 53.74
C ALA C 643 -30.94 10.40 53.55
N SER C 644 -30.97 11.47 54.34
CA SER C 644 -32.03 12.46 54.23
C SER C 644 -31.90 13.28 52.95
N ASN C 645 -30.66 13.62 52.61
CA ASN C 645 -30.35 14.45 51.45
C ASN C 645 -30.73 13.80 50.13
N MET C 646 -31.96 14.02 49.67
CA MET C 646 -32.44 13.37 48.45
C MET C 646 -31.69 13.67 47.15
N PRO C 647 -31.29 14.93 46.93
CA PRO C 647 -30.53 15.19 45.70
C PRO C 647 -29.17 14.47 45.64
N ILE C 648 -28.45 14.40 46.75
CA ILE C 648 -27.21 13.64 46.78
C ILE C 648 -27.45 12.14 46.51
N GLN C 649 -28.53 11.60 47.05
CA GLN C 649 -28.95 10.23 46.77
C GLN C 649 -29.20 9.99 45.28
N SER C 650 -30.10 10.77 44.71
CA SER C 650 -30.42 10.70 43.29
C SER C 650 -29.16 10.85 42.43
N GLN C 651 -28.25 11.72 42.87
CA GLN C 651 -27.02 11.94 42.14
C GLN C 651 -26.20 10.66 42.13
N ILE C 652 -26.13 10.01 43.29
CA ILE C 652 -25.44 8.75 43.43
C ILE C 652 -26.13 7.67 42.63
N ASP C 653 -27.44 7.57 42.78
CA ASP C 653 -28.22 6.58 42.07
C ASP C 653 -28.02 6.71 40.57
N SER C 654 -27.91 7.95 40.10
CA SER C 654 -27.68 8.23 38.69
C SER C 654 -26.31 7.76 38.22
N LEU C 655 -25.29 8.04 39.01
CA LEU C 655 -23.93 7.56 38.72
C LEU C 655 -23.91 6.03 38.59
N LEU C 656 -24.45 5.36 39.60
CA LEU C 656 -24.53 3.90 39.60
C LEU C 656 -25.39 3.38 38.44
N SER C 657 -26.42 4.13 38.10
CA SER C 657 -27.33 3.68 37.05
C SER C 657 -26.60 3.70 35.73
N LEU C 658 -25.87 4.79 35.49
CA LEU C 658 -25.14 4.94 34.23
C LEU C 658 -24.07 3.86 34.12
N MET C 659 -23.38 3.58 35.22
CA MET C 659 -22.38 2.54 35.22
C MET C 659 -23.01 1.17 34.98
N ASP C 660 -24.19 0.95 35.54
CA ASP C 660 -24.93 -0.31 35.36
C ASP C 660 -25.25 -0.51 33.90
N LEU C 661 -25.66 0.57 33.25
CA LEU C 661 -26.01 0.54 31.83
C LEU C 661 -24.86 0.12 30.90
N PHE C 662 -23.61 0.39 31.27
CA PHE C 662 -22.51 0.20 30.32
C PHE C 662 -21.32 -0.68 30.73
N LEU C 663 -21.09 -0.82 32.04
CA LEU C 663 -20.00 -1.65 32.54
C LEU C 663 -20.56 -2.95 33.11
N PRO C 664 -19.83 -4.06 32.90
CA PRO C 664 -20.38 -5.36 33.31
C PRO C 664 -20.12 -5.64 34.80
N ASP C 665 -19.10 -5.00 35.37
CA ASP C 665 -18.75 -5.20 36.78
C ASP C 665 -19.67 -4.44 37.74
N ILE C 666 -20.64 -3.70 37.19
CA ILE C 666 -21.61 -3.01 38.03
C ILE C 666 -23.03 -3.48 37.72
N ASN C 667 -23.71 -4.04 38.72
CA ASN C 667 -25.09 -4.45 38.58
C ASN C 667 -26.01 -3.79 39.59
N LEU C 668 -26.95 -3.00 39.11
CA LEU C 668 -28.03 -2.55 39.95
C LEU C 668 -29.14 -3.55 39.77
N GLY C 669 -29.75 -3.98 40.88
CA GLY C 669 -30.92 -4.83 40.82
C GLY C 669 -32.17 -4.00 40.97
N GLU C 670 -33.34 -4.65 40.95
CA GLU C 670 -34.60 -3.92 41.08
C GLU C 670 -34.76 -3.30 42.48
N ASN C 671 -34.34 -4.04 43.50
CA ASN C 671 -34.46 -3.59 44.88
C ASN C 671 -33.66 -2.32 45.18
N GLY C 672 -32.85 -1.90 44.21
CA GLY C 672 -31.87 -0.86 44.42
C GLY C 672 -30.58 -1.53 44.83
N ALA C 673 -30.65 -2.86 44.95
CA ALA C 673 -29.53 -3.66 45.44
C ALA C 673 -28.31 -3.50 44.56
N LEU C 674 -27.15 -3.43 45.20
CA LEU C 674 -25.90 -3.21 44.49
C LEU C 674 -25.03 -4.45 44.51
N GLU C 675 -24.56 -4.84 43.34
CA GLU C 675 -23.60 -5.94 43.22
C GLU C 675 -22.44 -5.51 42.35
N LEU C 676 -21.24 -5.54 42.90
CA LEU C 676 -20.03 -5.20 42.16
C LEU C 676 -19.20 -6.44 41.92
N LYS C 677 -18.69 -6.57 40.70
CA LYS C 677 -17.76 -7.65 40.38
C LYS C 677 -16.35 -7.23 40.75
N ARG C 678 -15.50 -8.19 41.10
CA ARG C 678 -14.13 -7.92 41.53
C ARG C 678 -13.36 -7.08 40.50
N GLY C 679 -13.83 -7.10 39.27
CA GLY C 679 -13.20 -6.38 38.18
C GLY C 679 -12.93 -4.90 38.37
N ILE C 680 -13.89 -4.15 38.92
CA ILE C 680 -13.71 -2.69 39.03
C ILE C 680 -12.55 -2.29 39.93
N ALA C 681 -12.10 -3.21 40.77
CA ALA C 681 -11.03 -2.91 41.72
C ALA C 681 -9.63 -3.35 41.27
N LYS C 682 -9.53 -4.23 40.27
CA LYS C 682 -8.21 -4.67 39.82
C LYS C 682 -7.28 -3.50 39.52
N ASN C 683 -7.65 -2.64 38.57
CA ASN C 683 -6.79 -1.51 38.24
C ASN C 683 -6.62 -0.47 39.36
N PRO C 684 -7.73 -0.03 40.00
CA PRO C 684 -7.56 0.90 41.11
C PRO C 684 -6.70 0.35 42.25
N LEU C 685 -6.74 -0.94 42.51
CA LEU C 685 -5.93 -1.46 43.62
C LEU C 685 -4.46 -1.39 43.23
N THR C 686 -4.15 -1.84 42.03
CA THR C 686 -2.78 -1.88 41.57
C THR C 686 -2.15 -0.50 41.52
N ILE C 687 -2.83 0.46 40.91
CA ILE C 687 -2.18 1.75 40.70
C ILE C 687 -2.24 2.61 41.95
N THR C 688 -3.14 2.28 42.87
CA THR C 688 -3.21 3.03 44.12
C THR C 688 -1.95 2.79 44.95
N ILE C 689 -1.51 1.54 45.02
CA ILE C 689 -0.28 1.23 45.74
C ILE C 689 0.96 1.69 44.94
N TYR C 690 0.72 2.34 43.82
CA TYR C 690 1.80 2.94 43.03
C TYR C 690 1.72 4.46 43.05
N GLY C 691 1.02 4.96 44.07
CA GLY C 691 1.00 6.39 44.35
C GLY C 691 -0.04 7.16 43.59
N SER C 692 -0.84 6.48 42.78
CA SER C 692 -1.85 7.15 41.97
C SER C 692 -2.86 7.89 42.83
N GLY C 693 -3.20 9.09 42.41
CA GLY C 693 -4.23 9.85 43.06
C GLY C 693 -5.60 9.30 42.72
N ALA C 694 -6.59 9.68 43.54
CA ALA C 694 -7.97 9.27 43.32
C ALA C 694 -8.50 9.85 42.01
N ARG C 695 -8.00 11.02 41.63
CA ARG C 695 -8.50 11.70 40.44
C ARG C 695 -8.20 10.96 39.12
N GLY C 696 -7.01 10.39 39.02
CA GLY C 696 -6.64 9.60 37.86
C GLY C 696 -7.41 8.29 37.78
N ILE C 697 -7.77 7.74 38.93
CA ILE C 697 -8.61 6.55 38.95
C ILE C 697 -10.01 6.90 38.49
N ALA C 698 -10.50 8.06 38.91
CA ALA C 698 -11.80 8.54 38.42
C ALA C 698 -11.76 8.75 36.90
N GLY C 699 -10.66 9.33 36.42
CA GLY C 699 -10.45 9.49 35.00
C GLY C 699 -10.63 8.17 34.25
N LYS C 700 -9.90 7.15 34.67
CA LYS C 700 -9.98 5.87 33.97
C LYS C 700 -11.37 5.25 33.99
N LEU C 701 -12.00 5.28 35.16
CA LEU C 701 -13.36 4.76 35.30
C LEU C 701 -14.33 5.45 34.33
N VAL C 702 -14.27 6.78 34.23
CA VAL C 702 -15.13 7.50 33.29
C VAL C 702 -14.79 7.10 31.87
N SER C 703 -13.50 6.96 31.63
CA SER C 703 -13.01 6.65 30.31
C SER C 703 -13.53 5.30 29.83
N SER C 704 -13.63 4.34 30.73
CA SER C 704 -14.17 3.04 30.37
C SER C 704 -15.68 3.12 30.15
N VAL C 705 -16.32 4.08 30.81
CA VAL C 705 -17.75 4.29 30.63
C VAL C 705 -18.08 4.94 29.28
N THR C 706 -17.35 5.99 28.91
CA THR C 706 -17.58 6.65 27.64
C THR C 706 -17.24 5.76 26.46
N ASP C 707 -16.26 4.88 26.65
CA ASP C 707 -15.90 3.90 25.64
C ASP C 707 -17.07 3.01 25.27
N ALA C 708 -17.73 2.48 26.29
CA ALA C 708 -18.89 1.62 26.08
C ALA C 708 -20.09 2.39 25.48
N ILE C 709 -20.27 3.64 25.89
CA ILE C 709 -21.29 4.50 25.30
C ILE C 709 -21.03 4.67 23.81
N TYR C 710 -19.79 4.97 23.46
CA TYR C 710 -19.39 5.11 22.06
C TYR C 710 -19.60 3.83 21.27
N GLU C 711 -19.21 2.70 21.85
CA GLU C 711 -19.48 1.42 21.21
C GLU C 711 -20.97 1.28 20.98
N ARG C 712 -21.76 1.70 21.95
CA ARG C 712 -23.21 1.58 21.84
C ARG C 712 -23.77 2.53 20.77
N MET C 713 -23.07 3.63 20.51
CA MET C 713 -23.48 4.54 19.44
C MET C 713 -23.26 3.87 18.10
N SER C 714 -22.22 3.05 18.02
CA SER C 714 -22.00 2.22 16.85
C SER C 714 -23.08 1.16 16.73
N ASP C 715 -23.37 0.48 17.85
CA ASP C 715 -24.41 -0.55 17.89
C ASP C 715 -25.77 -0.07 17.38
N VAL C 716 -26.06 1.21 17.59
CA VAL C 716 -27.28 1.81 17.08
C VAL C 716 -27.29 1.79 15.57
N LEU C 717 -26.22 2.30 14.97
CA LEU C 717 -26.11 2.40 13.52
C LEU C 717 -26.23 1.05 12.83
N LYS C 718 -25.66 0.02 13.46
CA LYS C 718 -25.71 -1.34 12.91
C LYS C 718 -27.14 -1.89 12.91
N ALA C 719 -27.90 -1.58 13.96
CA ALA C 719 -29.28 -2.05 14.08
C ALA C 719 -30.26 -1.15 13.31
N ARG C 720 -29.86 0.09 13.07
CA ARG C 720 -30.68 1.07 12.36
C ARG C 720 -30.47 1.03 10.84
N ALA C 721 -29.26 0.69 10.42
CA ALA C 721 -28.97 0.61 8.99
C ALA C 721 -29.77 -0.51 8.34
N LYS C 722 -30.02 -1.56 9.09
CA LYS C 722 -30.79 -2.70 8.60
C LYS C 722 -32.25 -2.64 9.05
N ASP C 723 -32.73 -1.45 9.37
CA ASP C 723 -34.08 -1.22 9.86
C ASP C 723 -34.31 0.26 10.12
N PRO C 724 -34.50 1.06 9.06
CA PRO C 724 -34.68 2.51 9.22
C PRO C 724 -35.94 2.89 10.02
N ASN C 725 -36.81 1.91 10.29
CA ASN C 725 -38.00 2.11 11.11
C ASN C 725 -37.78 1.65 12.55
N ILE C 726 -36.52 1.56 12.95
CA ILE C 726 -36.19 1.16 14.32
C ILE C 726 -36.24 2.42 15.19
N SER C 727 -36.82 2.28 16.37
CA SER C 727 -37.01 3.42 17.27
C SER C 727 -35.68 3.99 17.75
N ALA C 728 -35.32 3.65 18.97
CA ALA C 728 -34.13 4.18 19.59
C ALA C 728 -33.90 3.32 20.82
N ALA C 729 -34.95 3.17 21.61
CA ALA C 729 -34.89 2.32 22.79
C ALA C 729 -34.49 0.89 22.42
N MET C 730 -35.03 0.36 21.33
CA MET C 730 -34.63 -0.97 20.87
C MET C 730 -33.39 -0.87 19.99
N ALA C 731 -33.16 0.31 19.41
CA ALA C 731 -31.96 0.52 18.62
C ALA C 731 -30.68 0.59 19.48
N MET C 732 -30.80 1.10 20.70
CA MET C 732 -29.63 1.34 21.56
C MET C 732 -29.54 0.37 22.74
N PHE C 733 -30.67 -0.24 23.09
CA PHE C 733 -30.72 -1.13 24.25
C PHE C 733 -31.47 -2.40 23.90
N GLY C 734 -31.68 -2.62 22.61
CA GLY C 734 -32.43 -3.77 22.14
C GLY C 734 -31.65 -5.07 22.28
N LYS C 735 -30.34 -5.00 22.06
CA LYS C 735 -29.48 -6.17 22.17
C LYS C 735 -29.28 -6.58 23.62
N GLN C 736 -30.24 -6.28 24.49
CA GLN C 736 -30.12 -6.50 25.92
C GLN C 736 -31.37 -6.20 26.71
N ALA C 737 -32.50 -5.99 26.02
CA ALA C 737 -33.74 -5.64 26.72
C ALA C 737 -34.72 -6.82 26.81
N ALA C 738 -36.01 -6.48 26.89
CA ALA C 738 -37.07 -7.48 26.91
C ALA C 738 -38.41 -6.83 26.59
N SER C 739 -38.46 -6.17 25.42
CA SER C 739 -39.60 -5.45 24.81
C SER C 739 -39.24 -3.99 24.49
N GLU C 740 -40.15 -3.30 23.79
CA GLU C 740 -39.98 -1.88 23.52
C GLU C 740 -40.16 -1.07 24.80
N ALA C 741 -40.87 -1.65 25.76
CA ALA C 741 -41.11 -1.00 27.05
C ALA C 741 -39.88 -1.07 27.94
N HIS C 742 -39.39 -2.29 28.19
CA HIS C 742 -38.21 -2.50 29.04
C HIS C 742 -37.01 -1.74 28.48
N ALA C 743 -37.00 -1.55 27.16
CA ALA C 743 -35.94 -0.82 26.49
C ALA C 743 -36.21 0.68 26.53
N GLU C 744 -37.48 1.04 26.57
CA GLU C 744 -37.84 2.45 26.62
C GLU C 744 -37.37 3.03 27.94
N GLU C 745 -37.46 2.22 28.98
CA GLU C 745 -37.06 2.61 30.32
C GLU C 745 -35.55 2.77 30.43
N LEU C 746 -34.82 1.93 29.70
CA LEU C 746 -33.36 2.00 29.68
C LEU C 746 -32.87 3.29 29.03
N LEU C 747 -33.46 3.63 27.89
CA LEU C 747 -33.10 4.86 27.20
C LEU C 747 -33.39 6.07 28.08
N ALA C 748 -34.49 5.99 28.84
CA ALA C 748 -34.90 7.05 29.76
C ALA C 748 -33.87 7.23 30.85
N ARG C 749 -33.46 6.11 31.44
CA ARG C 749 -32.40 6.12 32.44
C ARG C 749 -31.15 6.77 31.86
N PHE C 750 -30.85 6.44 30.60
CA PHE C 750 -29.62 6.93 29.98
C PHE C 750 -29.61 8.45 29.88
N LEU C 751 -30.69 9.01 29.34
CA LEU C 751 -30.79 10.45 29.14
C LEU C 751 -30.91 11.17 30.46
N LYS C 752 -31.65 10.57 31.39
CA LYS C 752 -31.82 11.11 32.72
C LYS C 752 -30.49 11.18 33.44
N ASP C 753 -29.73 10.08 33.43
CA ASP C 753 -28.42 10.00 34.10
C ASP C 753 -27.41 10.98 33.53
N MET C 754 -27.23 10.98 32.22
CA MET C 754 -26.27 11.89 31.60
C MET C 754 -26.63 13.34 31.92
N GLU C 755 -27.92 13.61 31.98
CA GLU C 755 -28.41 14.93 32.32
C GLU C 755 -27.95 15.34 33.70
N THR C 756 -28.26 14.52 34.71
CA THR C 756 -27.91 14.89 36.08
C THR C 756 -26.40 14.89 36.31
N LEU C 757 -25.71 13.90 35.76
CA LEU C 757 -24.28 13.76 35.99
C LEU C 757 -23.44 14.87 35.36
N THR C 758 -23.88 15.39 34.21
CA THR C 758 -23.15 16.48 33.58
C THR C 758 -23.62 17.88 34.00
N SER C 759 -24.80 18.00 34.60
CA SER C 759 -25.32 19.32 34.93
C SER C 759 -25.07 19.68 36.39
N THR C 760 -24.85 18.64 37.20
CA THR C 760 -24.57 18.82 38.61
C THR C 760 -23.29 18.07 38.99
N VAL C 761 -22.40 18.72 39.73
CA VAL C 761 -21.23 18.05 40.27
C VAL C 761 -21.13 18.21 41.77
N PRO C 762 -20.51 17.21 42.45
CA PRO C 762 -20.26 17.33 43.88
C PRO C 762 -18.94 18.06 44.16
N VAL C 763 -18.91 18.81 45.25
CA VAL C 763 -17.69 19.43 45.73
C VAL C 763 -17.60 19.14 47.22
N LYS C 764 -16.37 19.12 47.73
CA LYS C 764 -16.17 18.95 49.17
C LYS C 764 -15.91 20.31 49.79
N ARG C 765 -16.74 20.68 50.75
CA ARG C 765 -16.61 21.95 51.46
C ARG C 765 -16.93 21.82 52.95
N LYS C 766 -15.95 22.17 53.78
CA LYS C 766 -16.00 21.96 55.22
C LYS C 766 -16.20 20.48 55.55
N GLY C 767 -15.56 19.61 54.77
CA GLY C 767 -15.66 18.17 54.96
C GLY C 767 -17.06 17.62 54.70
N VAL C 768 -17.84 18.33 53.91
CA VAL C 768 -19.18 17.88 53.55
C VAL C 768 -19.33 17.96 52.03
N LEU C 769 -20.01 17.00 51.44
CA LEU C 769 -20.29 17.03 50.01
C LEU C 769 -21.49 17.93 49.75
N GLU C 770 -21.33 18.87 48.83
CA GLU C 770 -22.41 19.79 48.44
C GLU C 770 -22.59 19.79 46.93
N LEU C 771 -23.82 19.62 46.46
CA LEU C 771 -24.11 19.61 45.03
C LEU C 771 -24.11 21.03 44.46
N GLN C 772 -23.49 21.20 43.31
CA GLN C 772 -23.38 22.53 42.72
C GLN C 772 -23.39 22.48 41.17
N SER C 773 -23.98 23.48 40.54
CA SER C 773 -24.21 23.45 39.10
C SER C 773 -22.95 23.59 38.29
N THR C 774 -23.00 23.09 37.05
CA THR C 774 -21.93 23.28 36.07
C THR C 774 -22.44 24.26 35.03
N GLY C 775 -23.75 24.24 34.81
CA GLY C 775 -24.38 25.04 33.77
C GLY C 775 -24.01 24.58 32.37
N THR C 776 -23.90 23.27 32.19
CA THR C 776 -23.49 22.69 30.92
C THR C 776 -23.93 21.23 30.78
N GLY C 777 -25.19 20.95 31.11
CA GLY C 777 -25.72 19.60 31.03
C GLY C 777 -25.79 19.03 29.62
N ALA C 778 -26.12 17.74 29.54
CA ALA C 778 -26.29 17.06 28.26
C ALA C 778 -27.71 17.24 27.75
N LYS C 779 -27.85 17.78 26.55
CA LYS C 779 -29.14 18.18 26.03
C LYS C 779 -29.16 18.20 24.50
N GLY C 780 -30.24 17.70 23.92
CA GLY C 780 -30.39 17.67 22.48
C GLY C 780 -30.55 16.26 21.93
N LYS C 781 -30.90 16.14 20.66
CA LYS C 781 -31.05 14.81 20.05
C LYS C 781 -29.68 14.22 19.73
N ILE C 782 -29.50 12.96 20.12
CA ILE C 782 -28.26 12.24 19.91
C ILE C 782 -28.08 11.84 18.44
N ASN C 783 -26.99 12.30 17.84
CA ASN C 783 -26.57 11.76 16.54
C ASN C 783 -25.45 10.73 16.73
N PRO C 784 -25.83 9.43 16.69
CA PRO C 784 -24.97 8.32 17.10
C PRO C 784 -23.59 8.33 16.43
N LYS C 785 -23.52 8.88 15.23
CA LYS C 785 -22.28 8.85 14.47
C LYS C 785 -21.25 9.85 14.99
N THR C 786 -21.71 11.02 15.41
CA THR C 786 -20.79 12.09 15.78
C THR C 786 -20.76 12.32 17.29
N TYR C 787 -21.78 11.79 17.97
CA TYR C 787 -21.95 11.90 19.44
C TYR C 787 -20.66 11.83 20.20
N THR C 788 -20.38 12.87 21.00
CA THR C 788 -19.13 12.91 21.74
C THR C 788 -19.29 13.62 23.09
N ILE C 789 -18.97 12.90 24.15
CA ILE C 789 -18.92 13.49 25.47
C ILE C 789 -17.63 14.26 25.59
N LYS C 790 -17.70 15.58 25.54
CA LYS C 790 -16.47 16.35 25.55
C LYS C 790 -16.41 17.42 26.62
N GLY C 791 -15.20 17.87 26.91
CA GLY C 791 -14.95 19.07 27.68
C GLY C 791 -15.52 19.11 29.09
N GLU C 792 -16.43 20.06 29.30
CA GLU C 792 -17.02 20.31 30.61
C GLU C 792 -17.80 19.10 31.09
N GLN C 793 -18.46 18.42 30.17
CA GLN C 793 -19.22 17.22 30.52
C GLN C 793 -18.32 16.10 31.05
N LEU C 794 -17.16 15.92 30.45
CA LEU C 794 -16.22 14.88 30.89
C LEU C 794 -15.73 15.14 32.30
N LYS C 795 -15.36 16.38 32.56
CA LYS C 795 -14.84 16.75 33.86
C LYS C 795 -15.97 16.70 34.91
N ALA C 796 -17.22 16.78 34.44
CA ALA C 796 -18.36 16.66 35.32
C ALA C 796 -18.61 15.22 35.78
N LEU C 797 -18.57 14.28 34.82
CA LEU C 797 -18.72 12.86 35.12
C LEU C 797 -17.59 12.43 36.05
N GLN C 798 -16.42 12.99 35.79
CA GLN C 798 -15.23 12.70 36.57
C GLN C 798 -15.40 13.12 38.02
N GLU C 799 -15.99 14.30 38.21
CA GLU C 799 -16.18 14.84 39.55
C GLU C 799 -17.15 13.99 40.33
N ASN C 800 -18.27 13.61 39.70
CA ASN C 800 -19.22 12.69 40.32
C ASN C 800 -18.60 11.33 40.62
N MET C 801 -17.89 10.77 39.63
CA MET C 801 -17.23 9.49 39.77
C MET C 801 -16.26 9.51 40.95
N LEU C 802 -15.52 10.60 41.07
CA LEU C 802 -14.53 10.77 42.13
C LEU C 802 -15.12 10.69 43.54
N HIS C 803 -16.08 11.55 43.84
CA HIS C 803 -16.57 11.68 45.20
C HIS C 803 -17.58 10.60 45.58
N PHE C 804 -18.27 10.06 44.58
CA PHE C 804 -19.37 9.14 44.84
C PHE C 804 -18.99 7.69 44.56
N PHE C 805 -17.77 7.46 44.13
CA PHE C 805 -17.35 6.10 43.84
C PHE C 805 -15.89 5.81 44.20
N VAL C 806 -14.98 6.58 43.62
CA VAL C 806 -13.56 6.36 43.81
C VAL C 806 -13.14 6.55 45.27
N GLU C 807 -13.60 7.62 45.92
CA GLU C 807 -13.28 7.81 47.34
C GLU C 807 -13.74 6.68 48.26
N PRO C 808 -14.98 6.17 48.07
CA PRO C 808 -15.33 4.94 48.79
C PRO C 808 -14.39 3.76 48.47
N LEU C 809 -13.92 3.72 47.23
CA LEU C 809 -13.06 2.63 46.79
C LEU C 809 -11.69 2.71 47.45
N ARG C 810 -11.16 3.93 47.52
CA ARG C 810 -9.88 4.17 48.19
C ARG C 810 -9.95 3.79 49.66
N ASN C 811 -11.07 4.13 50.30
CA ASN C 811 -11.30 3.69 51.67
C ASN C 811 -11.25 2.17 51.79
N GLY C 812 -11.99 1.49 50.92
CA GLY C 812 -11.97 0.04 50.87
C GLY C 812 -10.58 -0.55 50.67
N ILE C 813 -9.84 0.02 49.73
CA ILE C 813 -8.46 -0.41 49.47
C ILE C 813 -7.57 -0.22 50.71
N THR C 814 -7.66 0.95 51.34
CA THR C 814 -6.90 1.22 52.55
C THR C 814 -7.24 0.22 53.65
N GLN C 815 -8.53 -0.12 53.74
CA GLN C 815 -8.98 -1.10 54.70
C GLN C 815 -8.42 -2.51 54.39
N THR C 816 -8.30 -2.83 53.11
CA THR C 816 -7.88 -4.15 52.70
C THR C 816 -6.37 -4.33 52.78
N VAL C 817 -5.60 -3.36 52.31
CA VAL C 817 -4.15 -3.50 52.32
C VAL C 817 -3.51 -3.12 53.67
N GLY C 818 -4.22 -2.33 54.46
CA GLY C 818 -3.77 -1.95 55.78
C GLY C 818 -3.34 -0.49 55.88
N GLU C 819 -3.70 0.17 56.98
CA GLU C 819 -3.30 1.56 57.19
C GLU C 819 -1.81 1.66 57.44
N SER C 820 -1.22 0.59 57.99
CA SER C 820 0.22 0.55 58.20
C SER C 820 0.96 0.69 56.88
N LEU C 821 0.54 -0.07 55.87
CA LEU C 821 1.16 -0.02 54.56
C LEU C 821 1.03 1.40 53.99
N VAL C 822 -0.16 1.96 54.14
CA VAL C 822 -0.43 3.28 53.60
C VAL C 822 0.49 4.29 54.26
N TYR C 823 0.60 4.21 55.58
CA TYR C 823 1.53 5.04 56.31
C TYR C 823 2.95 4.91 55.76
N SER C 824 3.44 3.68 55.62
CA SER C 824 4.78 3.46 55.08
C SER C 824 4.99 4.15 53.74
N THR C 825 4.10 3.90 52.80
CA THR C 825 4.20 4.47 51.47
C THR C 825 4.28 6.01 51.50
N GLU C 826 3.55 6.64 52.41
CA GLU C 826 3.58 8.09 52.61
C GLU C 826 4.93 8.60 53.09
N GLN C 827 5.53 7.92 54.06
CA GLN C 827 6.87 8.26 54.49
C GLN C 827 7.93 8.01 53.39
N LEU C 828 7.75 6.98 52.60
CA LEU C 828 8.68 6.64 51.53
C LEU C 828 8.59 7.71 50.44
N GLN C 829 7.37 8.14 50.16
CA GLN C 829 7.11 9.20 49.19
C GLN C 829 7.72 10.53 49.65
N LYS C 830 7.53 10.90 50.91
CA LYS C 830 8.04 12.19 51.40
C LYS C 830 9.58 12.20 51.42
N ALA C 831 10.17 11.16 51.98
CA ALA C 831 11.62 11.06 52.07
C ALA C 831 12.28 11.23 50.69
N THR C 832 11.80 10.46 49.71
CA THR C 832 12.39 10.46 48.37
C THR C 832 12.08 11.74 47.58
N GLN C 833 10.90 12.28 47.80
CA GLN C 833 10.55 13.55 47.19
C GLN C 833 11.45 14.64 47.76
N ILE C 834 11.53 14.69 49.08
CA ILE C 834 12.31 15.72 49.77
C ILE C 834 13.75 15.67 49.32
N GLN C 835 14.30 14.46 49.25
CA GLN C 835 15.67 14.28 48.81
C GLN C 835 15.87 14.72 47.35
N SER C 836 14.93 14.35 46.47
CA SER C 836 15.06 14.68 45.07
C SER C 836 14.99 16.19 44.85
N VAL C 837 14.23 16.88 45.71
CA VAL C 837 14.14 18.33 45.60
C VAL C 837 15.51 18.97 45.79
N VAL C 838 16.26 18.48 46.77
CA VAL C 838 17.59 18.99 47.05
C VAL C 838 18.55 18.67 45.92
N LEU C 839 18.55 17.42 45.46
CA LEU C 839 19.42 17.01 44.35
C LEU C 839 19.22 17.94 43.16
N GLU C 840 17.97 18.09 42.75
CA GLU C 840 17.65 18.96 41.64
C GLU C 840 18.14 20.40 41.87
N ASP C 841 17.88 20.94 43.05
CA ASP C 841 18.29 22.31 43.36
C ASP C 841 19.80 22.51 43.38
N MET C 842 20.53 21.58 43.98
CA MET C 842 21.99 21.66 44.00
C MET C 842 22.60 21.53 42.62
N PHE C 843 22.04 20.63 41.81
CA PHE C 843 22.52 20.41 40.46
C PHE C 843 22.36 21.67 39.64
N LYS C 844 21.17 22.28 39.70
CA LYS C 844 20.93 23.52 38.96
C LYS C 844 21.80 24.69 39.42
N GLN C 845 21.96 24.86 40.74
CA GLN C 845 22.79 25.93 41.26
C GLN C 845 24.25 25.74 40.85
N ARG C 846 24.71 24.49 40.89
CA ARG C 846 26.09 24.17 40.50
C ARG C 846 26.29 24.33 39.00
N VAL C 847 25.27 23.94 38.23
CA VAL C 847 25.29 24.22 36.80
C VAL C 847 25.38 25.73 36.53
N GLN C 848 24.60 26.52 37.25
CA GLN C 848 24.61 27.97 37.04
C GLN C 848 25.91 28.65 37.48
N GLU C 849 26.54 28.13 38.53
CA GLU C 849 27.83 28.66 38.98
C GLU C 849 28.89 28.38 37.92
N LYS C 850 28.83 27.20 37.30
CA LYS C 850 29.77 26.83 36.25
C LYS C 850 29.58 27.72 35.05
N LEU C 851 28.32 27.96 34.69
CA LEU C 851 27.99 28.82 33.56
C LEU C 851 28.39 30.29 33.81
N ALA C 852 28.46 30.68 35.08
CA ALA C 852 28.89 32.02 35.45
C ALA C 852 30.40 32.16 35.26
N GLU C 853 31.15 31.11 35.62
CA GLU C 853 32.59 31.07 35.37
C GLU C 853 32.89 31.04 33.88
N LYS C 854 32.11 30.25 33.12
CA LYS C 854 32.25 30.14 31.67
C LYS C 854 32.05 31.48 30.96
N ALA C 855 31.11 32.29 31.45
CA ALA C 855 30.86 33.61 30.91
C ALA C 855 32.12 34.49 30.88
N LYS C 856 33.04 34.24 31.81
CA LYS C 856 34.34 34.91 31.83
C LYS C 856 35.36 34.36 30.83
N ASP C 857 35.08 33.17 30.29
CA ASP C 857 35.98 32.50 29.35
C ASP C 857 35.73 33.00 27.92
N PRO C 858 36.72 33.68 27.32
CA PRO C 858 36.53 34.33 26.02
C PRO C 858 36.39 33.34 24.86
N THR C 859 36.79 32.09 25.08
CA THR C 859 36.63 31.05 24.06
C THR C 859 35.24 30.44 24.09
N TRP C 860 34.51 30.69 25.16
CA TRP C 860 33.20 30.10 25.38
C TRP C 860 32.06 30.98 24.88
N LYS C 861 31.06 30.36 24.31
CA LYS C 861 29.89 31.07 23.83
C LYS C 861 28.62 30.54 24.52
N LYS C 862 27.75 31.46 24.92
CA LYS C 862 26.48 31.07 25.54
C LYS C 862 25.72 30.25 24.52
N GLY C 863 25.48 28.98 24.86
CA GLY C 863 24.98 28.02 23.88
C GLY C 863 25.86 26.78 23.85
N ASP C 864 27.15 26.95 24.06
CA ASP C 864 28.05 25.80 24.10
C ASP C 864 27.71 24.90 25.29
N PHE C 865 27.18 25.50 26.36
CA PHE C 865 26.89 24.80 27.60
C PHE C 865 28.17 24.25 28.25
N LEU C 866 28.07 23.09 28.88
CA LEU C 866 29.15 22.49 29.64
C LEU C 866 29.80 21.31 28.92
N THR C 867 31.00 20.94 29.37
CA THR C 867 31.66 19.74 28.87
C THR C 867 31.09 18.52 29.61
N GLN C 868 31.30 17.33 29.07
CA GLN C 868 30.87 16.13 29.76
C GLN C 868 31.63 15.98 31.10
N LYS C 869 32.92 16.31 31.09
CA LYS C 869 33.76 16.30 32.29
C LYS C 869 33.21 17.21 33.38
N GLU C 870 32.84 18.43 32.98
CA GLU C 870 32.22 19.38 33.89
C GLU C 870 30.91 18.87 34.50
N LEU C 871 30.07 18.25 33.67
CA LEU C 871 28.82 17.69 34.14
C LEU C 871 29.04 16.54 35.10
N ASN C 872 30.01 15.68 34.78
CA ASN C 872 30.32 14.53 35.64
C ASN C 872 30.77 14.96 37.03
N ASP C 873 31.58 16.02 37.10
CA ASP C 873 32.03 16.56 38.39
C ASP C 873 30.84 17.07 39.22
N ILE C 874 29.96 17.83 38.57
CA ILE C 874 28.75 18.30 39.24
C ILE C 874 27.88 17.13 39.76
N GLN C 875 27.70 16.11 38.93
CA GLN C 875 26.98 14.91 39.33
C GLN C 875 27.63 14.25 40.55
N ALA C 876 28.95 14.13 40.52
CA ALA C 876 29.70 13.52 41.61
C ALA C 876 29.60 14.37 42.87
N SER C 877 29.45 15.68 42.71
CA SER C 877 29.32 16.56 43.87
C SER C 877 28.03 16.30 44.65
N LEU C 878 27.08 15.59 44.02
CA LEU C 878 25.86 15.16 44.69
C LEU C 878 25.98 13.83 45.45
N ASN C 879 27.11 13.14 45.31
CA ASN C 879 27.24 11.84 46.01
C ASN C 879 27.07 11.86 47.52
N ASN C 880 27.49 12.94 48.18
CA ASN C 880 27.39 12.99 49.63
C ASN C 880 25.94 13.11 50.13
N LEU C 881 25.01 13.39 49.22
CA LEU C 881 23.59 13.44 49.55
C LEU C 881 22.91 12.11 49.26
N ALA C 882 23.71 11.11 48.88
CA ALA C 882 23.23 9.74 48.64
C ALA C 882 22.08 9.58 47.63
N PRO C 883 22.27 10.05 46.39
CA PRO C 883 21.24 9.97 45.35
C PRO C 883 20.82 8.53 45.05
N MET C 884 21.75 7.57 45.13
CA MET C 884 21.42 6.18 44.86
C MET C 884 20.91 5.45 46.11
N ILE C 885 19.99 4.51 45.93
CA ILE C 885 19.55 3.61 46.98
C ILE C 885 20.12 2.21 46.70
N GLU C 886 20.79 1.64 47.69
CA GLU C 886 21.39 0.31 47.55
C GLU C 886 20.65 -0.73 48.36
N THR C 887 20.39 -1.88 47.76
CA THR C 887 19.83 -3.00 48.51
C THR C 887 20.87 -4.11 48.68
N GLY C 888 22.06 -3.91 48.13
CA GLY C 888 23.05 -4.96 48.07
C GLY C 888 23.03 -5.64 46.71
N SER C 889 21.83 -5.89 46.18
CA SER C 889 21.71 -6.58 44.88
C SER C 889 21.10 -5.72 43.78
N GLN C 890 20.45 -4.62 44.16
CA GLN C 890 19.94 -3.69 43.16
C GLN C 890 20.33 -2.27 43.53
N THR C 891 20.25 -1.38 42.55
CA THR C 891 20.47 0.03 42.74
C THR C 891 19.31 0.79 42.13
N PHE C 892 18.76 1.74 42.86
CA PHE C 892 17.71 2.58 42.31
C PHE C 892 18.12 4.03 42.37
N TYR C 893 17.80 4.76 41.31
CA TYR C 893 18.06 6.19 41.25
C TYR C 893 16.75 6.89 40.94
N ILE C 894 15.93 7.08 41.97
CA ILE C 894 14.59 7.63 41.84
C ILE C 894 14.50 8.98 41.13
N ALA C 895 15.45 9.87 41.45
CA ALA C 895 15.43 11.25 40.93
C ALA C 895 15.96 11.39 39.50
N GLY C 896 16.71 10.38 39.04
CA GLY C 896 17.42 10.47 37.78
C GLY C 896 16.47 10.69 36.63
N SER C 897 16.84 11.57 35.71
CA SER C 897 16.01 11.81 34.54
C SER C 897 16.78 12.52 33.43
N GLU C 898 16.10 12.70 32.30
CA GLU C 898 16.64 13.43 31.16
C GLU C 898 15.66 14.56 30.95
N ASN C 899 16.04 15.80 31.24
CA ASN C 899 15.10 16.90 31.04
C ASN C 899 15.72 18.11 30.38
N ALA C 900 14.84 19.00 29.90
CA ALA C 900 15.22 20.19 29.13
C ALA C 900 15.35 21.44 29.99
N GLU C 901 15.10 21.29 31.29
CA GLU C 901 15.03 22.46 32.18
C GLU C 901 16.41 22.93 32.62
N VAL C 902 17.33 21.98 32.78
CA VAL C 902 18.69 22.29 33.20
C VAL C 902 19.41 23.27 32.25
N ALA C 903 19.34 23.03 30.94
CA ALA C 903 20.08 23.85 29.99
C ALA C 903 19.21 25.00 29.53
N ASN C 904 17.92 24.72 29.40
CA ASN C 904 16.95 25.71 28.97
C ASN C 904 17.37 26.45 27.70
N GLN C 905 17.85 25.69 26.73
CA GLN C 905 18.23 26.25 25.45
C GLN C 905 18.03 25.24 24.32
N VAL C 906 17.94 25.76 23.10
CA VAL C 906 17.89 24.91 21.92
C VAL C 906 19.23 24.21 21.67
N LEU C 907 19.18 22.92 21.38
CA LEU C 907 20.39 22.18 21.01
C LEU C 907 20.78 22.44 19.56
N ALA C 908 19.82 22.27 18.65
CA ALA C 908 20.08 22.45 17.23
C ALA C 908 18.77 22.58 16.49
N THR C 909 18.79 23.28 15.35
CA THR C 909 17.63 23.37 14.46
C THR C 909 18.05 22.80 13.11
N ASN C 910 17.10 22.56 12.21
CA ASN C 910 17.45 22.23 10.84
C ASN C 910 17.83 23.51 10.09
N LEU C 911 18.15 23.42 8.81
CA LEU C 911 18.64 24.59 8.08
C LEU C 911 17.53 25.53 7.66
N ASP C 912 16.27 25.17 7.93
CA ASP C 912 15.15 26.09 7.73
C ASP C 912 14.69 26.77 9.01
N ASP C 913 15.53 26.73 10.03
CA ASP C 913 15.17 27.33 11.31
C ASP C 913 13.95 26.66 11.95
N ARG C 914 13.67 25.41 11.59
CA ARG C 914 12.60 24.63 12.24
C ARG C 914 13.19 23.38 12.88
N MET C 915 12.33 22.48 13.35
CA MET C 915 12.77 21.28 14.08
C MET C 915 13.75 21.65 15.19
N ARG C 916 13.30 22.56 16.05
CA ARG C 916 14.13 23.09 17.12
C ARG C 916 14.12 22.13 18.29
N VAL C 917 15.18 21.34 18.39
CA VAL C 917 15.31 20.31 19.42
C VAL C 917 15.92 20.89 20.68
N PRO C 918 15.25 20.70 21.84
CA PRO C 918 15.77 21.20 23.11
C PRO C 918 17.05 20.47 23.49
N MET C 919 17.93 21.17 24.21
CA MET C 919 19.06 20.52 24.85
C MET C 919 18.61 19.81 26.11
N SER C 920 18.44 18.50 26.02
CA SER C 920 18.09 17.67 27.16
C SER C 920 19.37 17.19 27.85
N ILE C 921 19.35 17.19 29.18
CA ILE C 921 20.51 16.83 29.98
C ILE C 921 20.11 15.77 31.00
N TYR C 922 21.02 14.86 31.30
CA TYR C 922 20.76 13.85 32.31
C TYR C 922 21.04 14.47 33.68
N ALA C 923 20.03 14.48 34.54
CA ALA C 923 20.12 15.24 35.77
C ALA C 923 19.04 14.78 36.74
N PRO C 924 19.26 15.02 38.03
CA PRO C 924 18.21 14.72 39.00
C PRO C 924 17.01 15.68 38.84
N ALA C 925 15.79 15.15 38.95
CA ALA C 925 14.58 15.95 38.95
C ALA C 925 13.71 15.50 40.13
N GLN C 926 12.60 16.18 40.36
CA GLN C 926 11.74 15.81 41.48
C GLN C 926 11.08 14.45 41.29
N ALA C 927 11.09 13.64 42.36
CA ALA C 927 10.48 12.31 42.35
C ALA C 927 8.97 12.31 42.18
N GLY C 928 8.28 13.24 42.83
CA GLY C 928 6.83 13.15 42.92
C GLY C 928 6.50 11.93 43.76
N VAL C 929 5.69 11.03 43.21
CA VAL C 929 5.29 9.82 43.93
C VAL C 929 6.10 8.62 43.46
N ALA C 930 7.10 8.86 42.61
CA ALA C 930 7.81 7.75 41.96
C ALA C 930 8.54 6.79 42.91
N GLY C 931 8.94 7.28 44.08
CA GLY C 931 9.60 6.43 45.04
C GLY C 931 8.78 5.18 45.38
N ILE C 932 7.46 5.32 45.35
CA ILE C 932 6.60 4.22 45.72
C ILE C 932 6.70 3.06 44.71
N PRO C 933 6.36 3.30 43.43
CA PRO C 933 6.48 2.18 42.49
C PRO C 933 7.93 1.73 42.31
N PHE C 934 8.87 2.66 42.36
CA PHE C 934 10.27 2.29 42.21
C PHE C 934 10.65 1.22 43.23
N MET C 935 10.44 1.50 44.52
CA MET C 935 10.78 0.51 45.54
C MET C 935 9.88 -0.75 45.53
N THR C 936 8.57 -0.57 45.31
CA THR C 936 7.65 -1.71 45.34
C THR C 936 7.80 -2.67 44.17
N ILE C 937 7.84 -2.14 42.94
CA ILE C 937 8.15 -2.99 41.79
C ILE C 937 9.57 -3.55 41.89
N GLY C 938 10.50 -2.70 42.32
CA GLY C 938 11.90 -3.06 42.41
C GLY C 938 12.21 -4.17 43.38
N THR C 939 11.82 -4.01 44.64
CA THR C 939 12.15 -5.02 45.64
C THR C 939 11.12 -6.16 45.71
N GLY C 940 9.99 -5.98 45.03
CA GLY C 940 8.99 -7.04 44.86
C GLY C 940 9.30 -7.92 43.66
N ASP C 941 8.60 -7.71 42.56
CA ASP C 941 8.74 -8.57 41.39
C ASP C 941 10.13 -8.49 40.72
N GLY C 942 10.74 -7.31 40.77
CA GLY C 942 12.07 -7.13 40.21
C GLY C 942 13.10 -8.01 40.90
N MET C 943 13.13 -7.94 42.22
CA MET C 943 14.11 -8.68 43.00
C MET C 943 13.84 -10.19 42.90
N MET C 944 12.55 -10.53 42.87
CA MET C 944 12.14 -11.92 42.72
C MET C 944 12.59 -12.56 41.39
N MET C 945 12.39 -11.87 40.26
CA MET C 945 12.77 -12.40 38.94
C MET C 945 14.30 -12.50 38.75
N GLN C 946 15.01 -11.47 39.19
CA GLN C 946 16.47 -11.46 39.19
C GLN C 946 17.00 -12.63 40.02
N THR C 947 16.33 -12.88 41.14
CA THR C 947 16.68 -14.00 42.02
C THR C 947 16.39 -15.32 41.36
N LEU C 948 15.20 -15.42 40.79
CA LEU C 948 14.76 -16.61 40.08
C LEU C 948 15.73 -17.02 38.96
N SER C 949 16.42 -16.04 38.37
CA SER C 949 17.37 -16.30 37.27
C SER C 949 18.76 -16.70 37.75
N THR C 950 19.06 -16.47 39.02
CA THR C 950 20.44 -16.61 39.49
C THR C 950 20.59 -17.60 40.62
N MET C 951 19.48 -17.90 41.29
CA MET C 951 19.47 -18.75 42.47
C MET C 951 20.02 -20.15 42.23
N LYS C 952 20.39 -20.85 43.30
CA LYS C 952 20.71 -22.27 43.21
C LYS C 952 19.51 -22.99 42.58
N GLY C 953 19.78 -23.75 41.52
CA GLY C 953 18.76 -24.52 40.83
C GLY C 953 17.82 -23.65 40.00
N ALA C 954 18.30 -22.49 39.55
CA ALA C 954 17.48 -21.62 38.73
C ALA C 954 16.88 -22.35 37.52
N PRO C 955 15.55 -22.26 37.36
CA PRO C 955 14.79 -22.90 36.27
C PRO C 955 15.23 -22.33 34.94
N LYS C 956 15.54 -23.21 33.99
CA LYS C 956 15.94 -22.78 32.66
C LYS C 956 14.81 -22.94 31.65
N ASN C 957 14.97 -22.34 30.47
CA ASN C 957 13.97 -22.47 29.41
C ASN C 957 12.60 -21.92 29.79
N THR C 958 12.60 -20.80 30.49
CA THR C 958 11.35 -20.11 30.84
C THR C 958 11.25 -18.77 30.12
N LEU C 959 10.04 -18.22 30.10
CA LEU C 959 9.85 -16.84 29.71
C LEU C 959 9.32 -16.09 30.94
N LYS C 960 10.06 -15.09 31.39
CA LYS C 960 9.63 -14.31 32.55
C LYS C 960 8.93 -13.02 32.12
N ILE C 961 7.75 -12.77 32.69
CA ILE C 961 6.95 -11.61 32.35
C ILE C 961 6.65 -10.74 33.59
N PHE C 962 7.69 -10.45 34.37
CA PHE C 962 7.58 -9.55 35.52
C PHE C 962 6.91 -10.20 36.74
N ASP C 963 5.64 -10.56 36.63
CA ASP C 963 4.96 -11.16 37.78
C ASP C 963 4.43 -12.54 37.42
N GLY C 964 5.04 -13.16 36.43
CA GLY C 964 4.58 -14.43 35.94
C GLY C 964 5.67 -15.09 35.14
N MET C 965 5.69 -16.43 35.12
CA MET C 965 6.74 -17.15 34.40
C MET C 965 6.18 -18.36 33.67
N ASN C 966 6.43 -18.42 32.36
CA ASN C 966 5.99 -19.56 31.55
C ASN C 966 6.98 -20.70 31.73
N ILE C 967 6.45 -21.89 32.01
CA ILE C 967 7.28 -23.05 32.32
C ILE C 967 6.87 -24.19 31.43
N GLY C 968 7.86 -24.89 30.86
CA GLY C 968 7.60 -26.11 30.11
C GLY C 968 6.98 -27.22 30.96
N LEU C 969 6.10 -28.02 30.35
CA LEU C 969 5.25 -28.95 31.09
C LEU C 969 5.99 -30.05 31.88
N ASN C 970 7.22 -30.31 31.48
CA ASN C 970 8.04 -31.28 32.16
C ASN C 970 8.66 -30.75 33.45
N ASP C 971 8.59 -29.43 33.65
CA ASP C 971 9.26 -28.81 34.80
C ASP C 971 8.34 -27.94 35.70
N ILE C 972 7.04 -28.10 35.58
CA ILE C 972 6.11 -27.14 36.20
C ILE C 972 6.14 -27.12 37.72
N THR C 973 6.41 -28.29 38.32
CA THR C 973 6.44 -28.44 39.76
C THR C 973 7.68 -27.77 40.33
N ASP C 974 8.84 -28.16 39.84
CA ASP C 974 10.09 -27.68 40.40
C ASP C 974 10.36 -26.22 40.06
N ALA C 975 9.95 -25.79 38.86
CA ALA C 975 10.05 -24.39 38.50
C ALA C 975 9.11 -23.50 39.33
N SER C 976 7.90 -23.98 39.61
CA SER C 976 6.98 -23.20 40.46
C SER C 976 7.52 -23.08 41.89
N ARG C 977 8.03 -24.19 42.41
CA ARG C 977 8.57 -24.15 43.75
C ARG C 977 9.76 -23.20 43.85
N LYS C 978 10.68 -23.30 42.90
CA LYS C 978 11.78 -22.33 42.83
C LYS C 978 11.26 -20.89 42.76
N ALA C 979 10.18 -20.65 42.01
CA ALA C 979 9.61 -19.31 41.91
C ALA C 979 9.08 -18.81 43.24
N ASN C 980 8.37 -19.69 43.94
CA ASN C 980 7.85 -19.36 45.25
C ASN C 980 8.96 -19.13 46.25
N GLU C 981 10.09 -19.81 46.03
CA GLU C 981 11.26 -19.66 46.88
C GLU C 981 11.88 -18.28 46.69
N ALA C 982 11.76 -17.75 45.48
CA ALA C 982 12.34 -16.46 45.14
C ALA C 982 11.44 -15.35 45.65
N VAL C 983 10.14 -15.60 45.61
CA VAL C 983 9.17 -14.71 46.24
C VAL C 983 9.60 -14.51 47.68
N TYR C 984 9.79 -15.63 48.37
CA TYR C 984 10.11 -15.61 49.79
C TYR C 984 11.43 -14.89 50.08
N THR C 985 12.44 -15.18 49.26
CA THR C 985 13.71 -14.47 49.29
C THR C 985 13.51 -12.96 49.15
N SER C 986 12.68 -12.55 48.20
CA SER C 986 12.44 -11.14 48.01
C SER C 986 11.67 -10.55 49.18
N TRP C 987 10.87 -11.38 49.86
CA TRP C 987 10.12 -10.95 51.04
C TRP C 987 11.00 -10.84 52.29
N GLN C 988 12.30 -11.07 52.13
CA GLN C 988 13.28 -10.74 53.17
C GLN C 988 13.84 -9.34 52.93
N GLY C 989 13.38 -8.70 51.86
CA GLY C 989 13.76 -7.33 51.60
C GLY C 989 13.23 -6.31 52.60
N ASN C 990 13.86 -5.15 52.59
CA ASN C 990 13.42 -4.07 53.45
C ASN C 990 13.68 -2.73 52.76
N PRO C 991 12.83 -2.38 51.78
CA PRO C 991 13.02 -1.16 51.01
C PRO C 991 13.05 0.07 51.90
N ILE C 992 12.14 0.17 52.87
CA ILE C 992 12.13 1.28 53.81
C ILE C 992 13.49 1.43 54.52
N LYS C 993 14.11 0.31 54.89
CA LYS C 993 15.45 0.36 55.45
C LYS C 993 16.43 0.94 54.41
N ASN C 994 16.39 0.43 53.18
CA ASN C 994 17.24 0.95 52.11
C ASN C 994 17.08 2.45 51.90
N VAL C 995 15.83 2.91 51.84
CA VAL C 995 15.53 4.33 51.70
C VAL C 995 16.01 5.09 52.94
N TYR C 996 15.88 4.45 54.10
CA TYR C 996 16.34 5.06 55.34
C TYR C 996 17.87 5.29 55.37
N GLU C 997 18.65 4.29 54.93
CA GLU C 997 20.11 4.43 54.93
C GLU C 997 20.50 5.65 54.10
N SER C 998 19.90 5.75 52.93
CA SER C 998 20.20 6.82 52.01
C SER C 998 19.77 8.18 52.59
N TYR C 999 18.57 8.23 53.16
CA TYR C 999 18.03 9.47 53.70
C TYR C 999 18.78 9.97 54.94
N ALA C 1000 19.24 9.04 55.78
CA ALA C 1000 20.06 9.39 56.93
C ALA C 1000 21.39 9.99 56.52
N LYS C 1001 22.00 9.44 55.49
CA LYS C 1001 23.21 10.03 54.97
C LYS C 1001 22.88 11.40 54.39
N PHE C 1002 21.78 11.47 53.65
CA PHE C 1002 21.34 12.74 53.07
C PHE C 1002 21.17 13.83 54.12
N MET C 1003 20.55 13.48 55.25
CA MET C 1003 20.25 14.49 56.27
C MET C 1003 21.50 15.04 56.95
N LYS C 1004 22.64 14.40 56.78
CA LYS C 1004 23.84 14.92 57.41
C LYS C 1004 24.80 15.58 56.44
N ASN C 1005 24.37 15.72 55.20
CA ASN C 1005 25.14 16.46 54.21
C ASN C 1005 24.35 17.59 53.58
N VAL C 1006 23.05 17.60 53.80
CA VAL C 1006 22.17 18.61 53.23
C VAL C 1006 22.45 19.96 53.91
N ASP C 1007 22.46 21.03 53.12
CA ASP C 1007 22.63 22.39 53.62
C ASP C 1007 21.35 23.14 53.27
N PHE C 1008 20.42 23.26 54.21
CA PHE C 1008 19.12 23.84 53.85
C PHE C 1008 19.23 25.32 53.54
N SER C 1009 20.25 25.97 54.08
CA SER C 1009 20.44 27.38 53.88
C SER C 1009 20.95 27.70 52.44
N LYS C 1010 21.50 26.71 51.75
CA LYS C 1010 21.95 26.89 50.37
C LYS C 1010 20.80 26.80 49.36
N LEU C 1011 19.67 26.28 49.79
CA LEU C 1011 18.55 25.99 48.90
C LEU C 1011 17.84 27.23 48.40
N SER C 1012 17.41 27.21 47.14
CA SER C 1012 16.51 28.23 46.65
C SER C 1012 15.22 28.20 47.47
N PRO C 1013 14.55 29.36 47.60
CA PRO C 1013 13.21 29.44 48.19
C PRO C 1013 12.22 28.45 47.58
N GLU C 1014 12.22 28.27 46.25
CA GLU C 1014 11.33 27.29 45.61
C GLU C 1014 11.57 25.88 46.13
N ALA C 1015 12.84 25.50 46.24
CA ALA C 1015 13.21 24.19 46.76
C ALA C 1015 12.71 24.06 48.21
N LEU C 1016 12.96 25.11 48.99
CA LEU C 1016 12.64 25.14 50.41
C LEU C 1016 11.14 24.99 50.57
N GLU C 1017 10.38 25.64 49.70
CA GLU C 1017 8.93 25.60 49.76
C GLU C 1017 8.42 24.21 49.39
N ALA C 1018 9.07 23.55 48.44
CA ALA C 1018 8.61 22.25 47.98
C ALA C 1018 8.85 21.25 49.11
N ILE C 1019 9.93 21.44 49.84
CA ILE C 1019 10.26 20.57 50.96
C ILE C 1019 9.24 20.79 52.06
N GLY C 1020 8.69 22.00 52.10
CA GLY C 1020 7.58 22.34 52.95
C GLY C 1020 6.32 21.57 52.63
N LYS C 1021 5.99 21.42 51.36
CA LYS C 1021 4.76 20.69 51.00
C LYS C 1021 4.80 19.23 51.45
N SER C 1022 5.99 18.69 51.61
CA SER C 1022 6.16 17.28 51.99
C SER C 1022 6.33 17.05 53.48
N ALA C 1023 7.08 17.92 54.16
CA ALA C 1023 7.45 17.64 55.54
C ALA C 1023 6.52 18.27 56.58
N LEU C 1024 5.81 19.32 56.21
CA LEU C 1024 4.99 20.09 57.13
C LEU C 1024 3.51 19.98 56.82
N GLU C 1025 2.67 20.19 57.82
CA GLU C 1025 1.24 20.25 57.61
C GLU C 1025 0.87 21.56 56.89
N TYR C 1026 -0.31 21.58 56.27
CA TYR C 1026 -0.81 22.75 55.51
C TYR C 1026 -0.50 24.10 56.17
N ASP C 1027 -1.01 24.31 57.37
CA ASP C 1027 -0.89 25.61 58.03
C ASP C 1027 0.54 25.99 58.34
N GLN C 1028 1.33 25.02 58.77
CA GLN C 1028 2.72 25.25 59.10
C GLN C 1028 3.56 25.80 57.95
N ARG C 1029 3.09 25.63 56.71
CA ARG C 1029 3.90 25.99 55.54
C ARG C 1029 4.12 27.51 55.42
N GLU C 1030 3.02 28.26 55.37
CA GLU C 1030 3.02 29.72 55.25
C GLU C 1030 4.24 30.42 55.85
N ASN C 1031 4.31 30.41 57.17
CA ASN C 1031 5.37 31.12 57.89
C ASN C 1031 6.36 30.12 58.48
N ALA C 1032 7.19 29.52 57.63
CA ALA C 1032 8.11 28.49 58.07
C ALA C 1032 9.57 28.87 57.89
N THR C 1033 10.33 28.80 58.97
CA THR C 1033 11.74 29.12 58.94
C THR C 1033 12.51 27.96 58.29
N VAL C 1034 13.69 28.26 57.74
CA VAL C 1034 14.61 27.24 57.28
C VAL C 1034 14.70 26.15 58.35
N ASP C 1035 14.87 26.58 59.60
CA ASP C 1035 14.93 25.69 60.75
C ASP C 1035 13.66 24.87 60.93
N ASP C 1036 12.51 25.44 60.59
CA ASP C 1036 11.25 24.72 60.69
C ASP C 1036 11.24 23.51 59.77
N ILE C 1037 11.58 23.73 58.50
CA ILE C 1037 11.50 22.66 57.52
C ILE C 1037 12.61 21.64 57.71
N ALA C 1038 13.80 22.10 58.11
CA ALA C 1038 14.93 21.22 58.36
C ALA C 1038 14.54 20.26 59.47
N ASN C 1039 13.97 20.82 60.53
CA ASN C 1039 13.52 20.01 61.65
C ASN C 1039 12.42 19.04 61.26
N ALA C 1040 11.54 19.45 60.35
CA ALA C 1040 10.47 18.58 59.90
C ALA C 1040 11.03 17.46 59.04
N ALA C 1041 12.02 17.80 58.22
CA ALA C 1041 12.64 16.84 57.31
C ALA C 1041 13.35 15.77 58.09
N SER C 1042 13.93 16.13 59.22
CA SER C 1042 14.65 15.12 60.01
C SER C 1042 13.72 14.27 60.88
N LEU C 1043 12.51 14.76 61.15
CA LEU C 1043 11.51 13.94 61.82
C LEU C 1043 11.13 12.76 60.91
N ILE C 1044 11.20 12.99 59.60
CA ILE C 1044 10.90 11.96 58.63
C ILE C 1044 11.95 10.86 58.64
N GLU C 1045 13.19 11.20 58.99
CA GLU C 1045 14.19 10.15 59.17
C GLU C 1045 13.84 9.23 60.33
N ARG C 1046 13.36 9.80 61.44
CA ARG C 1046 12.96 9.00 62.59
C ARG C 1046 11.78 8.11 62.25
N ASN C 1047 10.83 8.63 61.48
CA ASN C 1047 9.67 7.83 61.10
C ASN C 1047 10.11 6.62 60.30
N LEU C 1048 11.00 6.88 59.33
CA LEU C 1048 11.59 5.86 58.47
C LEU C 1048 12.24 4.74 59.29
N ARG C 1049 13.13 5.13 60.20
CA ARG C 1049 13.88 4.18 61.00
C ARG C 1049 12.97 3.21 61.74
N ASN C 1050 11.91 3.74 62.35
CA ASN C 1050 11.01 2.87 63.11
C ASN C 1050 10.25 1.88 62.23
N ILE C 1051 9.81 2.34 61.06
CA ILE C 1051 9.16 1.46 60.11
C ILE C 1051 10.15 0.38 59.69
N ALA C 1052 11.33 0.80 59.30
CA ALA C 1052 12.39 -0.13 58.94
C ALA C 1052 12.65 -1.19 60.03
N LEU C 1053 12.76 -0.77 61.29
CA LEU C 1053 13.01 -1.71 62.36
C LEU C 1053 11.83 -2.70 62.52
N GLY C 1054 10.61 -2.18 62.43
CA GLY C 1054 9.42 -3.01 62.49
C GLY C 1054 9.40 -4.10 61.42
N VAL C 1055 9.57 -3.70 60.17
CA VAL C 1055 9.67 -4.60 59.03
C VAL C 1055 10.69 -5.72 59.27
N ASP C 1056 11.86 -5.32 59.77
CA ASP C 1056 13.00 -6.22 60.02
C ASP C 1056 12.65 -7.32 61.00
N ILE C 1057 12.13 -6.92 62.15
CA ILE C 1057 11.72 -7.88 63.18
C ILE C 1057 10.57 -8.74 62.67
N ARG C 1058 9.59 -8.13 62.00
CA ARG C 1058 8.48 -8.87 61.39
C ARG C 1058 8.97 -10.02 60.52
N HIS C 1059 9.99 -9.77 59.70
CA HIS C 1059 10.48 -10.81 58.81
C HIS C 1059 11.23 -11.89 59.57
N LYS C 1060 12.10 -11.50 60.51
CA LYS C 1060 12.83 -12.45 61.35
C LYS C 1060 11.87 -13.38 62.07
N VAL C 1061 10.81 -12.78 62.60
CA VAL C 1061 9.78 -13.51 63.34
C VAL C 1061 9.00 -14.46 62.44
N LEU C 1062 8.63 -13.98 61.26
CA LEU C 1062 7.91 -14.79 60.30
C LEU C 1062 8.76 -15.99 59.89
N ASP C 1063 10.07 -15.78 59.78
CA ASP C 1063 10.98 -16.84 59.36
C ASP C 1063 11.14 -17.93 60.42
N LYS C 1064 10.79 -17.62 61.67
CA LYS C 1064 10.91 -18.59 62.75
C LYS C 1064 9.72 -19.54 62.72
N VAL C 1065 8.66 -19.14 62.03
CA VAL C 1065 7.40 -19.88 62.03
C VAL C 1065 7.27 -20.73 60.74
N ASN C 1066 6.56 -21.86 60.83
CA ASN C 1066 6.33 -22.70 59.66
C ASN C 1066 5.42 -22.05 58.61
N LEU C 1067 6.00 -21.81 57.43
CA LEU C 1067 5.33 -21.10 56.34
C LEU C 1067 5.23 -21.95 55.07
N SER C 1068 4.10 -21.86 54.39
CA SER C 1068 3.96 -22.41 53.05
C SER C 1068 3.65 -21.28 52.09
N ILE C 1069 4.48 -21.10 51.06
CA ILE C 1069 4.36 -19.96 50.16
C ILE C 1069 3.97 -20.38 48.74
N ASP C 1070 2.82 -19.90 48.29
CA ASP C 1070 2.34 -20.19 46.95
C ASP C 1070 1.74 -18.94 46.31
N GLN C 1071 2.59 -17.94 46.09
CA GLN C 1071 2.24 -16.67 45.45
C GLN C 1071 2.28 -16.80 43.93
N MET C 1072 3.27 -17.54 43.43
CA MET C 1072 3.38 -17.81 42.00
C MET C 1072 2.58 -19.06 41.67
N ALA C 1073 1.26 -18.92 41.76
CA ALA C 1073 0.34 -20.05 41.76
C ALA C 1073 -0.01 -20.58 40.37
N ALA C 1074 -0.48 -21.83 40.38
CA ALA C 1074 -1.12 -22.55 39.27
C ALA C 1074 -0.95 -24.04 39.53
N VAL C 1075 0.31 -24.45 39.61
CA VAL C 1075 0.74 -25.84 39.66
C VAL C 1075 0.44 -26.54 41.01
N GLY C 1076 0.45 -25.79 42.10
CA GLY C 1076 0.30 -26.39 43.42
C GLY C 1076 1.63 -26.90 43.96
N ALA C 1077 2.69 -26.12 43.79
CA ALA C 1077 4.01 -26.47 44.32
C ALA C 1077 4.54 -25.40 45.29
N PRO C 1078 4.05 -25.40 46.52
CA PRO C 1078 4.40 -24.30 47.45
C PRO C 1078 5.80 -24.47 48.03
N TYR C 1079 6.49 -23.36 48.24
CA TYR C 1079 7.78 -23.39 48.94
C TYR C 1079 7.60 -23.40 50.47
N GLN C 1080 8.38 -24.22 51.18
CA GLN C 1080 8.30 -24.30 52.63
C GLN C 1080 9.55 -23.69 53.26
N ASN C 1081 9.38 -22.73 54.16
CA ASN C 1081 10.53 -22.11 54.83
C ASN C 1081 11.17 -22.97 55.94
N ASN C 1082 10.50 -24.04 56.32
CA ASN C 1082 10.96 -24.87 57.43
C ASN C 1082 11.25 -24.11 58.74
N GLY C 1083 10.40 -23.16 59.08
CA GLY C 1083 10.45 -22.54 60.39
C GLY C 1083 10.00 -23.57 61.41
N LYS C 1084 10.62 -23.56 62.58
CA LYS C 1084 10.40 -24.63 63.56
C LYS C 1084 9.24 -24.39 64.53
N ILE C 1085 8.83 -23.14 64.71
CA ILE C 1085 7.68 -22.88 65.59
C ILE C 1085 6.38 -23.14 64.85
N ASP C 1086 5.65 -24.16 65.31
CA ASP C 1086 4.44 -24.59 64.63
C ASP C 1086 3.26 -23.72 65.04
N LEU C 1087 2.61 -23.08 64.06
CA LEU C 1087 1.43 -22.27 64.31
C LEU C 1087 0.17 -22.89 63.70
N SER C 1088 0.19 -24.20 63.49
CA SER C 1088 -1.02 -24.88 62.99
C SER C 1088 -2.04 -25.05 64.11
N ASN C 1089 -3.27 -25.37 63.72
CA ASN C 1089 -4.39 -25.58 64.65
C ASN C 1089 -4.72 -24.36 65.51
N MET C 1090 -4.54 -23.18 64.92
CA MET C 1090 -4.75 -21.90 65.59
C MET C 1090 -5.53 -20.94 64.69
N THR C 1091 -6.27 -20.03 65.30
CA THR C 1091 -7.02 -19.05 64.52
C THR C 1091 -6.09 -17.90 64.12
N PRO C 1092 -6.54 -17.05 63.17
CA PRO C 1092 -5.79 -15.82 62.89
C PRO C 1092 -5.50 -15.00 64.15
N GLU C 1093 -6.47 -14.91 65.07
CA GLU C 1093 -6.30 -14.17 66.31
C GLU C 1093 -5.14 -14.70 67.16
N GLN C 1094 -5.10 -16.02 67.31
CA GLN C 1094 -4.07 -16.69 68.09
C GLN C 1094 -2.67 -16.63 67.44
N GLN C 1095 -2.62 -16.75 66.13
CA GLN C 1095 -1.34 -16.66 65.44
C GLN C 1095 -0.78 -15.25 65.58
N ALA C 1096 -1.66 -14.26 65.47
CA ALA C 1096 -1.27 -12.88 65.67
C ALA C 1096 -0.64 -12.70 67.05
N ASP C 1097 -1.27 -13.28 68.07
CA ASP C 1097 -0.78 -13.16 69.45
C ASP C 1097 0.60 -13.80 69.61
N GLU C 1098 0.78 -14.98 69.02
CA GLU C 1098 2.06 -15.67 69.16
C GLU C 1098 3.20 -14.96 68.41
N LEU C 1099 2.90 -14.48 67.21
CA LEU C 1099 3.86 -13.73 66.43
C LEU C 1099 4.28 -12.48 67.18
N ASN C 1100 3.31 -11.86 67.84
CA ASN C 1100 3.58 -10.66 68.61
C ASN C 1100 4.45 -10.92 69.84
N LYS C 1101 4.28 -12.07 70.47
CA LYS C 1101 5.16 -12.47 71.56
C LYS C 1101 6.57 -12.62 70.99
N LEU C 1102 6.68 -13.22 69.80
CA LEU C 1102 7.98 -13.39 69.16
C LEU C 1102 8.56 -12.04 68.73
N PHE C 1103 7.68 -11.16 68.26
CA PHE C 1103 8.06 -9.79 67.93
C PHE C 1103 8.71 -9.19 69.17
N ARG C 1104 7.97 -9.22 70.28
CA ARG C 1104 8.42 -8.59 71.52
C ARG C 1104 9.66 -9.28 72.08
N GLU C 1105 9.76 -10.58 71.84
CA GLU C 1105 10.86 -11.39 72.30
C GLU C 1105 12.10 -11.02 71.50
N GLU C 1106 11.91 -10.74 70.22
CA GLU C 1106 12.99 -10.36 69.31
C GLU C 1106 13.44 -8.92 69.54
N LEU C 1107 12.49 -8.03 69.75
CA LEU C 1107 12.75 -6.62 70.01
C LEU C 1107 13.72 -6.49 71.17
N GLU C 1108 13.45 -7.26 72.23
CA GLU C 1108 14.29 -7.22 73.43
C GLU C 1108 15.52 -8.11 73.31
N ALA C 1109 15.79 -8.62 72.12
CA ALA C 1109 17.06 -9.29 71.86
C ALA C 1109 18.02 -8.25 71.33
N ARG C 1110 17.46 -7.23 70.68
CA ARG C 1110 18.25 -6.11 70.17
C ARG C 1110 18.72 -5.22 71.32
N LYS C 1111 17.76 -4.77 72.12
CA LYS C 1111 18.02 -3.78 73.18
C LYS C 1111 19.10 -4.19 74.17
N GLN C 1112 19.04 -5.44 74.65
CA GLN C 1112 20.01 -5.96 75.61
C GLN C 1112 20.77 -7.14 75.01
P PO4 E . -25.33 -11.97 -29.74
O1 PO4 E . -26.25 -12.92 -30.49
O2 PO4 E . -25.65 -10.55 -30.13
O3 PO4 E . -25.54 -12.18 -28.26
O4 PO4 E . -23.90 -12.30 -30.10
P PO4 F . -4.93 -18.88 36.36
O1 PO4 F . -5.70 -19.34 37.58
O2 PO4 F . -3.43 -18.92 36.62
O3 PO4 F . -5.28 -19.79 35.20
O4 PO4 F . -5.38 -17.48 36.03
#